data_3ADL
# 
_entry.id   3ADL 
# 
_audit_conform.dict_name       mmcif_pdbx.dic 
_audit_conform.dict_version    5.380 
_audit_conform.dict_location   http://mmcif.pdb.org/dictionaries/ascii/mmcif_pdbx.dic 
# 
loop_
_database_2.database_id 
_database_2.database_code 
_database_2.pdbx_database_accession 
_database_2.pdbx_DOI 
PDB   3ADL         pdb_00003adl 10.2210/pdb3adl/pdb 
NDB   NA0436       ?            ?                   
RCSB  RCSB029119   ?            ?                   
WWPDB D_1000029119 ?            ?                   
# 
loop_
_pdbx_database_related.db_name 
_pdbx_database_related.db_id 
_pdbx_database_related.details 
_pdbx_database_related.content_type 
PDB 3ADG . unspecified 
PDB 3ADI . unspecified 
PDB 3ADJ . unspecified 
# 
_pdbx_database_status.status_code                     REL 
_pdbx_database_status.entry_id                        3ADL 
_pdbx_database_status.recvd_initial_deposition_date   2010-01-22 
_pdbx_database_status.deposit_site                    PDBJ 
_pdbx_database_status.process_site                    PDBJ 
_pdbx_database_status.status_code_sf                  REL 
_pdbx_database_status.status_code_mr                  ? 
_pdbx_database_status.SG_entry                        ? 
_pdbx_database_status.pdb_format_compatible           Y 
_pdbx_database_status.status_code_cs                  ? 
_pdbx_database_status.status_code_nmr_data            ? 
_pdbx_database_status.methods_development_category    ? 
# 
loop_
_audit_author.name 
_audit_author.pdbx_ordinal 
'Yuan, Y.A.' 1 
'Chen, H.Y.' 2 
# 
_citation.id                        primary 
_citation.title                     
'Structure of arabidopsis HYPONASTIC LEAVES1 and its molecular implications for miRNA processing' 
_citation.journal_abbrev            Structure 
_citation.journal_volume            18 
_citation.page_first                594 
_citation.page_last                 605 
_citation.year                      2010 
_citation.journal_id_ASTM           STRUE6 
_citation.country                   UK 
_citation.journal_id_ISSN           0969-2126 
_citation.journal_id_CSD            2005 
_citation.book_publisher            ? 
_citation.pdbx_database_id_PubMed   20462493 
_citation.pdbx_database_id_DOI      10.1016/j.str.2010.02.006 
# 
loop_
_citation_author.citation_id 
_citation_author.name 
_citation_author.ordinal 
_citation_author.identifier_ORCID 
primary 'Yang, S.W.'  1 ? 
primary 'Chen, H.Y.'  2 ? 
primary 'Yang, J.'    3 ? 
primary 'Machida, S.' 4 ? 
primary 'Chua, N.H.'  5 ? 
primary 'Yuan, Y.A.'  6 ? 
# 
_cell.entry_id           3ADL 
_cell.length_a           55.300 
_cell.length_b           60.425 
_cell.length_c           99.892 
_cell.angle_alpha        90.00 
_cell.angle_beta         90.00 
_cell.angle_gamma        90.00 
_cell.Z_PDB              16 
_cell.pdbx_unique_axis   ? 
_cell.length_a_esd       ? 
_cell.length_b_esd       ? 
_cell.length_c_esd       ? 
_cell.angle_alpha_esd    ? 
_cell.angle_beta_esd     ? 
_cell.angle_gamma_esd    ? 
# 
_symmetry.entry_id                         3ADL 
_symmetry.space_group_name_H-M             'I 21 21 21' 
_symmetry.pdbx_full_space_group_name_H-M   ? 
_symmetry.cell_setting                     ? 
_symmetry.Int_Tables_number                24 
_symmetry.space_group_name_Hall            ? 
# 
loop_
_entity.id 
_entity.type 
_entity.src_method 
_entity.pdbx_description 
_entity.formula_weight 
_entity.pdbx_number_of_molecules 
_entity.pdbx_ec 
_entity.pdbx_mutation 
_entity.pdbx_fragment 
_entity.details 
1 polymer man 'RISC-loading complex subunit TARBP2'           9931.413 1  ? ? 'DRBM 2 domain, UNP residues 161-231' ? 
2 polymer syn 
;RNA (5'-R(P*CP*GP*CP*GP*CP*GP*CP*GP*CP*G)-3')
;
3206.980 2  ? ? ?                                     ? 
3 water   nat water                                           18.015   47 ? ? ?                                     ? 
# 
_entity_name_com.entity_id   1 
_entity_name_com.name        'TAR RNA-binding protein 2, Trans-activation-responsive RNA-binding protein' 
# 
loop_
_entity_poly.entity_id 
_entity_poly.type 
_entity_poly.nstd_linkage 
_entity_poly.nstd_monomer 
_entity_poly.pdbx_seq_one_letter_code 
_entity_poly.pdbx_seq_one_letter_code_can 
_entity_poly.pdbx_strand_id 
_entity_poly.pdbx_target_identifier 
1 'polypeptide(L)'   no no 
;HHHHHHSSGLVPRGSHEVGALQELVVQKGWRLPEYTVTQESGPAHRKEFTMTCRVERFIEIGSGTSKKLAKRNAAAKMLL
RVHTVPLD
;
;HHHHHHSSGLVPRGSHEVGALQELVVQKGWRLPEYTVTQESGPAHRKEFTMTCRVERFIEIGSGTSKKLAKRNAAAKMLL
RVHTVPLD
;
A   ? 
2 polyribonucleotide no no CGCGCGCGCG                                                                                  CGCGCGCGCG 
B,C ? 
# 
loop_
_entity_poly_seq.entity_id 
_entity_poly_seq.num 
_entity_poly_seq.mon_id 
_entity_poly_seq.hetero 
1 1  HIS n 
1 2  HIS n 
1 3  HIS n 
1 4  HIS n 
1 5  HIS n 
1 6  HIS n 
1 7  SER n 
1 8  SER n 
1 9  GLY n 
1 10 LEU n 
1 11 VAL n 
1 12 PRO n 
1 13 ARG n 
1 14 GLY n 
1 15 SER n 
1 16 HIS n 
1 17 GLU n 
1 18 VAL n 
1 19 GLY n 
1 20 ALA n 
1 21 LEU n 
1 22 GLN n 
1 23 GLU n 
1 24 LEU n 
1 25 VAL n 
1 26 VAL n 
1 27 GLN n 
1 28 LYS n 
1 29 GLY n 
1 30 TRP n 
1 31 ARG n 
1 32 LEU n 
1 33 PRO n 
1 34 GLU n 
1 35 TYR n 
1 36 THR n 
1 37 VAL n 
1 38 THR n 
1 39 GLN n 
1 40 GLU n 
1 41 SER n 
1 42 GLY n 
1 43 PRO n 
1 44 ALA n 
1 45 HIS n 
1 46 ARG n 
1 47 LYS n 
1 48 GLU n 
1 49 PHE n 
1 50 THR n 
1 51 MET n 
1 52 THR n 
1 53 CYS n 
1 54 ARG n 
1 55 VAL n 
1 56 GLU n 
1 57 ARG n 
1 58 PHE n 
1 59 ILE n 
1 60 GLU n 
1 61 ILE n 
1 62 GLY n 
1 63 SER n 
1 64 GLY n 
1 65 THR n 
1 66 SER n 
1 67 LYS n 
1 68 LYS n 
1 69 LEU n 
1 70 ALA n 
1 71 LYS n 
1 72 ARG n 
1 73 ASN n 
1 74 ALA n 
1 75 ALA n 
1 76 ALA n 
1 77 LYS n 
1 78 MET n 
1 79 LEU n 
1 80 LEU n 
1 81 ARG n 
1 82 VAL n 
1 83 HIS n 
1 84 THR n 
1 85 VAL n 
1 86 PRO n 
1 87 LEU n 
1 88 ASP n 
2 1  C   n 
2 2  G   n 
2 3  C   n 
2 4  G   n 
2 5  C   n 
2 6  G   n 
2 7  C   n 
2 8  G   n 
2 9  C   n 
2 10 G   n 
# 
_entity_src_gen.entity_id                          1 
_entity_src_gen.pdbx_src_id                        1 
_entity_src_gen.pdbx_alt_source_flag               sample 
_entity_src_gen.pdbx_seq_type                      ? 
_entity_src_gen.pdbx_beg_seq_num                   ? 
_entity_src_gen.pdbx_end_seq_num                   ? 
_entity_src_gen.gene_src_common_name               human 
_entity_src_gen.gene_src_genus                     ? 
_entity_src_gen.pdbx_gene_src_gene                 'TARBP2, TRBP' 
_entity_src_gen.gene_src_species                   ? 
_entity_src_gen.gene_src_strain                    ? 
_entity_src_gen.gene_src_tissue                    ? 
_entity_src_gen.gene_src_tissue_fraction           ? 
_entity_src_gen.gene_src_details                   ? 
_entity_src_gen.pdbx_gene_src_fragment             ? 
_entity_src_gen.pdbx_gene_src_scientific_name      'Homo sapiens' 
_entity_src_gen.pdbx_gene_src_ncbi_taxonomy_id     9606 
_entity_src_gen.pdbx_gene_src_variant              ? 
_entity_src_gen.pdbx_gene_src_cell_line            ? 
_entity_src_gen.pdbx_gene_src_atcc                 ? 
_entity_src_gen.pdbx_gene_src_organ                ? 
_entity_src_gen.pdbx_gene_src_organelle            ? 
_entity_src_gen.pdbx_gene_src_cell                 ? 
_entity_src_gen.pdbx_gene_src_cellular_location    ? 
_entity_src_gen.host_org_common_name               ? 
_entity_src_gen.pdbx_host_org_scientific_name      'Escherichia coli' 
_entity_src_gen.pdbx_host_org_ncbi_taxonomy_id     562 
_entity_src_gen.host_org_genus                     ? 
_entity_src_gen.pdbx_host_org_gene                 ? 
_entity_src_gen.pdbx_host_org_organ                ? 
_entity_src_gen.host_org_species                   ? 
_entity_src_gen.pdbx_host_org_tissue               ? 
_entity_src_gen.pdbx_host_org_tissue_fraction      ? 
_entity_src_gen.pdbx_host_org_strain               'BL21(DE3)' 
_entity_src_gen.pdbx_host_org_variant              ? 
_entity_src_gen.pdbx_host_org_cell_line            ? 
_entity_src_gen.pdbx_host_org_atcc                 ? 
_entity_src_gen.pdbx_host_org_culture_collection   ? 
_entity_src_gen.pdbx_host_org_cell                 ? 
_entity_src_gen.pdbx_host_org_organelle            ? 
_entity_src_gen.pdbx_host_org_cellular_location    ? 
_entity_src_gen.pdbx_host_org_vector_type          plasmid 
_entity_src_gen.pdbx_host_org_vector               ? 
_entity_src_gen.host_org_details                   ? 
_entity_src_gen.expression_system_id               ? 
_entity_src_gen.plasmid_name                       pET28b 
_entity_src_gen.plasmid_details                    ? 
_entity_src_gen.pdbx_description                   ? 
# 
_pdbx_entity_src_syn.entity_id              2 
_pdbx_entity_src_syn.pdbx_src_id            1 
_pdbx_entity_src_syn.pdbx_alt_source_flag   sample 
_pdbx_entity_src_syn.pdbx_beg_seq_num       ? 
_pdbx_entity_src_syn.pdbx_end_seq_num       ? 
_pdbx_entity_src_syn.organism_scientific    ? 
_pdbx_entity_src_syn.organism_common_name   ? 
_pdbx_entity_src_syn.ncbi_taxonomy_id       ? 
_pdbx_entity_src_syn.details                'Synthetic RNA' 
# 
loop_
_struct_ref.id 
_struct_ref.db_name 
_struct_ref.db_code 
_struct_ref.pdbx_db_accession 
_struct_ref.entity_id 
_struct_ref.pdbx_seq_one_letter_code 
_struct_ref.pdbx_align_begin 
_struct_ref.pdbx_db_isoform 
1 UNP TRBP2_HUMAN Q15633 1 VGALQELVVQKGWRLPEYTVTQESGPAHRKEFTMTCRVERFIEIGSGTSKKLAKRNAAAKMLLRVHTVPLD 161 ? 
2 PDB 3ADL        3ADL   2 ?                                                                       ?   ? 
# 
loop_
_struct_ref_seq.align_id 
_struct_ref_seq.ref_id 
_struct_ref_seq.pdbx_PDB_id_code 
_struct_ref_seq.pdbx_strand_id 
_struct_ref_seq.seq_align_beg 
_struct_ref_seq.pdbx_seq_align_beg_ins_code 
_struct_ref_seq.seq_align_end 
_struct_ref_seq.pdbx_seq_align_end_ins_code 
_struct_ref_seq.pdbx_db_accession 
_struct_ref_seq.db_align_beg 
_struct_ref_seq.pdbx_db_align_beg_ins_code 
_struct_ref_seq.db_align_end 
_struct_ref_seq.pdbx_db_align_end_ins_code 
_struct_ref_seq.pdbx_auth_seq_align_beg 
_struct_ref_seq.pdbx_auth_seq_align_end 
1 1 3ADL A 18 ? 88 ? Q15633 161 ? 231 ? 161 231 
2 2 3ADL B 1  ? 10 ? 3ADL   1   ? 10  ? 1   10  
3 2 3ADL C 1  ? 10 ? 3ADL   1   ? 10  ? 1   10  
# 
loop_
_struct_ref_seq_dif.align_id 
_struct_ref_seq_dif.pdbx_pdb_id_code 
_struct_ref_seq_dif.mon_id 
_struct_ref_seq_dif.pdbx_pdb_strand_id 
_struct_ref_seq_dif.seq_num 
_struct_ref_seq_dif.pdbx_pdb_ins_code 
_struct_ref_seq_dif.pdbx_seq_db_name 
_struct_ref_seq_dif.pdbx_seq_db_accession_code 
_struct_ref_seq_dif.db_mon_id 
_struct_ref_seq_dif.pdbx_seq_db_seq_num 
_struct_ref_seq_dif.details 
_struct_ref_seq_dif.pdbx_auth_seq_num 
_struct_ref_seq_dif.pdbx_ordinal 
1 3ADL HIS A 1  ? UNP Q15633 ? ? 'expression tag' 144 1  
1 3ADL HIS A 2  ? UNP Q15633 ? ? 'expression tag' 145 2  
1 3ADL HIS A 3  ? UNP Q15633 ? ? 'expression tag' 146 3  
1 3ADL HIS A 4  ? UNP Q15633 ? ? 'expression tag' 147 4  
1 3ADL HIS A 5  ? UNP Q15633 ? ? 'expression tag' 148 5  
1 3ADL HIS A 6  ? UNP Q15633 ? ? 'expression tag' 149 6  
1 3ADL SER A 7  ? UNP Q15633 ? ? 'expression tag' 150 7  
1 3ADL SER A 8  ? UNP Q15633 ? ? 'expression tag' 151 8  
1 3ADL GLY A 9  ? UNP Q15633 ? ? 'expression tag' 152 9  
1 3ADL LEU A 10 ? UNP Q15633 ? ? 'expression tag' 153 10 
1 3ADL VAL A 11 ? UNP Q15633 ? ? 'expression tag' 154 11 
1 3ADL PRO A 12 ? UNP Q15633 ? ? 'expression tag' 155 12 
1 3ADL ARG A 13 ? UNP Q15633 ? ? 'expression tag' 156 13 
1 3ADL GLY A 14 ? UNP Q15633 ? ? 'expression tag' 157 14 
1 3ADL SER A 15 ? UNP Q15633 ? ? 'expression tag' 158 15 
1 3ADL HIS A 16 ? UNP Q15633 ? ? 'expression tag' 159 16 
1 3ADL GLU A 17 ? UNP Q15633 ? ? 'expression tag' 160 17 
# 
loop_
_chem_comp.id 
_chem_comp.type 
_chem_comp.mon_nstd_flag 
_chem_comp.name 
_chem_comp.pdbx_synonyms 
_chem_comp.formula 
_chem_comp.formula_weight 
ALA 'L-peptide linking' y ALANINE                      ? 'C3 H7 N O2'      89.093  
ARG 'L-peptide linking' y ARGININE                     ? 'C6 H15 N4 O2 1'  175.209 
ASN 'L-peptide linking' y ASPARAGINE                   ? 'C4 H8 N2 O3'     132.118 
ASP 'L-peptide linking' y 'ASPARTIC ACID'              ? 'C4 H7 N O4'      133.103 
C   'RNA linking'       y "CYTIDINE-5'-MONOPHOSPHATE"  ? 'C9 H14 N3 O8 P'  323.197 
CYS 'L-peptide linking' y CYSTEINE                     ? 'C3 H7 N O2 S'    121.158 
G   'RNA linking'       y "GUANOSINE-5'-MONOPHOSPHATE" ? 'C10 H14 N5 O8 P' 363.221 
GLN 'L-peptide linking' y GLUTAMINE                    ? 'C5 H10 N2 O3'    146.144 
GLU 'L-peptide linking' y 'GLUTAMIC ACID'              ? 'C5 H9 N O4'      147.129 
GLY 'peptide linking'   y GLYCINE                      ? 'C2 H5 N O2'      75.067  
HIS 'L-peptide linking' y HISTIDINE                    ? 'C6 H10 N3 O2 1'  156.162 
HOH non-polymer         . WATER                        ? 'H2 O'            18.015  
ILE 'L-peptide linking' y ISOLEUCINE                   ? 'C6 H13 N O2'     131.173 
LEU 'L-peptide linking' y LEUCINE                      ? 'C6 H13 N O2'     131.173 
LYS 'L-peptide linking' y LYSINE                       ? 'C6 H15 N2 O2 1'  147.195 
MET 'L-peptide linking' y METHIONINE                   ? 'C5 H11 N O2 S'   149.211 
PHE 'L-peptide linking' y PHENYLALANINE                ? 'C9 H11 N O2'     165.189 
PRO 'L-peptide linking' y PROLINE                      ? 'C5 H9 N O2'      115.130 
SER 'L-peptide linking' y SERINE                       ? 'C3 H7 N O3'      105.093 
THR 'L-peptide linking' y THREONINE                    ? 'C4 H9 N O3'      119.119 
TRP 'L-peptide linking' y TRYPTOPHAN                   ? 'C11 H12 N2 O2'   204.225 
TYR 'L-peptide linking' y TYROSINE                     ? 'C9 H11 N O3'     181.189 
VAL 'L-peptide linking' y VALINE                       ? 'C5 H11 N O2'     117.146 
# 
_exptl.entry_id          3ADL 
_exptl.method            'X-RAY DIFFRACTION' 
_exptl.crystals_number   1 
# 
_exptl_crystal.id                    1 
_exptl_crystal.density_meas          ? 
_exptl_crystal.density_Matthews      2.55 
_exptl_crystal.density_percent_sol   51.81 
_exptl_crystal.description           ? 
_exptl_crystal.F_000                 ? 
_exptl_crystal.preparation           ? 
# 
_exptl_crystal_grow.crystal_id      1 
_exptl_crystal_grow.method          'VAPOR DIFFUSION, HANGING DROP' 
_exptl_crystal_grow.temp            293 
_exptl_crystal_grow.temp_details    ? 
_exptl_crystal_grow.pH              6.5 
_exptl_crystal_grow.pdbx_details    'AS, MgSO4, Cacodylate, pH 6.5, VAPOR DIFFUSION, HANGING DROP, temperature 293K' 
_exptl_crystal_grow.pdbx_pH_range   . 
# 
_diffrn.id                     1 
_diffrn.ambient_temp           100 
_diffrn.ambient_temp_details   ? 
_diffrn.crystal_id             1 
# 
_diffrn_detector.diffrn_id              1 
_diffrn_detector.detector               CCD 
_diffrn_detector.type                   'ADSC QUANTUM 315' 
_diffrn_detector.pdbx_collection_date   ? 
_diffrn_detector.details                ? 
# 
_diffrn_radiation.diffrn_id                        1 
_diffrn_radiation.wavelength_id                    1 
_diffrn_radiation.pdbx_monochromatic_or_laue_m_l   M 
_diffrn_radiation.monochromator                    1.1 
_diffrn_radiation.pdbx_diffrn_protocol             'SINGLE WAVELENGTH' 
_diffrn_radiation.pdbx_scattering_type             x-ray 
# 
_diffrn_radiation_wavelength.id           1 
_diffrn_radiation_wavelength.wavelength   . 
_diffrn_radiation_wavelength.wt           1.0 
# 
_diffrn_source.diffrn_id                   1 
_diffrn_source.source                      SYNCHROTRON 
_diffrn_source.type                        'NSLS BEAMLINE X12C' 
_diffrn_source.pdbx_synchrotron_site       NSLS 
_diffrn_source.pdbx_synchrotron_beamline   X12C 
_diffrn_source.pdbx_wavelength             ? 
_diffrn_source.pdbx_wavelength_list        ? 
# 
_reflns.entry_id                     3ADL 
_reflns.observed_criterion_sigma_I   2.0 
_reflns.observed_criterion_sigma_F   2.0 
_reflns.d_resolution_low             40 
_reflns.d_resolution_high            2.2 
_reflns.number_obs                   8276 
_reflns.number_all                   ? 
_reflns.percent_possible_obs         99.1 
_reflns.pdbx_Rmerge_I_obs            ? 
_reflns.pdbx_Rsym_value              0.046 
_reflns.B_iso_Wilson_estimate        ? 
_reflns.pdbx_redundancy              14.4 
_reflns.pdbx_netI_over_sigmaI        54 
_reflns.R_free_details               ? 
_reflns.limit_h_max                  ? 
_reflns.limit_h_min                  ? 
_reflns.limit_k_max                  ? 
_reflns.limit_k_min                  ? 
_reflns.limit_l_max                  ? 
_reflns.limit_l_min                  ? 
_reflns.observed_criterion_F_max     ? 
_reflns.observed_criterion_F_min     ? 
_reflns.pdbx_chi_squared             ? 
_reflns.pdbx_scaling_rejects         ? 
_reflns.pdbx_ordinal                 1 
_reflns.pdbx_diffrn_id               1 
# 
_reflns_shell.d_res_high             2.2 
_reflns_shell.d_res_low              2.3 
_reflns_shell.percent_possible_all   ? 
_reflns_shell.Rmerge_I_obs           ? 
_reflns_shell.pdbx_Rsym_value        0.293 
_reflns_shell.meanI_over_sigI_obs    10.1 
_reflns_shell.pdbx_redundancy        10 
_reflns_shell.percent_possible_obs   ? 
_reflns_shell.number_unique_all      ? 
_reflns_shell.number_measured_all    ? 
_reflns_shell.number_measured_obs    ? 
_reflns_shell.number_unique_obs      ? 
_reflns_shell.pdbx_chi_squared       ? 
_reflns_shell.pdbx_ordinal           1 
_reflns_shell.pdbx_diffrn_id         1 
# 
_refine.entry_id                                 3ADL 
_refine.ls_number_reflns_obs                     8276 
_refine.ls_number_reflns_all                     ? 
_refine.pdbx_ls_sigma_I                          2.0 
_refine.pdbx_ls_sigma_F                          ? 
_refine.pdbx_data_cutoff_high_absF               ? 
_refine.pdbx_data_cutoff_low_absF                ? 
_refine.pdbx_data_cutoff_high_rms_absF           ? 
_refine.ls_d_res_low                             25.84 
_refine.ls_d_res_high                            2.20 
_refine.ls_percent_reflns_obs                    99.04 
_refine.ls_R_factor_obs                          0.26267 
_refine.ls_R_factor_all                          ? 
_refine.ls_R_factor_R_work                       0.26075 
_refine.ls_R_factor_R_free                       0.29836 
_refine.ls_R_factor_R_free_error                 ? 
_refine.ls_R_factor_R_free_error_details         ? 
_refine.ls_percent_reflns_R_free                 4.7 
_refine.ls_number_reflns_R_free                  407 
_refine.ls_number_parameters                     ? 
_refine.ls_number_restraints                     ? 
_refine.occupancy_min                            ? 
_refine.occupancy_max                            ? 
_refine.correlation_coeff_Fo_to_Fc               0.904 
_refine.correlation_coeff_Fo_to_Fc_free          0.866 
_refine.B_iso_mean                               47.367 
_refine.aniso_B[1][1]                            1.78 
_refine.aniso_B[2][2]                            -2.18 
_refine.aniso_B[3][3]                            0.40 
_refine.aniso_B[1][2]                            0.00 
_refine.aniso_B[1][3]                            0.00 
_refine.aniso_B[2][3]                            0.00 
_refine.solvent_model_details                    'BABINET MODEL WITH MASK' 
_refine.solvent_model_param_ksol                 ? 
_refine.solvent_model_param_bsol                 ? 
_refine.pdbx_solvent_vdw_probe_radii             1.20 
_refine.pdbx_solvent_ion_probe_radii             0.80 
_refine.pdbx_solvent_shrinkage_radii             0.80 
_refine.pdbx_ls_cross_valid_method               THROUGHOUT 
_refine.details                                  'HYDROGENS HAVE BEEN ADDED IN THE RIDING POSITIONS' 
_refine.pdbx_starting_model                      'PDB ENTRY 1DI2' 
_refine.pdbx_method_to_determine_struct          'MOLECULAR REPLACEMENT' 
_refine.pdbx_isotropic_thermal_model             ? 
_refine.pdbx_stereochemistry_target_values       'MAXIMUM LIKELIHOOD' 
_refine.pdbx_stereochem_target_val_spec_case     ? 
_refine.pdbx_R_Free_selection_details            RANDOM 
_refine.pdbx_overall_ESU_R                       0.304 
_refine.pdbx_overall_ESU_R_Free                  0.241 
_refine.overall_SU_ML                            0.160 
_refine.overall_SU_B                             13.165 
_refine.ls_redundancy_reflns_obs                 ? 
_refine.B_iso_min                                ? 
_refine.B_iso_max                                ? 
_refine.overall_SU_R_Cruickshank_DPI             ? 
_refine.overall_SU_R_free                        ? 
_refine.ls_wR_factor_R_free                      ? 
_refine.ls_wR_factor_R_work                      ? 
_refine.overall_FOM_free_R_set                   ? 
_refine.overall_FOM_work_R_set                   ? 
_refine.pdbx_refine_id                           'X-RAY DIFFRACTION' 
_refine.pdbx_overall_phase_error                 ? 
_refine.pdbx_TLS_residual_ADP_flag               'LIKELY RESIDUAL' 
_refine.pdbx_diffrn_id                           1 
_refine.pdbx_overall_SU_R_free_Cruickshank_DPI   ? 
_refine.pdbx_overall_SU_R_Blow_DPI               ? 
_refine.pdbx_overall_SU_R_free_Blow_DPI          ? 
# 
_refine_hist.pdbx_refine_id                   'X-RAY DIFFRACTION' 
_refine_hist.cycle_id                         LAST 
_refine_hist.pdbx_number_atoms_protein        595 
_refine_hist.pdbx_number_atoms_nucleic_acid   430 
_refine_hist.pdbx_number_atoms_ligand         0 
_refine_hist.number_atoms_solvent             47 
_refine_hist.number_atoms_total               1072 
_refine_hist.d_res_high                       2.20 
_refine_hist.d_res_low                        25.84 
# 
loop_
_refine_ls_restr.type 
_refine_ls_restr.dev_ideal 
_refine_ls_restr.dev_ideal_target 
_refine_ls_restr.weight 
_refine_ls_restr.number 
_refine_ls_restr.pdbx_refine_id 
_refine_ls_restr.pdbx_restraint_function 
r_bond_refined_d         0.012  0.021  ? 1084 'X-RAY DIFFRACTION' ? 
r_angle_refined_deg      1.492  2.459  ? 1556 'X-RAY DIFFRACTION' ? 
r_dihedral_angle_1_deg   5.152  5.000  ? 75   'X-RAY DIFFRACTION' ? 
r_dihedral_angle_2_deg   38.303 21.600 ? 25   'X-RAY DIFFRACTION' ? 
r_dihedral_angle_3_deg   16.825 15.000 ? 115  'X-RAY DIFFRACTION' ? 
r_dihedral_angle_4_deg   15.155 15.000 ? 7    'X-RAY DIFFRACTION' ? 
r_chiral_restr           0.089  0.200  ? 191  'X-RAY DIFFRACTION' ? 
r_gen_planes_refined     0.005  0.020  ? 655  'X-RAY DIFFRACTION' ? 
r_nbd_refined            0.192  0.200  ? 299  'X-RAY DIFFRACTION' ? 
r_nbtor_refined          0.292  0.200  ? 630  'X-RAY DIFFRACTION' ? 
r_xyhbond_nbd_refined    0.148  0.200  ? 48   'X-RAY DIFFRACTION' ? 
r_symmetry_vdw_refined   0.236  0.200  ? 37   'X-RAY DIFFRACTION' ? 
r_symmetry_hbond_refined 0.091  0.200  ? 14   'X-RAY DIFFRACTION' ? 
r_mcbond_it              0.798  1.500  ? 391  'X-RAY DIFFRACTION' ? 
r_mcangle_it             1.228  2.000  ? 604  'X-RAY DIFFRACTION' ? 
r_scbond_it              1.778  3.000  ? 942  'X-RAY DIFFRACTION' ? 
r_scangle_it             2.499  4.500  ? 952  'X-RAY DIFFRACTION' ? 
# 
_refine_ls_shell.pdbx_total_number_of_bins_used   20 
_refine_ls_shell.d_res_high                       2.204 
_refine_ls_shell.d_res_low                        2.262 
_refine_ls_shell.number_reflns_R_work             577 
_refine_ls_shell.R_factor_R_work                  0.227 
_refine_ls_shell.percent_reflns_obs               98.21 
_refine_ls_shell.R_factor_R_free                  0.219 
_refine_ls_shell.R_factor_R_free_error            ? 
_refine_ls_shell.percent_reflns_R_free            ? 
_refine_ls_shell.number_reflns_R_free             28 
_refine_ls_shell.number_reflns_all                ? 
_refine_ls_shell.R_factor_all                     ? 
_refine_ls_shell.number_reflns_obs                ? 
_refine_ls_shell.redundancy_reflns_obs            ? 
_refine_ls_shell.pdbx_refine_id                   'X-RAY DIFFRACTION' 
# 
_struct.entry_id                  3ADL 
_struct.title                     'Structure of TRBP2 and its molecule implications for miRNA processing' 
_struct.pdbx_model_details        ? 
_struct.pdbx_CASP_flag            N 
_struct.pdbx_model_type_details   ? 
# 
_struct_keywords.entry_id        3ADL 
_struct_keywords.pdbx_keywords   'GENE REGULATION/RNA' 
_struct_keywords.text            'TRBP2, miRNA processing, GENE REGULATION-RNA complex' 
# 
loop_
_struct_asym.id 
_struct_asym.pdbx_blank_PDB_chainid_flag 
_struct_asym.pdbx_modified 
_struct_asym.entity_id 
_struct_asym.details 
A N N 1 ? 
B N N 2 ? 
C N N 2 ? 
D N N 3 ? 
E N N 3 ? 
F N N 3 ? 
# 
_struct_biol.id        1 
_struct_biol.details   ? 
# 
loop_
_struct_conf.conf_type_id 
_struct_conf.id 
_struct_conf.pdbx_PDB_helix_id 
_struct_conf.beg_label_comp_id 
_struct_conf.beg_label_asym_id 
_struct_conf.beg_label_seq_id 
_struct_conf.pdbx_beg_PDB_ins_code 
_struct_conf.end_label_comp_id 
_struct_conf.end_label_asym_id 
_struct_conf.end_label_seq_id 
_struct_conf.pdbx_end_PDB_ins_code 
_struct_conf.beg_auth_comp_id 
_struct_conf.beg_auth_asym_id 
_struct_conf.beg_auth_seq_id 
_struct_conf.end_auth_comp_id 
_struct_conf.end_auth_asym_id 
_struct_conf.end_auth_seq_id 
_struct_conf.pdbx_PDB_helix_class 
_struct_conf.details 
_struct_conf.pdbx_PDB_helix_length 
HELX_P HELX_P1 1 HIS A 16 ? LYS A 28 ? HIS A 159 LYS A 171 1 ? 13 
HELX_P HELX_P2 2 SER A 66 ? THR A 84 ? SER A 209 THR A 227 1 ? 19 
# 
_struct_conf_type.id          HELX_P 
_struct_conf_type.criteria    ? 
_struct_conf_type.reference   ? 
# 
loop_
_struct_conn.id 
_struct_conn.conn_type_id 
_struct_conn.pdbx_leaving_atom_flag 
_struct_conn.pdbx_PDB_id 
_struct_conn.ptnr1_label_asym_id 
_struct_conn.ptnr1_label_comp_id 
_struct_conn.ptnr1_label_seq_id 
_struct_conn.ptnr1_label_atom_id 
_struct_conn.pdbx_ptnr1_label_alt_id 
_struct_conn.pdbx_ptnr1_PDB_ins_code 
_struct_conn.pdbx_ptnr1_standard_comp_id 
_struct_conn.ptnr1_symmetry 
_struct_conn.ptnr2_label_asym_id 
_struct_conn.ptnr2_label_comp_id 
_struct_conn.ptnr2_label_seq_id 
_struct_conn.ptnr2_label_atom_id 
_struct_conn.pdbx_ptnr2_label_alt_id 
_struct_conn.pdbx_ptnr2_PDB_ins_code 
_struct_conn.ptnr1_auth_asym_id 
_struct_conn.ptnr1_auth_comp_id 
_struct_conn.ptnr1_auth_seq_id 
_struct_conn.ptnr2_auth_asym_id 
_struct_conn.ptnr2_auth_comp_id 
_struct_conn.ptnr2_auth_seq_id 
_struct_conn.ptnr2_symmetry 
_struct_conn.pdbx_ptnr3_label_atom_id 
_struct_conn.pdbx_ptnr3_label_seq_id 
_struct_conn.pdbx_ptnr3_label_comp_id 
_struct_conn.pdbx_ptnr3_label_asym_id 
_struct_conn.pdbx_ptnr3_label_alt_id 
_struct_conn.pdbx_ptnr3_PDB_ins_code 
_struct_conn.details 
_struct_conn.pdbx_dist_value 
_struct_conn.pdbx_value_order 
_struct_conn.pdbx_role 
hydrog1  hydrog ? ? B C 1  N3 ? ? ? 1_555 C G 10 N1 ? ? B C 1  C G 10 1_555 ? ? ? ? ? ? WATSON-CRICK            ? ? ? 
hydrog2  hydrog ? ? B C 1  N4 ? ? ? 1_555 C G 10 O6 ? ? B C 1  C G 10 1_555 ? ? ? ? ? ? WATSON-CRICK            ? ? ? 
hydrog3  hydrog ? ? B C 1  O2 ? ? ? 1_555 C G 10 N2 ? ? B C 1  C G 10 1_555 ? ? ? ? ? ? WATSON-CRICK            ? ? ? 
hydrog4  hydrog ? ? B G 2  N1 ? ? ? 1_555 C C 9  N3 ? ? B G 2  C C 9  1_555 ? ? ? ? ? ? WATSON-CRICK            ? ? ? 
hydrog5  hydrog ? ? B G 2  N2 ? ? ? 1_555 C C 9  O2 ? ? B G 2  C C 9  1_555 ? ? ? ? ? ? WATSON-CRICK            ? ? ? 
hydrog6  hydrog ? ? B G 2  O6 ? ? ? 1_555 C C 9  N4 ? ? B G 2  C C 9  1_555 ? ? ? ? ? ? WATSON-CRICK            ? ? ? 
hydrog7  hydrog ? ? B C 3  N3 ? ? ? 1_555 C G 8  N1 ? ? B C 3  C G 8  1_555 ? ? ? ? ? ? WATSON-CRICK            ? ? ? 
hydrog8  hydrog ? ? B C 3  N4 ? ? ? 1_555 C G 8  O6 ? ? B C 3  C G 8  1_555 ? ? ? ? ? ? WATSON-CRICK            ? ? ? 
hydrog9  hydrog ? ? B C 3  O2 ? ? ? 1_555 C G 8  N2 ? ? B C 3  C G 8  1_555 ? ? ? ? ? ? WATSON-CRICK            ? ? ? 
hydrog10 hydrog ? ? B G 4  N1 ? ? ? 1_555 C C 7  N3 ? ? B G 4  C C 7  1_555 ? ? ? ? ? ? WATSON-CRICK            ? ? ? 
hydrog11 hydrog ? ? B G 4  N2 ? ? ? 1_555 C C 7  O2 ? ? B G 4  C C 7  1_555 ? ? ? ? ? ? WATSON-CRICK            ? ? ? 
hydrog12 hydrog ? ? B G 4  O6 ? ? ? 1_555 C C 7  N4 ? ? B G 4  C C 7  1_555 ? ? ? ? ? ? WATSON-CRICK            ? ? ? 
hydrog13 hydrog ? ? B C 5  N3 ? ? ? 1_555 C G 6  N1 ? ? B C 5  C G 6  1_555 ? ? ? ? ? ? WATSON-CRICK            ? ? ? 
hydrog14 hydrog ? ? B C 5  N4 ? ? ? 1_555 C G 6  O6 ? ? B C 5  C G 6  1_555 ? ? ? ? ? ? WATSON-CRICK            ? ? ? 
hydrog15 hydrog ? ? B C 5  O2 ? ? ? 1_555 C G 6  N2 ? ? B C 5  C G 6  1_555 ? ? ? ? ? ? WATSON-CRICK            ? ? ? 
hydrog16 hydrog ? ? B G 6  N1 ? ? ? 1_555 C C 5  N3 ? ? B G 6  C C 5  1_555 ? ? ? ? ? ? WATSON-CRICK            ? ? ? 
hydrog17 hydrog ? ? B G 6  N2 ? ? ? 1_555 C C 5  O2 ? ? B G 6  C C 5  1_555 ? ? ? ? ? ? WATSON-CRICK            ? ? ? 
hydrog18 hydrog ? ? B G 6  O6 ? ? ? 1_555 C C 5  N4 ? ? B G 6  C C 5  1_555 ? ? ? ? ? ? WATSON-CRICK            ? ? ? 
hydrog19 hydrog ? ? B C 7  N3 ? ? ? 1_555 C G 4  N1 ? ? B C 7  C G 4  1_555 ? ? ? ? ? ? WATSON-CRICK            ? ? ? 
hydrog20 hydrog ? ? B C 7  N4 ? ? ? 1_555 C G 4  O6 ? ? B C 7  C G 4  1_555 ? ? ? ? ? ? WATSON-CRICK            ? ? ? 
hydrog21 hydrog ? ? B C 7  O2 ? ? ? 1_555 C G 4  N2 ? ? B C 7  C G 4  1_555 ? ? ? ? ? ? WATSON-CRICK            ? ? ? 
hydrog22 hydrog ? ? B G 8  N1 ? ? ? 1_555 C C 3  N3 ? ? B G 8  C C 3  1_555 ? ? ? ? ? ? WATSON-CRICK            ? ? ? 
hydrog23 hydrog ? ? B G 8  N2 ? ? ? 1_555 C C 3  O2 ? ? B G 8  C C 3  1_555 ? ? ? ? ? ? WATSON-CRICK            ? ? ? 
hydrog24 hydrog ? ? B G 8  O6 ? ? ? 1_555 C C 3  N4 ? ? B G 8  C C 3  1_555 ? ? ? ? ? ? WATSON-CRICK            ? ? ? 
hydrog25 hydrog ? ? B C 9  N3 ? ? ? 1_555 C G 2  N2 ? ? B C 9  C G 2  1_555 ? ? ? ? ? ? 'REVERSED WATSON-CRICK' ? ? ? 
hydrog26 hydrog ? ? B C 9  O2 ? ? ? 1_555 C G 2  N1 ? ? B C 9  C G 2  1_555 ? ? ? ? ? ? 'REVERSED WATSON-CRICK' ? ? ? 
hydrog27 hydrog ? ? B G 10 N2 ? ? ? 1_555 C C 1  N3 ? ? B G 10 C C 1  1_555 ? ? ? ? ? ? 'G-C PAIR'              ? ? ? 
# 
_struct_conn_type.id          hydrog 
_struct_conn_type.criteria    ? 
_struct_conn_type.reference   ? 
# 
_struct_sheet.id               A 
_struct_sheet.type             ? 
_struct_sheet.number_strands   3 
_struct_sheet.details          ? 
# 
loop_
_struct_sheet_order.sheet_id 
_struct_sheet_order.range_id_1 
_struct_sheet_order.range_id_2 
_struct_sheet_order.offset 
_struct_sheet_order.sense 
A 1 2 ? anti-parallel 
A 2 3 ? anti-parallel 
# 
loop_
_struct_sheet_range.sheet_id 
_struct_sheet_range.id 
_struct_sheet_range.beg_label_comp_id 
_struct_sheet_range.beg_label_asym_id 
_struct_sheet_range.beg_label_seq_id 
_struct_sheet_range.pdbx_beg_PDB_ins_code 
_struct_sheet_range.end_label_comp_id 
_struct_sheet_range.end_label_asym_id 
_struct_sheet_range.end_label_seq_id 
_struct_sheet_range.pdbx_end_PDB_ins_code 
_struct_sheet_range.beg_auth_comp_id 
_struct_sheet_range.beg_auth_asym_id 
_struct_sheet_range.beg_auth_seq_id 
_struct_sheet_range.end_auth_comp_id 
_struct_sheet_range.end_auth_asym_id 
_struct_sheet_range.end_auth_seq_id 
A 1 GLU A 34 ? SER A 41 ? GLU A 177 SER A 184 
A 2 GLU A 48 ? VAL A 55 ? GLU A 191 VAL A 198 
A 3 PHE A 58 ? GLY A 64 ? PHE A 201 GLY A 207 
# 
loop_
_pdbx_struct_sheet_hbond.sheet_id 
_pdbx_struct_sheet_hbond.range_id_1 
_pdbx_struct_sheet_hbond.range_id_2 
_pdbx_struct_sheet_hbond.range_1_label_atom_id 
_pdbx_struct_sheet_hbond.range_1_label_comp_id 
_pdbx_struct_sheet_hbond.range_1_label_asym_id 
_pdbx_struct_sheet_hbond.range_1_label_seq_id 
_pdbx_struct_sheet_hbond.range_1_PDB_ins_code 
_pdbx_struct_sheet_hbond.range_1_auth_atom_id 
_pdbx_struct_sheet_hbond.range_1_auth_comp_id 
_pdbx_struct_sheet_hbond.range_1_auth_asym_id 
_pdbx_struct_sheet_hbond.range_1_auth_seq_id 
_pdbx_struct_sheet_hbond.range_2_label_atom_id 
_pdbx_struct_sheet_hbond.range_2_label_comp_id 
_pdbx_struct_sheet_hbond.range_2_label_asym_id 
_pdbx_struct_sheet_hbond.range_2_label_seq_id 
_pdbx_struct_sheet_hbond.range_2_PDB_ins_code 
_pdbx_struct_sheet_hbond.range_2_auth_atom_id 
_pdbx_struct_sheet_hbond.range_2_auth_comp_id 
_pdbx_struct_sheet_hbond.range_2_auth_asym_id 
_pdbx_struct_sheet_hbond.range_2_auth_seq_id 
A 1 2 N THR A 36 ? N THR A 179 O THR A 52 ? O THR A 195 
A 2 3 N PHE A 49 ? N PHE A 192 O GLY A 64 ? O GLY A 207 
# 
_atom_sites.entry_id                    3ADL 
_atom_sites.fract_transf_matrix[1][1]   -0.00059007 
_atom_sites.fract_transf_matrix[1][2]   0.00882082 
_atom_sites.fract_transf_matrix[1][3]   -0.01577466 
_atom_sites.fract_transf_matrix[2][1]   -0.01105276 
_atom_sites.fract_transf_matrix[2][2]   -0.01092184 
_atom_sites.fract_transf_matrix[2][3]   -0.00569380 
_atom_sites.fract_transf_matrix[3][1]   -0.00744370 
_atom_sites.fract_transf_matrix[3][2]   0.00572026 
_atom_sites.fract_transf_matrix[3][3]   0.00347708 
_atom_sites.fract_transf_vector[1]      0.146942 
_atom_sites.fract_transf_vector[2]      -0.011630 
_atom_sites.fract_transf_vector[3]      0.080103 
# 
loop_
_atom_type.symbol 
C 
N 
O 
P 
S 
# 
loop_
_atom_site.group_PDB 
_atom_site.id 
_atom_site.type_symbol 
_atom_site.label_atom_id 
_atom_site.label_alt_id 
_atom_site.label_comp_id 
_atom_site.label_asym_id 
_atom_site.label_entity_id 
_atom_site.label_seq_id 
_atom_site.pdbx_PDB_ins_code 
_atom_site.Cartn_x 
_atom_site.Cartn_y 
_atom_site.Cartn_z 
_atom_site.occupancy 
_atom_site.B_iso_or_equiv 
_atom_site.pdbx_formal_charge 
_atom_site.auth_seq_id 
_atom_site.auth_comp_id 
_atom_site.auth_asym_id 
_atom_site.auth_atom_id 
_atom_site.pdbx_PDB_model_num 
ATOM   1    N N     . GLY A 1 9  ? 8.591   3.026   -4.815  1.00 69.45 ? 152 GLY A N     1 
ATOM   2    C CA    . GLY A 1 9  ? 9.164   4.043   -5.747  1.00 69.09 ? 152 GLY A CA    1 
ATOM   3    C C     . GLY A 1 9  ? 8.097   4.559   -6.683  1.00 68.84 ? 152 GLY A C     1 
ATOM   4    O O     . GLY A 1 9  ? 7.284   5.404   -6.295  1.00 69.14 ? 152 GLY A O     1 
ATOM   5    N N     . LEU A 1 10 ? 8.079   4.046   -7.913  1.00 68.21 ? 153 LEU A N     1 
ATOM   6    C CA    . LEU A 1 10 ? 7.047   4.463   -8.858  1.00 67.25 ? 153 LEU A CA    1 
ATOM   7    C C     . LEU A 1 10 ? 5.945   3.451   -9.178  1.00 66.39 ? 153 LEU A C     1 
ATOM   8    O O     . LEU A 1 10 ? 6.178   2.252   -9.363  1.00 66.35 ? 153 LEU A O     1 
ATOM   9    C CB    . LEU A 1 10 ? 7.636   5.077   -10.131 1.00 67.23 ? 153 LEU A CB    1 
ATOM   10   C CG    . LEU A 1 10 ? 7.732   6.608   -10.186 1.00 67.88 ? 153 LEU A CG    1 
ATOM   11   C CD1   . LEU A 1 10 ? 7.578   7.064   -11.618 1.00 68.79 ? 153 LEU A CD1   1 
ATOM   12   C CD2   . LEU A 1 10 ? 6.694   7.329   -9.312  1.00 68.30 ? 153 LEU A CD2   1 
ATOM   13   N N     . VAL A 1 11 ? 4.736   4.002   -9.224  1.00 64.80 ? 154 VAL A N     1 
ATOM   14   C CA    . VAL A 1 11 ? 3.513   3.350   -9.646  1.00 62.93 ? 154 VAL A CA    1 
ATOM   15   C C     . VAL A 1 11 ? 3.267   3.834   -11.094 1.00 61.93 ? 154 VAL A C     1 
ATOM   16   O O     . VAL A 1 11 ? 3.633   4.969   -11.421 1.00 61.60 ? 154 VAL A O     1 
ATOM   17   C CB    . VAL A 1 11 ? 2.393   3.800   -8.665  1.00 63.06 ? 154 VAL A CB    1 
ATOM   18   C CG1   . VAL A 1 11 ? 1.017   3.800   -9.292  1.00 62.65 ? 154 VAL A CG1   1 
ATOM   19   C CG2   . VAL A 1 11 ? 2.443   2.970   -7.365  1.00 63.02 ? 154 VAL A CG2   1 
ATOM   20   N N     . PRO A 1 12 ? 2.693   2.976   -11.978 1.00 60.76 ? 155 PRO A N     1 
ATOM   21   C CA    . PRO A 1 12 ? 2.385   3.397   -13.358 1.00 60.52 ? 155 PRO A CA    1 
ATOM   22   C C     . PRO A 1 12 ? 1.447   4.617   -13.444 1.00 60.11 ? 155 PRO A C     1 
ATOM   23   O O     . PRO A 1 12 ? 0.438   4.690   -12.725 1.00 59.55 ? 155 PRO A O     1 
ATOM   24   C CB    . PRO A 1 12 ? 1.700   2.167   -13.958 1.00 60.53 ? 155 PRO A CB    1 
ATOM   25   C CG    . PRO A 1 12 ? 2.166   1.038   -13.142 1.00 60.07 ? 155 PRO A CG    1 
ATOM   26   C CD    . PRO A 1 12 ? 2.326   1.568   -11.760 1.00 60.83 ? 155 PRO A CD    1 
ATOM   27   N N     . ARG A 1 13 ? 1.791   5.548   -14.330 1.00 59.80 ? 156 ARG A N     1 
ATOM   28   C CA    . ARG A 1 13 ? 1.064   6.810   -14.472 1.00 59.79 ? 156 ARG A CA    1 
ATOM   29   C C     . ARG A 1 13 ? -0.416  6.582   -14.773 1.00 59.13 ? 156 ARG A C     1 
ATOM   30   O O     . ARG A 1 13 ? -0.771  5.876   -15.724 1.00 58.77 ? 156 ARG A O     1 
ATOM   31   C CB    . ARG A 1 13 ? 1.700   7.694   -15.547 1.00 60.06 ? 156 ARG A CB    1 
ATOM   32   C CG    . ARG A 1 13 ? 1.186   9.126   -15.561 1.00 62.18 ? 156 ARG A CG    1 
ATOM   33   C CD    . ARG A 1 13 ? 1.222   9.688   -16.974 1.00 66.37 ? 156 ARG A CD    1 
ATOM   34   N NE    . ARG A 1 13 ? 0.531   10.972  -17.099 1.00 69.85 ? 156 ARG A NE    1 
ATOM   35   C CZ    . ARG A 1 13 ? -0.793  11.128  -17.162 1.00 71.84 ? 156 ARG A CZ    1 
ATOM   36   N NH1   . ARG A 1 13 ? -1.610  10.077  -17.090 1.00 72.53 ? 156 ARG A NH1   1 
ATOM   37   N NH2   . ARG A 1 13 ? -1.304  12.349  -17.285 1.00 73.08 ? 156 ARG A NH2   1 
ATOM   38   N N     . GLY A 1 14 ? -1.258  7.172   -13.926 1.00 58.57 ? 157 GLY A N     1 
ATOM   39   C CA    . GLY A 1 14 ? -2.708  7.096   -14.058 1.00 57.92 ? 157 GLY A CA    1 
ATOM   40   C C     . GLY A 1 14 ? -3.281  5.722   -13.756 1.00 57.32 ? 157 GLY A C     1 
ATOM   41   O O     . GLY A 1 14 ? -4.289  5.337   -14.347 1.00 58.17 ? 157 GLY A O     1 
ATOM   42   N N     . SER A 1 15 ? -2.623  4.972   -12.869 1.00 55.66 ? 158 SER A N     1 
ATOM   43   C CA    . SER A 1 15 ? -3.115  3.668   -12.434 1.00 54.08 ? 158 SER A CA    1 
ATOM   44   C C     . SER A 1 15 ? -3.609  3.796   -11.009 1.00 53.04 ? 158 SER A C     1 
ATOM   45   O O     . SER A 1 15 ? -3.121  4.659   -10.261 1.00 53.39 ? 158 SER A O     1 
ATOM   46   C CB    . SER A 1 15 ? -2.031  2.579   -12.568 1.00 54.78 ? 158 SER A CB    1 
ATOM   47   O OG    . SER A 1 15 ? -0.993  2.708   -11.602 1.00 54.95 ? 158 SER A OG    1 
ATOM   48   N N     . HIS A 1 16 ? -4.591  2.970   -10.636 1.00 51.09 ? 159 HIS A N     1 
ATOM   49   C CA    . HIS A 1 16 ? -5.276  3.108   -9.337  1.00 49.28 ? 159 HIS A CA    1 
ATOM   50   C C     . HIS A 1 16 ? -4.917  1.943   -8.389  1.00 47.82 ? 159 HIS A C     1 
ATOM   51   O O     . HIS A 1 16 ? -5.608  0.921   -8.348  1.00 46.37 ? 159 HIS A O     1 
ATOM   52   C CB    . HIS A 1 16 ? -6.795  3.179   -9.554  1.00 49.68 ? 159 HIS A CB    1 
ATOM   53   C CG    . HIS A 1 16 ? -7.221  4.214   -10.559 1.00 51.43 ? 159 HIS A CG    1 
ATOM   54   N ND1   . HIS A 1 16 ? -7.117  5.568   -10.325 1.00 53.71 ? 159 HIS A ND1   1 
ATOM   55   C CD2   . HIS A 1 16 ? -7.773  4.088   -11.789 1.00 53.26 ? 159 HIS A CD2   1 
ATOM   56   C CE1   . HIS A 1 16 ? -7.578  6.231   -11.370 1.00 54.49 ? 159 HIS A CE1   1 
ATOM   57   N NE2   . HIS A 1 16 ? -7.984  5.356   -12.272 1.00 54.60 ? 159 HIS A NE2   1 
ATOM   58   N N     . GLU A 1 17 ? -3.823  2.092   -7.646  1.00 46.30 ? 160 GLU A N     1 
ATOM   59   C CA    . GLU A 1 17 ? -3.266  0.967   -6.885  1.00 44.91 ? 160 GLU A CA    1 
ATOM   60   C C     . GLU A 1 17 ? -4.186  0.434   -5.766  1.00 44.25 ? 160 GLU A C     1 
ATOM   61   O O     . GLU A 1 17 ? -4.426  -0.788  -5.673  1.00 42.54 ? 160 GLU A O     1 
ATOM   62   C CB    . GLU A 1 17 ? -1.877  1.329   -6.346  1.00 44.15 ? 160 GLU A CB    1 
ATOM   63   C CG    . GLU A 1 17 ? -0.913  1.748   -7.460  1.00 46.23 ? 160 GLU A CG    1 
ATOM   64   C CD    . GLU A 1 17 ? -0.673  0.655   -8.472  1.00 42.22 ? 160 GLU A CD    1 
ATOM   65   O OE1   . GLU A 1 17 ? -1.217  0.628   -9.599  1.00 50.42 ? 160 GLU A OE1   1 
ATOM   66   O OE2   . GLU A 1 17 ? 0.061   -0.199  -8.143  1.00 41.50 ? 160 GLU A OE2   1 
ATOM   67   N N     . VAL A 1 18 ? -4.670  1.348   -4.922  1.00 43.56 ? 161 VAL A N     1 
ATOM   68   C CA    . VAL A 1 18 ? -5.529  0.977   -3.778  1.00 44.38 ? 161 VAL A CA    1 
ATOM   69   C C     . VAL A 1 18 ? -6.841  0.326   -4.245  1.00 43.84 ? 161 VAL A C     1 
ATOM   70   O O     . VAL A 1 18 ? -7.255  -0.714  -3.708  1.00 45.38 ? 161 VAL A O     1 
ATOM   71   C CB    . VAL A 1 18 ? -5.823  2.191   -2.801  1.00 43.56 ? 161 VAL A CB    1 
ATOM   72   C CG1   . VAL A 1 18 ? -6.718  1.742   -1.629  1.00 44.83 ? 161 VAL A CG1   1 
ATOM   73   C CG2   . VAL A 1 18 ? -4.551  2.709   -2.212  1.00 42.98 ? 161 VAL A CG2   1 
ATOM   74   N N     . GLY A 1 19 ? -7.487  0.931   -5.232  1.00 43.03 ? 162 GLY A N     1 
ATOM   75   C CA    . GLY A 1 19 ? -8.754  0.417   -5.772  1.00 42.35 ? 162 GLY A CA    1 
ATOM   76   C C     . GLY A 1 19 ? -8.561  -0.880  -6.538  1.00 42.49 ? 162 GLY A C     1 
ATOM   77   O O     . GLY A 1 19 ? -9.389  -1.797  -6.437  1.00 42.05 ? 162 GLY A O     1 
ATOM   78   N N     . ALA A 1 20 ? -7.443  -1.002  -7.271  1.00 41.32 ? 163 ALA A N     1 
ATOM   79   C CA    . ALA A 1 20 ? -7.185  -2.243  -8.018  1.00 40.81 ? 163 ALA A CA    1 
ATOM   80   C C     . ALA A 1 20 ? -6.971  -3.430  -7.066  1.00 40.32 ? 163 ALA A C     1 
ATOM   81   O O     . ALA A 1 20 ? -7.424  -4.524  -7.336  1.00 40.64 ? 163 ALA A O     1 
ATOM   82   C CB    . ALA A 1 20 ? -5.987  -2.106  -8.961  1.00 40.83 ? 163 ALA A CB    1 
ATOM   83   N N     . LEU A 1 21 ? -6.248  -3.208  -5.980  1.00 40.25 ? 164 LEU A N     1 
ATOM   84   C CA    . LEU A 1 21 ? -6.004  -4.250  -4.997  1.00 40.81 ? 164 LEU A CA    1 
ATOM   85   C C     . LEU A 1 21 ? -7.321  -4.613  -4.337  1.00 41.29 ? 164 LEU A C     1 
ATOM   86   O O     . LEU A 1 21 ? -7.609  -5.769  -4.163  1.00 42.53 ? 164 LEU A O     1 
ATOM   87   C CB    . LEU A 1 21 ? -4.991  -3.794  -3.935  1.00 40.01 ? 164 LEU A CB    1 
ATOM   88   C CG    . LEU A 1 21 ? -4.679  -4.820  -2.822  1.00 41.83 ? 164 LEU A CG    1 
ATOM   89   C CD1   . LEU A 1 21 ? -4.063  -6.150  -3.395  1.00 39.45 ? 164 LEU A CD1   1 
ATOM   90   C CD2   . LEU A 1 21 ? -3.783  -4.193  -1.694  1.00 40.65 ? 164 LEU A CD2   1 
ATOM   91   N N     . GLN A 1 22 ? -8.128  -3.607  -3.991  1.00 41.80 ? 165 GLN A N     1 
ATOM   92   C CA    . GLN A 1 22 ? -9.371  -3.874  -3.312  1.00 42.13 ? 165 GLN A CA    1 
ATOM   93   C C     . GLN A 1 22 ? -10.263 -4.706  -4.179  1.00 42.11 ? 165 GLN A C     1 
ATOM   94   O O     . GLN A 1 22 ? -10.814 -5.694  -3.701  1.00 42.53 ? 165 GLN A O     1 
ATOM   95   C CB    . GLN A 1 22 ? -10.069 -2.600  -2.812  1.00 41.34 ? 165 GLN A CB    1 
ATOM   96   C CG    . GLN A 1 22 ? -11.488 -2.898  -2.366  1.00 42.74 ? 165 GLN A CG    1 
ATOM   97   C CD    . GLN A 1 22 ? -12.192 -1.694  -1.825  1.00 42.81 ? 165 GLN A CD    1 
ATOM   98   O OE1   . GLN A 1 22 ? -11.676 -0.987  -0.954  1.00 41.73 ? 165 GLN A OE1   1 
ATOM   99   N NE2   . GLN A 1 22 ? -13.386 -1.449  -2.332  1.00 42.55 ? 165 GLN A NE2   1 
ATOM   100  N N     . GLU A 1 23 ? -10.360 -4.338  -5.460  1.00 42.49 ? 166 GLU A N     1 
ATOM   101  C CA    . GLU A 1 23 ? -11.161 -5.069  -6.442  1.00 42.54 ? 166 GLU A CA    1 
ATOM   102  C C     . GLU A 1 23 ? -10.633 -6.471  -6.720  1.00 43.14 ? 166 GLU A C     1 
ATOM   103  O O     . GLU A 1 23 ? -11.406 -7.434  -6.846  1.00 41.70 ? 166 GLU A O     1 
ATOM   104  C CB    . GLU A 1 23 ? -11.246 -4.273  -7.753  1.00 43.12 ? 166 GLU A CB    1 
ATOM   105  C CG    . GLU A 1 23 ? -11.848 -2.844  -7.546  1.00 43.22 ? 166 GLU A CG    1 
ATOM   106  C CD    . GLU A 1 23 ? -11.854 -2.026  -8.824  1.00 43.76 ? 166 GLU A CD    1 
ATOM   107  O OE1   . GLU A 1 23 ? -11.818 -2.624  -9.922  1.00 47.38 ? 166 GLU A OE1   1 
ATOM   108  O OE2   . GLU A 1 23 ? -11.889 -0.788  -8.723  1.00 45.44 ? 166 GLU A OE2   1 
ATOM   109  N N     . LEU A 1 24 ? -9.309  -6.601  -6.815  1.00 43.59 ? 167 LEU A N     1 
ATOM   110  C CA    . LEU A 1 24 ? -8.715  -7.926  -6.968  1.00 43.52 ? 167 LEU A CA    1 
ATOM   111  C C     . LEU A 1 24 ? -9.026  -8.848  -5.772  1.00 43.90 ? 167 LEU A C     1 
ATOM   112  O O     . LEU A 1 24 ? -9.419  -9.991  -5.975  1.00 43.40 ? 167 LEU A O     1 
ATOM   113  C CB    . LEU A 1 24 ? -7.202  -7.821  -7.168  1.00 44.27 ? 167 LEU A CB    1 
ATOM   114  C CG    . LEU A 1 24 ? -6.336  -9.094  -7.128  1.00 44.61 ? 167 LEU A CG    1 
ATOM   115  C CD1   . LEU A 1 24 ? -6.596  -9.985  -8.331  1.00 47.09 ? 167 LEU A CD1   1 
ATOM   116  C CD2   . LEU A 1 24 ? -4.847  -8.679  -7.074  1.00 43.98 ? 167 LEU A CD2   1 
ATOM   117  N N     . VAL A 1 25 ? -8.852  -8.372  -4.534  1.00 43.57 ? 168 VAL A N     1 
ATOM   118  C CA    . VAL A 1 25 ? -9.017  -9.303  -3.400  1.00 44.21 ? 168 VAL A CA    1 
ATOM   119  C C     . VAL A 1 25 ? -10.485 -9.726  -3.202  1.00 44.76 ? 168 VAL A C     1 
ATOM   120  O O     . VAL A 1 25 ? -10.753 -10.856 -2.781  1.00 45.60 ? 168 VAL A O     1 
ATOM   121  C CB    . VAL A 1 25 ? -8.393  -8.795  -2.051  1.00 43.97 ? 168 VAL A CB    1 
ATOM   122  C CG1   . VAL A 1 25 ? -6.938  -8.356  -2.245  1.00 41.73 ? 168 VAL A CG1   1 
ATOM   123  C CG2   . VAL A 1 25 ? -9.233  -7.715  -1.429  1.00 44.15 ? 168 VAL A CG2   1 
ATOM   124  N N     . VAL A 1 26 ? -11.413 -8.828  -3.535  1.00 45.05 ? 169 VAL A N     1 
ATOM   125  C CA    . VAL A 1 26 ? -12.843 -9.126  -3.548  1.00 45.15 ? 169 VAL A CA    1 
ATOM   126  C C     . VAL A 1 26 ? -13.117 -10.274 -4.515  1.00 45.85 ? 169 VAL A C     1 
ATOM   127  O O     . VAL A 1 26 ? -13.840 -11.217 -4.175  1.00 45.55 ? 169 VAL A O     1 
ATOM   128  C CB    . VAL A 1 26 ? -13.694 -7.849  -3.856  1.00 45.04 ? 169 VAL A CB    1 
ATOM   129  C CG1   . VAL A 1 26 ? -15.145 -8.189  -4.170  1.00 45.76 ? 169 VAL A CG1   1 
ATOM   130  C CG2   . VAL A 1 26 ? -13.660 -6.889  -2.657  1.00 44.97 ? 169 VAL A CG2   1 
ATOM   131  N N     . GLN A 1 27 ? -12.509 -10.233 -5.702  1.00 46.59 ? 170 GLN A N     1 
ATOM   132  C CA    . GLN A 1 27 ? -12.695 -11.330 -6.680  1.00 47.07 ? 170 GLN A CA    1 
ATOM   133  C C     . GLN A 1 27 ? -11.982 -12.628 -6.283  1.00 47.37 ? 170 GLN A C     1 
ATOM   134  O O     . GLN A 1 27 ? -12.364 -13.716 -6.721  1.00 47.53 ? 170 GLN A O     1 
ATOM   135  C CB    . GLN A 1 27 ? -12.292 -10.895 -8.103  1.00 47.34 ? 170 GLN A CB    1 
ATOM   136  C CG    . GLN A 1 27 ? -13.086 -9.671  -8.656  1.00 49.64 ? 170 GLN A CG    1 
ATOM   137  C CD    . GLN A 1 27 ? -14.583 -9.935  -8.922  1.00 53.87 ? 170 GLN A CD    1 
ATOM   138  O OE1   . GLN A 1 27 ? -15.466 -9.255  -8.370  1.00 57.42 ? 170 GLN A OE1   1 
ATOM   139  N NE2   . GLN A 1 27 ? -14.865 -10.894 -9.792  1.00 58.24 ? 170 GLN A NE2   1 
ATOM   140  N N     . LYS A 1 28 ? -10.941 -12.542 -5.466  1.00 47.05 ? 171 LYS A N     1 
ATOM   141  C CA    . LYS A 1 28 ? -10.361 -13.776 -4.933  1.00 48.23 ? 171 LYS A CA    1 
ATOM   142  C C     . LYS A 1 28 ? -11.180 -14.341 -3.747  1.00 47.35 ? 171 LYS A C     1 
ATOM   143  O O     . LYS A 1 28 ? -10.893 -15.419 -3.274  1.00 47.77 ? 171 LYS A O     1 
ATOM   144  C CB    . LYS A 1 28 ? -8.875  -13.586 -4.563  1.00 48.34 ? 171 LYS A CB    1 
ATOM   145  C CG    . LYS A 1 28 ? -7.985  -13.385 -5.803  1.00 49.23 ? 171 LYS A CG    1 
ATOM   146  C CD    . LYS A 1 28 ? -6.496  -13.383 -5.492  1.00 49.88 ? 171 LYS A CD    1 
ATOM   147  C CE    . LYS A 1 28 ? -5.893  -14.783 -5.588  1.00 51.40 ? 171 LYS A CE    1 
ATOM   148  N NZ    . LYS A 1 28 ? -5.940  -15.364 -6.976  1.00 53.28 ? 171 LYS A NZ    1 
ATOM   149  N N     . GLY A 1 29 ? -12.182 -13.600 -3.281  1.00 47.09 ? 172 GLY A N     1 
ATOM   150  C CA    . GLY A 1 29 ? -13.020 -14.008 -2.132  1.00 46.94 ? 172 GLY A CA    1 
ATOM   151  C C     . GLY A 1 29 ? -12.377 -13.785 -0.765  1.00 46.36 ? 172 GLY A C     1 
ATOM   152  O O     . GLY A 1 29 ? -12.642 -14.521 0.184   1.00 45.54 ? 172 GLY A O     1 
ATOM   153  N N     . TRP A 1 30 ? -11.527 -12.760 -0.681  1.00 46.06 ? 173 TRP A N     1 
ATOM   154  C CA    . TRP A 1 30 ? -10.809 -12.403 0.528   1.00 45.72 ? 173 TRP A CA    1 
ATOM   155  C C     . TRP A 1 30 ? -11.459 -11.176 1.111   1.00 46.81 ? 173 TRP A C     1 
ATOM   156  O O     . TRP A 1 30 ? -12.092 -10.391 0.373   1.00 47.49 ? 173 TRP A O     1 
ATOM   157  C CB    . TRP A 1 30 ? -9.345  -12.069 0.220   1.00 45.59 ? 173 TRP A CB    1 
ATOM   158  C CG    . TRP A 1 30 ? -8.510  -13.179 -0.423  1.00 44.55 ? 173 TRP A CG    1 
ATOM   159  C CD1   . TRP A 1 30 ? -8.821  -14.505 -0.514  1.00 44.52 ? 173 TRP A CD1   1 
ATOM   160  C CD2   . TRP A 1 30 ? -7.200  -13.036 -1.015  1.00 44.63 ? 173 TRP A CD2   1 
ATOM   161  N NE1   . TRP A 1 30 ? -7.801  -15.194 -1.152  1.00 43.87 ? 173 TRP A NE1   1 
ATOM   162  C CE2   . TRP A 1 30 ? -6.801  -14.316 -1.469  1.00 42.99 ? 173 TRP A CE2   1 
ATOM   163  C CE3   . TRP A 1 30 ? -6.340  -11.946 -1.221  1.00 44.81 ? 173 TRP A CE3   1 
ATOM   164  C CZ2   . TRP A 1 30 ? -5.570  -14.546 -2.104  1.00 44.79 ? 173 TRP A CZ2   1 
ATOM   165  C CZ3   . TRP A 1 30 ? -5.111  -12.169 -1.862  1.00 44.74 ? 173 TRP A CZ3   1 
ATOM   166  C CH2   . TRP A 1 30 ? -4.737  -13.466 -2.286  1.00 45.38 ? 173 TRP A CH2   1 
ATOM   167  N N     . ARG A 1 31 ? -11.303 -10.988 2.424   1.00 46.34 ? 174 ARG A N     1 
ATOM   168  C CA    . ARG A 1 31 ? -11.667 -9.714  3.054   1.00 46.26 ? 174 ARG A CA    1 
ATOM   169  C C     . ARG A 1 31 ? -10.724 -8.606  2.587   1.00 46.55 ? 174 ARG A C     1 
ATOM   170  O O     . ARG A 1 31 ? -9.615  -8.886  2.121   1.00 45.87 ? 174 ARG A O     1 
ATOM   171  C CB    . ARG A 1 31 ? -11.587 -9.792  4.579   1.00 46.41 ? 174 ARG A CB    1 
ATOM   172  C CG    . ARG A 1 31 ? -12.527 -10.749 5.248   1.00 47.01 ? 174 ARG A CG    1 
ATOM   173  C CD    . ARG A 1 31 ? -12.689 -10.331 6.698   1.00 51.72 ? 174 ARG A CD    1 
ATOM   174  N NE    . ARG A 1 31 ? -11.400 -10.269 7.379   1.00 53.35 ? 174 ARG A NE    1 
ATOM   175  C CZ    . ARG A 1 31 ? -10.879 -11.259 8.095   1.00 54.38 ? 174 ARG A CZ    1 
ATOM   176  N NH1   . ARG A 1 31 ? -11.535 -12.407 8.243   1.00 50.50 ? 174 ARG A NH1   1 
ATOM   177  N NH2   . ARG A 1 31 ? -9.687  -11.092 8.654   1.00 56.87 ? 174 ARG A NH2   1 
ATOM   178  N N     . LEU A 1 32 ? -11.189 -7.356  2.732   1.00 46.67 ? 175 LEU A N     1 
ATOM   179  C CA    . LEU A 1 32 ? -10.487 -6.148  2.272   1.00 46.91 ? 175 LEU A CA    1 
ATOM   180  C C     . LEU A 1 32 ? -9.173  -5.959  2.994   1.00 46.80 ? 175 LEU A C     1 
ATOM   181  O O     . LEU A 1 32 ? -9.070  -6.289  4.173   1.00 46.42 ? 175 LEU A O     1 
ATOM   182  C CB    . LEU A 1 32 ? -11.362 -4.895  2.503   1.00 46.95 ? 175 LEU A CB    1 
ATOM   183  C CG    . LEU A 1 32 ? -12.714 -4.848  1.769   1.00 49.56 ? 175 LEU A CG    1 
ATOM   184  C CD1   . LEU A 1 32 ? -13.293 -3.413  1.683   1.00 50.17 ? 175 LEU A CD1   1 
ATOM   185  C CD2   . LEU A 1 32 ? -12.584 -5.439  0.391   1.00 50.08 ? 175 LEU A CD2   1 
ATOM   186  N N     . PRO A 1 33 ? -8.173  -5.371  2.306   1.00 47.06 ? 176 PRO A N     1 
ATOM   187  C CA    . PRO A 1 33 ? -6.880  -5.180  2.956   1.00 47.23 ? 176 PRO A CA    1 
ATOM   188  C C     . PRO A 1 33 ? -7.034  -4.273  4.163   1.00 48.12 ? 176 PRO A C     1 
ATOM   189  O O     . PRO A 1 33 ? -7.977  -3.479  4.214   1.00 48.27 ? 176 PRO A O     1 
ATOM   190  C CB    . PRO A 1 33 ? -6.073  -4.430  1.898   1.00 47.36 ? 176 PRO A CB    1 
ATOM   191  C CG    . PRO A 1 33 ? -6.767  -4.752  0.590   1.00 46.46 ? 176 PRO A CG    1 
ATOM   192  C CD    . PRO A 1 33 ? -8.194  -4.790  0.949   1.00 46.38 ? 176 PRO A CD    1 
ATOM   193  N N     . GLU A 1 34 ? -6.122  -4.394  5.118   1.00 48.05 ? 177 GLU A N     1 
ATOM   194  C CA    . GLU A 1 34 ? -6.060  -3.473  6.240   1.00 48.56 ? 177 GLU A CA    1 
ATOM   195  C C     . GLU A 1 34 ? -4.774  -2.640  6.140   1.00 47.79 ? 177 GLU A C     1 
ATOM   196  O O     . GLU A 1 34 ? -3.690  -3.199  5.955   1.00 46.83 ? 177 GLU A O     1 
ATOM   197  C CB    . GLU A 1 34 ? -6.088  -4.225  7.569   1.00 48.62 ? 177 GLU A CB    1 
ATOM   198  C CG    . GLU A 1 34 ? -5.913  -3.291  8.755   1.00 53.65 ? 177 GLU A CG    1 
ATOM   199  C CD    . GLU A 1 34 ? -6.020  -3.995  10.075  1.00 60.49 ? 177 GLU A CD    1 
ATOM   200  O OE1   . GLU A 1 34 ? -7.037  -3.768  10.777  1.00 62.44 ? 177 GLU A OE1   1 
ATOM   201  O OE2   . GLU A 1 34 ? -5.090  -4.775  10.399  1.00 62.66 ? 177 GLU A OE2   1 
ATOM   202  N N     . TYR A 1 35 ? -4.919  -1.316  6.255   1.00 46.44 ? 178 TYR A N     1 
ATOM   203  C CA    . TYR A 1 35 ? -3.813  -0.370  6.133   1.00 45.88 ? 178 TYR A CA    1 
ATOM   204  C C     . TYR A 1 35 ? -3.576  0.328   7.453   1.00 46.38 ? 178 TYR A C     1 
ATOM   205  O O     . TYR A 1 35 ? -4.501  0.880   8.052   1.00 46.65 ? 178 TYR A O     1 
ATOM   206  C CB    . TYR A 1 35 ? -4.145  0.697   5.089   1.00 45.95 ? 178 TYR A CB    1 
ATOM   207  C CG    . TYR A 1 35 ? -4.245  0.187   3.659   1.00 45.54 ? 178 TYR A CG    1 
ATOM   208  C CD1   . TYR A 1 35 ? -5.476  -0.133  3.094   1.00 43.48 ? 178 TYR A CD1   1 
ATOM   209  C CD2   . TYR A 1 35 ? -3.092  0.036   2.870   1.00 45.57 ? 178 TYR A CD2   1 
ATOM   210  C CE1   . TYR A 1 35 ? -5.573  -0.568  1.774   1.00 42.10 ? 178 TYR A CE1   1 
ATOM   211  C CE2   . TYR A 1 35 ? -3.170  -0.402  1.544   1.00 42.61 ? 178 TYR A CE2   1 
ATOM   212  C CZ    . TYR A 1 35 ? -4.398  -0.710  1.007   1.00 44.34 ? 178 TYR A CZ    1 
ATOM   213  O OH    . TYR A 1 35 ? -4.464  -1.139  -0.305  1.00 43.66 ? 178 TYR A OH    1 
ATOM   214  N N     . THR A 1 36 ? -2.339  0.301   7.921   1.00 46.18 ? 179 THR A N     1 
ATOM   215  C CA    . THR A 1 36 ? -2.002  0.959   9.158   1.00 46.32 ? 179 THR A CA    1 
ATOM   216  C C     . THR A 1 36 ? -0.661  1.694   8.983   1.00 46.13 ? 179 THR A C     1 
ATOM   217  O O     . THR A 1 36 ? 0.285   1.124   8.445   1.00 44.95 ? 179 THR A O     1 
ATOM   218  C CB    . THR A 1 36 ? -1.839  -0.074  10.311  1.00 46.22 ? 179 THR A CB    1 
ATOM   219  O OG1   . THR A 1 36 ? -0.748  -0.944  10.011  1.00 48.35 ? 179 THR A OG1   1 
ATOM   220  C CG2   . THR A 1 36 ? -3.077  -0.952  10.488  1.00 46.95 ? 179 THR A CG2   1 
ATOM   221  N N     . VAL A 1 37 ? -0.561  2.923   9.498   1.00 45.75 ? 180 VAL A N     1 
ATOM   222  C CA    . VAL A 1 37 ? 0.719   3.621   9.527   1.00 45.13 ? 180 VAL A CA    1 
ATOM   223  C C     . VAL A 1 37 ? 1.608   2.976   10.586  1.00 45.79 ? 180 VAL A C     1 
ATOM   224  O O     . VAL A 1 37 ? 1.253   2.983   11.755  1.00 45.48 ? 180 VAL A O     1 
ATOM   225  C CB    . VAL A 1 37 ? 0.554   5.132   9.862   1.00 45.44 ? 180 VAL A CB    1 
ATOM   226  C CG1   . VAL A 1 37 ? 1.917   5.838   9.896   1.00 43.12 ? 180 VAL A CG1   1 
ATOM   227  C CG2   . VAL A 1 37 ? -0.396  5.803   8.879   1.00 44.97 ? 180 VAL A CG2   1 
ATOM   228  N N     . THR A 1 38 ? 2.751   2.422   10.169  1.00 45.39 ? 181 THR A N     1 
ATOM   229  C CA    . THR A 1 38 ? 3.651   1.746   11.083  1.00 45.92 ? 181 THR A CA    1 
ATOM   230  C C     . THR A 1 38 ? 5.013   2.426   11.272  1.00 46.74 ? 181 THR A C     1 
ATOM   231  O O     . THR A 1 38 ? 5.839   1.926   12.045  1.00 47.05 ? 181 THR A O     1 
ATOM   232  C CB    . THR A 1 38 ? 3.886   0.259   10.701  1.00 46.56 ? 181 THR A CB    1 
ATOM   233  O OG1   . THR A 1 38 ? 4.388   0.180   9.358   1.00 42.96 ? 181 THR A OG1   1 
ATOM   234  C CG2   . THR A 1 38 ? 2.592   -0.570  10.878  1.00 44.76 ? 181 THR A CG2   1 
ATOM   235  N N     . GLN A 1 39 ? 5.252   3.536   10.565  1.00 46.61 ? 182 GLN A N     1 
ATOM   236  C CA    . GLN A 1 39 ? 6.461   4.362   10.785  1.00 47.32 ? 182 GLN A CA    1 
ATOM   237  C C     . GLN A 1 39 ? 6.297   5.789   10.254  1.00 47.60 ? 182 GLN A C     1 
ATOM   238  O O     . GLN A 1 39 ? 5.671   6.009   9.211   1.00 46.77 ? 182 GLN A O     1 
ATOM   239  C CB    . GLN A 1 39 ? 7.710   3.710   10.168  1.00 46.93 ? 182 GLN A CB    1 
ATOM   240  C CG    . GLN A 1 39 ? 9.013   4.424   10.466  1.00 47.43 ? 182 GLN A CG    1 
ATOM   241  C CD    . GLN A 1 39 ? 10.247  3.632   10.029  1.00 48.78 ? 182 GLN A CD    1 
ATOM   242  O OE1   . GLN A 1 39 ? 10.914  3.984   9.047   1.00 48.61 ? 182 GLN A OE1   1 
ATOM   243  N NE2   . GLN A 1 39 ? 10.554  2.560   10.759  1.00 49.53 ? 182 GLN A NE2   1 
ATOM   244  N N     . GLU A 1 40 ? 6.852   6.741   11.004  1.00 48.21 ? 183 GLU A N     1 
ATOM   245  C CA    . GLU A 1 40 ? 6.967   8.144   10.614  1.00 49.75 ? 183 GLU A CA    1 
ATOM   246  C C     . GLU A 1 40 ? 8.337   8.592   11.059  1.00 49.97 ? 183 GLU A C     1 
ATOM   247  O O     . GLU A 1 40 ? 8.685   8.434   12.238  1.00 49.26 ? 183 GLU A O     1 
ATOM   248  C CB    . GLU A 1 40 ? 5.927   9.029   11.324  1.00 49.06 ? 183 GLU A CB    1 
ATOM   249  C CG    . GLU A 1 40 ? 4.476   8.703   11.036  1.00 51.59 ? 183 GLU A CG    1 
ATOM   250  C CD    . GLU A 1 40 ? 3.496   9.752   11.595  1.00 51.97 ? 183 GLU A CD    1 
ATOM   251  O OE1   . GLU A 1 40 ? 3.937   10.795  12.127  1.00 52.80 ? 183 GLU A OE1   1 
ATOM   252  O OE2   . GLU A 1 40 ? 2.272   9.529   11.496  1.00 58.13 ? 183 GLU A OE2   1 
ATOM   253  N N     . SER A 1 41 ? 9.107   9.157   10.133  1.00 50.84 ? 184 SER A N     1 
ATOM   254  C CA    . SER A 1 41 ? 10.407  9.695   10.470  1.00 52.54 ? 184 SER A CA    1 
ATOM   255  C C     . SER A 1 41 ? 10.598  11.127  9.975   1.00 53.48 ? 184 SER A C     1 
ATOM   256  O O     . SER A 1 41 ? 9.724   11.699  9.296   1.00 53.36 ? 184 SER A O     1 
ATOM   257  C CB    . SER A 1 41 ? 11.535  8.784   9.978   1.00 52.61 ? 184 SER A CB    1 
ATOM   258  O OG    . SER A 1 41 ? 11.265  8.280   8.688   1.00 55.05 ? 184 SER A OG    1 
ATOM   259  N N     . GLY A 1 42 ? 11.734  11.702  10.354  1.00 54.02 ? 185 GLY A N     1 
ATOM   260  C CA    . GLY A 1 42 ? 12.139  13.008  9.885   1.00 55.55 ? 185 GLY A CA    1 
ATOM   261  C C     . GLY A 1 42 ? 11.383  14.172  10.509  1.00 56.82 ? 185 GLY A C     1 
ATOM   262  O O     . GLY A 1 42 ? 10.336  13.984  11.149  1.00 56.78 ? 185 GLY A O     1 
ATOM   263  N N     . PRO A 1 43 ? 11.917  15.389  10.315  1.00 57.46 ? 186 PRO A N     1 
ATOM   264  C CA    . PRO A 1 43 ? 11.318  16.641  10.746  1.00 58.00 ? 186 PRO A CA    1 
ATOM   265  C C     . PRO A 1 43 ? 9.972   16.878  10.106  1.00 58.83 ? 186 PRO A C     1 
ATOM   266  O O     . PRO A 1 43 ? 9.699   16.351  9.022   1.00 59.01 ? 186 PRO A O     1 
ATOM   267  C CB    . PRO A 1 43 ? 12.310  17.696  10.238  1.00 58.27 ? 186 PRO A CB    1 
ATOM   268  C CG    . PRO A 1 43 ? 13.608  16.968  10.092  1.00 57.73 ? 186 PRO A CG    1 
ATOM   269  C CD    . PRO A 1 43 ? 13.213  15.602  9.640   1.00 57.43 ? 186 PRO A CD    1 
ATOM   270  N N     . ALA A 1 44 ? 9.157   17.694  10.774  1.00 59.19 ? 187 ALA A N     1 
ATOM   271  C CA    . ALA A 1 44 ? 7.817   18.050  10.328  1.00 59.71 ? 187 ALA A CA    1 
ATOM   272  C C     . ALA A 1 44 ? 7.761   18.691  8.938   1.00 59.93 ? 187 ALA A C     1 
ATOM   273  O O     . ALA A 1 44 ? 6.684   18.752  8.322   1.00 60.49 ? 187 ALA A O     1 
ATOM   274  C CB    . ALA A 1 44 ? 7.153   18.961  11.361  1.00 59.91 ? 187 ALA A CB    1 
ATOM   275  N N     . HIS A 1 45 ? 8.913   19.157  8.456   1.00 60.04 ? 188 HIS A N     1 
ATOM   276  C CA    . HIS A 1 45 ? 9.021   19.788  7.135   1.00 60.18 ? 188 HIS A CA    1 
ATOM   277  C C     . HIS A 1 45 ? 9.590   18.856  6.048   1.00 59.87 ? 188 HIS A C     1 
ATOM   278  O O     . HIS A 1 45 ? 9.533   19.179  4.860   1.00 60.09 ? 188 HIS A O     1 
ATOM   279  C CB    . HIS A 1 45 ? 9.826   21.096  7.213   1.00 60.08 ? 188 HIS A CB    1 
ATOM   280  C CG    . HIS A 1 45 ? 11.276  20.898  7.517   1.00 60.23 ? 188 HIS A CG    1 
ATOM   281  N ND1   . HIS A 1 45 ? 11.763  20.835  8.804   1.00 60.55 ? 188 HIS A ND1   1 
ATOM   282  C CD2   . HIS A 1 45 ? 12.347  20.744  6.700   1.00 59.97 ? 188 HIS A CD2   1 
ATOM   283  C CE1   . HIS A 1 45 ? 13.072  20.651  8.768   1.00 60.15 ? 188 HIS A CE1   1 
ATOM   284  N NE2   . HIS A 1 45 ? 13.450  20.589  7.503   1.00 59.67 ? 188 HIS A NE2   1 
ATOM   285  N N     . ARG A 1 46 ? 10.137  17.713  6.458   1.00 59.27 ? 189 ARG A N     1 
ATOM   286  C CA    . ARG A 1 46 ? 10.566  16.672  5.516   1.00 58.79 ? 189 ARG A CA    1 
ATOM   287  C C     . ARG A 1 46 ? 10.226  15.284  6.064   1.00 57.88 ? 189 ARG A C     1 
ATOM   288  O O     . ARG A 1 46 ? 11.105  14.455  6.305   1.00 57.85 ? 189 ARG A O     1 
ATOM   289  C CB    . ARG A 1 46 ? 12.053  16.799  5.170   1.00 58.75 ? 189 ARG A CB    1 
ATOM   290  C CG    . ARG A 1 46 ? 12.327  17.824  4.078   1.00 59.64 ? 189 ARG A CG    1 
ATOM   291  C CD    . ARG A 1 46 ? 13.806  17.936  3.726   1.00 59.51 ? 189 ARG A CD    1 
ATOM   292  N NE    . ARG A 1 46 ? 14.079  19.184  3.010   1.00 61.19 ? 189 ARG A NE    1 
ATOM   293  C CZ    . ARG A 1 46 ? 15.279  19.581  2.594   1.00 62.02 ? 189 ARG A CZ    1 
ATOM   294  N NH1   . ARG A 1 46 ? 16.357  18.831  2.813   1.00 62.28 ? 189 ARG A NH1   1 
ATOM   295  N NH2   . ARG A 1 46 ? 15.403  20.737  1.954   1.00 62.51 ? 189 ARG A NH2   1 
ATOM   296  N N     . LYS A 1 47 ? 8.934   15.050  6.260   1.00 56.79 ? 190 LYS A N     1 
ATOM   297  C CA    . LYS A 1 47 ? 8.463   13.807  6.844   1.00 56.09 ? 190 LYS A CA    1 
ATOM   298  C C     . LYS A 1 47 ? 8.419   12.689  5.820   1.00 55.29 ? 190 LYS A C     1 
ATOM   299  O O     . LYS A 1 47 ? 8.236   12.933  4.628   1.00 55.82 ? 190 LYS A O     1 
ATOM   300  C CB    . LYS A 1 47 ? 7.096   13.992  7.508   1.00 56.03 ? 190 LYS A CB    1 
ATOM   301  C CG    . LYS A 1 47 ? 7.203   14.226  9.028   1.00 55.89 ? 190 LYS A CG    1 
ATOM   302  C CD    . LYS A 1 47 ? 5.918   13.869  9.735   1.00 55.90 ? 190 LYS A CD    1 
ATOM   303  C CE    . LYS A 1 47 ? 6.160   13.359  11.158  1.00 55.43 ? 190 LYS A CE    1 
ATOM   304  N NZ    . LYS A 1 47 ? 4.837   12.988  11.761  1.00 55.11 ? 190 LYS A NZ    1 
ATOM   305  N N     . GLU A 1 48 ? 8.643   11.469  6.289   1.00 53.85 ? 191 GLU A N     1 
ATOM   306  C CA    . GLU A 1 48 ? 8.441   10.274  5.477   1.00 52.61 ? 191 GLU A CA    1 
ATOM   307  C C     . GLU A 1 48 ? 7.597   9.307   6.280   1.00 50.92 ? 191 GLU A C     1 
ATOM   308  O O     . GLU A 1 48 ? 7.824   9.130   7.477   1.00 50.63 ? 191 GLU A O     1 
ATOM   309  C CB    . GLU A 1 48 ? 9.768   9.626   5.082   1.00 52.40 ? 191 GLU A CB    1 
ATOM   310  C CG    . GLU A 1 48 ? 10.779  10.604  4.490   1.00 55.76 ? 191 GLU A CG    1 
ATOM   311  C CD    . GLU A 1 48 ? 11.256  10.187  3.117   1.00 58.38 ? 191 GLU A CD    1 
ATOM   312  O OE1   . GLU A 1 48 ? 12.384  9.663   3.012   1.00 59.83 ? 191 GLU A OE1   1 
ATOM   313  O OE2   . GLU A 1 48 ? 10.490  10.369  2.146   1.00 59.48 ? 191 GLU A OE2   1 
ATOM   314  N N     . PHE A 1 49 ? 6.624   8.700   5.611   1.00 49.21 ? 192 PHE A N     1 
ATOM   315  C CA    . PHE A 1 49 ? 5.685   7.766   6.213   1.00 48.38 ? 192 PHE A CA    1 
ATOM   316  C C     . PHE A 1 49 ? 5.851   6.356   5.654   1.00 47.89 ? 192 PHE A C     1 
ATOM   317  O O     . PHE A 1 49 ? 6.232   6.180   4.488   1.00 48.02 ? 192 PHE A O     1 
ATOM   318  C CB    . PHE A 1 49 ? 4.246   8.238   5.963   1.00 48.54 ? 192 PHE A CB    1 
ATOM   319  C CG    . PHE A 1 49 ? 3.948   9.575   6.556   1.00 49.21 ? 192 PHE A CG    1 
ATOM   320  C CD1   . PHE A 1 49 ? 4.217   10.741  5.845   1.00 48.64 ? 192 PHE A CD1   1 
ATOM   321  C CD2   . PHE A 1 49 ? 3.426   9.672   7.850   1.00 50.22 ? 192 PHE A CD2   1 
ATOM   322  C CE1   . PHE A 1 49 ? 3.971   11.986  6.413   1.00 49.79 ? 192 PHE A CE1   1 
ATOM   323  C CE2   . PHE A 1 49 ? 3.160   10.903  8.425   1.00 50.00 ? 192 PHE A CE2   1 
ATOM   324  C CZ    . PHE A 1 49 ? 3.435   12.066  7.708   1.00 51.76 ? 192 PHE A CZ    1 
ATOM   325  N N     . THR A 1 50 ? 5.553   5.366   6.488   1.00 46.39 ? 193 THR A N     1 
ATOM   326  C CA    . THR A 1 50 ? 5.482   3.965   6.063   1.00 45.43 ? 193 THR A CA    1 
ATOM   327  C C     . THR A 1 50 ? 4.097   3.416   6.384   1.00 44.98 ? 193 THR A C     1 
ATOM   328  O O     . THR A 1 50 ? 3.650   3.469   7.538   1.00 44.84 ? 193 THR A O     1 
ATOM   329  C CB    . THR A 1 50 ? 6.569   3.096   6.742   1.00 45.45 ? 193 THR A CB    1 
ATOM   330  O OG1   . THR A 1 50 ? 7.867   3.561   6.363   1.00 44.41 ? 193 THR A OG1   1 
ATOM   331  C CG2   . THR A 1 50 ? 6.444   1.632   6.347   1.00 45.77 ? 193 THR A CG2   1 
ATOM   332  N N     . MET A 1 51 ? 3.412   2.908   5.363   1.00 43.96 ? 194 MET A N     1 
ATOM   333  C CA    . MET A 1 51 ? 2.123   2.229   5.558   1.00 44.54 ? 194 MET A CA    1 
ATOM   334  C C     . MET A 1 51 ? 2.355   0.738   5.467   1.00 44.48 ? 194 MET A C     1 
ATOM   335  O O     . MET A 1 51 ? 3.049   0.292   4.556   1.00 44.69 ? 194 MET A O     1 
ATOM   336  C CB    . MET A 1 51 ? 1.143   2.623   4.442   1.00 43.93 ? 194 MET A CB    1 
ATOM   337  C CG    . MET A 1 51 ? -0.288  2.302   4.699   1.00 47.71 ? 194 MET A CG    1 
ATOM   338  S SD    . MET A 1 51 ? -1.049  3.388   5.939   1.00 51.85 ? 194 MET A SD    1 
ATOM   339  C CE    . MET A 1 51 ? -1.120  4.926   5.014   1.00 48.52 ? 194 MET A CE    1 
ATOM   340  N N     . THR A 1 52 ? 1.778   -0.026  6.393   1.00 44.20 ? 195 THR A N     1 
ATOM   341  C CA    . THR A 1 52 ? 1.676   -1.478  6.238   1.00 44.59 ? 195 THR A CA    1 
ATOM   342  C C     . THR A 1 52 ? 0.312   -1.906  5.652   1.00 45.02 ? 195 THR A C     1 
ATOM   343  O O     . THR A 1 52 ? -0.766  -1.415  6.085   1.00 43.73 ? 195 THR A O     1 
ATOM   344  C CB    . THR A 1 52 ? 1.930   -2.191  7.572   1.00 45.14 ? 195 THR A CB    1 
ATOM   345  O OG1   . THR A 1 52 ? 3.294   -1.986  7.959   1.00 43.99 ? 195 THR A OG1   1 
ATOM   346  C CG2   . THR A 1 52 ? 1.684   -3.682  7.451   1.00 45.85 ? 195 THR A CG2   1 
ATOM   347  N N     . CYS A 1 53 ? 0.373   -2.778  4.645   1.00 43.66 ? 196 CYS A N     1 
ATOM   348  C CA    . CYS A 1 53 ? -0.822  -3.395  4.067   1.00 43.94 ? 196 CYS A CA    1 
ATOM   349  C C     . CYS A 1 53 ? -0.881  -4.899  4.418   1.00 44.48 ? 196 CYS A C     1 
ATOM   350  O O     . CYS A 1 53 ? 0.108   -5.632  4.230   1.00 42.93 ? 196 CYS A O     1 
ATOM   351  C CB    . CYS A 1 53 ? -0.823  -3.195  2.563   1.00 43.85 ? 196 CYS A CB    1 
ATOM   352  S SG    . CYS A 1 53 ? -2.184  -3.937  1.674   1.00 44.53 ? 196 CYS A SG    1 
ATOM   353  N N     . ARG A 1 54 ? -2.015  -5.335  4.965   1.00 43.78 ? 197 ARG A N     1 
ATOM   354  C CA    . ARG A 1 54 ? -2.206  -6.746  5.327   1.00 45.20 ? 197 ARG A CA    1 
ATOM   355  C C     . ARG A 1 54 ? -3.440  -7.266  4.602   1.00 44.40 ? 197 ARG A C     1 
ATOM   356  O O     . ARG A 1 54 ? -4.514  -6.648  4.673   1.00 44.32 ? 197 ARG A O     1 
ATOM   357  C CB    . ARG A 1 54 ? -2.410  -6.933  6.840   1.00 44.64 ? 197 ARG A CB    1 
ATOM   358  C CG    . ARG A 1 54 ? -1.239  -6.512  7.745   1.00 46.48 ? 197 ARG A CG    1 
ATOM   359  C CD    . ARG A 1 54 ? -1.630  -6.456  9.251   1.00 48.57 ? 197 ARG A CD    1 
ATOM   360  N NE    . ARG A 1 54 ? -0.994  -5.292  9.887   1.00 58.15 ? 197 ARG A NE    1 
ATOM   361  C CZ    . ARG A 1 54 ? -1.005  -4.974  11.187  1.00 60.99 ? 197 ARG A CZ    1 
ATOM   362  N NH1   . ARG A 1 54 ? -1.639  -5.721  12.092  1.00 61.55 ? 197 ARG A NH1   1 
ATOM   363  N NH2   . ARG A 1 54 ? -0.365  -3.870  11.584  1.00 62.68 ? 197 ARG A NH2   1 
ATOM   364  N N     . VAL A 1 55 ? -3.301  -8.395  3.921   1.00 43.34 ? 198 VAL A N     1 
ATOM   365  C CA    . VAL A 1 55 ? -4.481  -9.069  3.363   1.00 42.97 ? 198 VAL A CA    1 
ATOM   366  C C     . VAL A 1 55 ? -4.176  -10.547 3.267   1.00 42.47 ? 198 VAL A C     1 
ATOM   367  O O     . VAL A 1 55 ? -3.043  -10.924 2.954   1.00 40.91 ? 198 VAL A O     1 
ATOM   368  C CB    . VAL A 1 55 ? -4.937  -8.486  1.974   1.00 44.28 ? 198 VAL A CB    1 
ATOM   369  C CG1   . VAL A 1 55 ? -3.994  -8.888  0.874   1.00 40.69 ? 198 VAL A CG1   1 
ATOM   370  C CG2   . VAL A 1 55 ? -6.431  -8.912  1.658   1.00 44.42 ? 198 VAL A CG2   1 
ATOM   371  N N     . GLU A 1 56 ? -5.184  -11.359 3.612   1.00 42.01 ? 199 GLU A N     1 
ATOM   372  C CA    . GLU A 1 56 ? -5.089  -12.800 3.676   1.00 41.95 ? 199 GLU A CA    1 
ATOM   373  C C     . GLU A 1 56 ? -3.841  -13.123 4.518   1.00 41.98 ? 199 GLU A C     1 
ATOM   374  O O     . GLU A 1 56 ? -3.782  -12.709 5.670   1.00 40.07 ? 199 GLU A O     1 
ATOM   375  C CB    . GLU A 1 56 ? -5.072  -13.420 2.264   1.00 42.84 ? 199 GLU A CB    1 
ATOM   376  C CG    . GLU A 1 56 ? -5.706  -14.816 2.146   1.00 43.47 ? 199 GLU A CG    1 
ATOM   377  C CD    . GLU A 1 56 ? -4.704  -15.922 1.824   1.00 45.81 ? 199 GLU A CD    1 
ATOM   378  O OE1   . GLU A 1 56 ? -3.489  -15.645 1.804   1.00 47.49 ? 199 GLU A OE1   1 
ATOM   379  O OE2   . GLU A 1 56 ? -5.128  -17.084 1.586   1.00 46.19 ? 199 GLU A OE2   1 
ATOM   380  N N     . ARG A 1 57 ? -2.849  -13.795 3.934   1.00 42.03 ? 200 ARG A N     1 
ATOM   381  C CA    . ARG A 1 57 ? -1.638  -14.221 4.662   1.00 45.14 ? 200 ARG A CA    1 
ATOM   382  C C     . ARG A 1 57 ? -0.433  -13.259 4.473   1.00 45.16 ? 200 ARG A C     1 
ATOM   383  O O     . ARG A 1 57 ? 0.662   -13.489 5.023   1.00 45.47 ? 200 ARG A O     1 
ATOM   384  C CB    . ARG A 1 57 ? -1.239  -15.659 4.231   1.00 45.23 ? 200 ARG A CB    1 
ATOM   385  C CG    . ARG A 1 57 ? -0.481  -15.749 2.894   1.00 46.90 ? 200 ARG A CG    1 
ATOM   386  C CD    . ARG A 1 57 ? -0.562  -17.177 2.218   1.00 48.85 ? 200 ARG A CD    1 
ATOM   387  N NE    . ARG A 1 57 ? -1.612  -17.154 1.191   1.00 55.84 ? 200 ARG A NE    1 
ATOM   388  C CZ    . ARG A 1 57 ? -1.446  -17.465 -0.094  1.00 58.40 ? 200 ARG A CZ    1 
ATOM   389  N NH1   . ARG A 1 57 ? -0.270  -17.900 -0.551  1.00 57.32 ? 200 ARG A NH1   1 
ATOM   390  N NH2   . ARG A 1 57 ? -2.478  -17.358 -0.930  1.00 58.87 ? 200 ARG A NH2   1 
ATOM   391  N N     . PHE A 1 58 ? -0.641  -12.200 3.694   1.00 44.80 ? 201 PHE A N     1 
ATOM   392  C CA    . PHE A 1 58 ? 0.439   -11.307 3.257   1.00 44.57 ? 201 PHE A CA    1 
ATOM   393  C C     . PHE A 1 58 ? 0.572   -10.028 4.084   1.00 44.52 ? 201 PHE A C     1 
ATOM   394  O O     . PHE A 1 58 ? -0.406  -9.505  4.603   1.00 43.64 ? 201 PHE A O     1 
ATOM   395  C CB    . PHE A 1 58 ? 0.228   -10.950 1.788   1.00 44.72 ? 201 PHE A CB    1 
ATOM   396  C CG    . PHE A 1 58 ? 0.063   -12.158 0.894   1.00 44.86 ? 201 PHE A CG    1 
ATOM   397  C CD1   . PHE A 1 58 ? -1.191  -12.480 0.366   1.00 44.85 ? 201 PHE A CD1   1 
ATOM   398  C CD2   . PHE A 1 58 ? 1.153   -12.984 0.620   1.00 42.77 ? 201 PHE A CD2   1 
ATOM   399  C CE1   . PHE A 1 58 ? -1.355  -13.570 -0.462  1.00 46.31 ? 201 PHE A CE1   1 
ATOM   400  C CE2   . PHE A 1 58 ? 1.016   -14.107 -0.194  1.00 45.91 ? 201 PHE A CE2   1 
ATOM   401  C CZ    . PHE A 1 58 ? -0.236  -14.413 -0.746  1.00 47.19 ? 201 PHE A CZ    1 
ATOM   402  N N     . ILE A 1 59 ? 1.803   -9.543  4.209   1.00 44.67 ? 202 ILE A N     1 
ATOM   403  C CA    . ILE A 1 59 ? 2.078   -8.277  4.881   1.00 44.63 ? 202 ILE A CA    1 
ATOM   404  C C     . ILE A 1 59 ? 3.137   -7.610  4.023   1.00 44.19 ? 202 ILE A C     1 
ATOM   405  O O     . ILE A 1 59 ? 4.221   -8.187  3.785   1.00 42.44 ? 202 ILE A O     1 
ATOM   406  C CB    . ILE A 1 59 ? 2.604   -8.463  6.337   1.00 45.58 ? 202 ILE A CB    1 
ATOM   407  C CG1   . ILE A 1 59 ? 1.639   -9.323  7.185   1.00 46.27 ? 202 ILE A CG1   1 
ATOM   408  C CG2   . ILE A 1 59 ? 2.824   -7.087  7.000   1.00 44.49 ? 202 ILE A CG2   1 
ATOM   409  C CD1   . ILE A 1 59 ? 2.263   -9.970  8.448   1.00 46.48 ? 202 ILE A CD1   1 
ATOM   410  N N     . GLU A 1 60 ? 2.800   -6.439  3.490   1.00 42.66 ? 203 GLU A N     1 
ATOM   411  C CA    . GLU A 1 60 ? 3.745   -5.695  2.661   1.00 43.52 ? 203 GLU A CA    1 
ATOM   412  C C     . GLU A 1 60 ? 3.765   -4.207  3.060   1.00 43.45 ? 203 GLU A C     1 
ATOM   413  O O     . GLU A 1 60 ? 2.728   -3.640  3.405   1.00 41.90 ? 203 GLU A O     1 
ATOM   414  C CB    . GLU A 1 60 ? 3.402   -5.863  1.169   1.00 43.10 ? 203 GLU A CB    1 
ATOM   415  C CG    . GLU A 1 60 ? 3.457   -7.319  0.606   1.00 44.08 ? 203 GLU A CG    1 
ATOM   416  C CD    . GLU A 1 60 ? 4.862   -7.985  0.647   1.00 46.45 ? 203 GLU A CD    1 
ATOM   417  O OE1   . GLU A 1 60 ? 5.894   -7.265  0.644   1.00 45.03 ? 203 GLU A OE1   1 
ATOM   418  O OE2   . GLU A 1 60 ? 4.932   -9.244  0.676   1.00 46.59 ? 203 GLU A OE2   1 
ATOM   419  N N     . ILE A 1 61 ? 4.937   -3.579  3.003   1.00 43.60 ? 204 ILE A N     1 
ATOM   420  C CA    . ILE A 1 61 ? 5.032   -2.160  3.395   1.00 44.14 ? 204 ILE A CA    1 
ATOM   421  C C     . ILE A 1 61 ? 5.262   -1.236  2.201   1.00 44.20 ? 204 ILE A C     1 
ATOM   422  O O     . ILE A 1 61 ? 5.857   -1.634  1.195   1.00 45.08 ? 204 ILE A O     1 
ATOM   423  C CB    . ILE A 1 61 ? 6.091   -1.919  4.530   1.00 43.76 ? 204 ILE A CB    1 
ATOM   424  C CG1   . ILE A 1 61 ? 7.507   -2.150  4.025   1.00 44.53 ? 204 ILE A CG1   1 
ATOM   425  C CG2   . ILE A 1 61 ? 5.812   -2.810  5.734   1.00 43.73 ? 204 ILE A CG2   1 
ATOM   426  C CD1   . ILE A 1 61 ? 8.588   -1.955  5.103   1.00 44.33 ? 204 ILE A CD1   1 
ATOM   427  N N     . GLY A 1 62 ? 4.782   -0.007  2.306   1.00 44.02 ? 205 GLY A N     1 
ATOM   428  C CA    . GLY A 1 62 ? 5.080   1.034   1.321   1.00 43.91 ? 205 GLY A CA    1 
ATOM   429  C C     . GLY A 1 62 ? 5.438   2.313   2.042   1.00 44.51 ? 205 GLY A C     1 
ATOM   430  O O     . GLY A 1 62 ? 4.923   2.584   3.126   1.00 44.49 ? 205 GLY A O     1 
ATOM   431  N N     . SER A 1 63 ? 6.331   3.109   1.474   1.00 44.49 ? 206 SER A N     1 
ATOM   432  C CA    . SER A 1 63 ? 6.697   4.351   2.145   1.00 45.01 ? 206 SER A CA    1 
ATOM   433  C C     . SER A 1 63 ? 6.643   5.542   1.195   1.00 44.32 ? 206 SER A C     1 
ATOM   434  O O     . SER A 1 63 ? 6.695   5.370   -0.024  1.00 44.71 ? 206 SER A O     1 
ATOM   435  C CB    . SER A 1 63 ? 8.075   4.224   2.812   1.00 45.02 ? 206 SER A CB    1 
ATOM   436  O OG    . SER A 1 63 ? 9.065   4.018   1.833   1.00 48.44 ? 206 SER A OG    1 
ATOM   437  N N     . GLY A 1 64 ? 6.526   6.745   1.747   1.00 43.99 ? 207 GLY A N     1 
ATOM   438  C CA    . GLY A 1 64 ? 6.444   7.954   0.913   1.00 43.57 ? 207 GLY A CA    1 
ATOM   439  C C     . GLY A 1 64 ? 6.508   9.250   1.684   1.00 43.78 ? 207 GLY A C     1 
ATOM   440  O O     . GLY A 1 64 ? 6.499   9.246   2.914   1.00 43.31 ? 207 GLY A O     1 
ATOM   441  N N     . THR A 1 65 ? 6.568   10.365  0.949   1.00 43.64 ? 208 THR A N     1 
ATOM   442  C CA    . THR A 1 65 ? 6.602   11.701  1.527   1.00 43.69 ? 208 THR A CA    1 
ATOM   443  C C     . THR A 1 65 ? 5.243   12.139  2.082   1.00 44.30 ? 208 THR A C     1 
ATOM   444  O O     . THR A 1 65 ? 5.122   13.206  2.656   1.00 44.86 ? 208 THR A O     1 
ATOM   445  C CB    . THR A 1 65 ? 7.083   12.732  0.477   1.00 43.99 ? 208 THR A CB    1 
ATOM   446  O OG1   . THR A 1 65 ? 6.284   12.584  -0.706  1.00 42.47 ? 208 THR A OG1   1 
ATOM   447  C CG2   . THR A 1 65 ? 8.572   12.497  0.155   1.00 42.49 ? 208 THR A CG2   1 
ATOM   448  N N     . SER A 1 66 ? 4.220   11.313  1.884   1.00 45.08 ? 209 SER A N     1 
ATOM   449  C CA    . SER A 1 66 ? 2.912   11.528  2.486   1.00 45.40 ? 209 SER A CA    1 
ATOM   450  C C     . SER A 1 66 ? 2.270   10.185  2.739   1.00 45.53 ? 209 SER A C     1 
ATOM   451  O O     . SER A 1 66 ? 2.683   9.173   2.146   1.00 46.09 ? 209 SER A O     1 
ATOM   452  C CB    . SER A 1 66 ? 2.014   12.340  1.558   1.00 45.43 ? 209 SER A CB    1 
ATOM   453  O OG    . SER A 1 66 ? 1.696   11.584  0.399   1.00 46.30 ? 209 SER A OG    1 
ATOM   454  N N     . LYS A 1 67 ? 1.249   10.178  3.587   1.00 45.89 ? 210 LYS A N     1 
ATOM   455  C CA    . LYS A 1 67 ? 0.512   8.967   3.908   1.00 47.13 ? 210 LYS A CA    1 
ATOM   456  C C     . LYS A 1 67 ? -0.165  8.375   2.667   1.00 48.33 ? 210 LYS A C     1 
ATOM   457  O O     . LYS A 1 67 ? -0.175  7.154   2.493   1.00 48.89 ? 210 LYS A O     1 
ATOM   458  C CB    . LYS A 1 67 ? -0.521  9.217   5.017   1.00 46.81 ? 210 LYS A CB    1 
ATOM   459  C CG    . LYS A 1 67 ? 0.072   9.590   6.364   1.00 44.93 ? 210 LYS A CG    1 
ATOM   460  C CD    . LYS A 1 67 ? -1.001  9.507   7.441   1.00 45.89 ? 210 LYS A CD    1 
ATOM   461  C CE    . LYS A 1 67 ? -0.478  9.969   8.787   1.00 43.53 ? 210 LYS A CE    1 
ATOM   462  N NZ    . LYS A 1 67 ? -1.590  9.952   9.786   1.00 43.61 ? 210 LYS A NZ    1 
ATOM   463  N N     . LYS A 1 68 ? -0.757  9.234   1.838   1.00 48.71 ? 211 LYS A N     1 
ATOM   464  C CA    . LYS A 1 68 ? -1.400  8.806   0.573   1.00 48.80 ? 211 LYS A CA    1 
ATOM   465  C C     . LYS A 1 68 ? -0.369  8.104   -0.345  1.00 47.62 ? 211 LYS A C     1 
ATOM   466  O O     . LYS A 1 68 ? -0.630  7.053   -0.885  1.00 47.40 ? 211 LYS A O     1 
ATOM   467  C CB    . LYS A 1 68 ? -2.017  10.023  -0.149  1.00 48.96 ? 211 LYS A CB    1 
ATOM   468  C CG    . LYS A 1 68 ? -2.614  9.740   -1.559  1.00 50.10 ? 211 LYS A CG    1 
ATOM   469  C CD    . LYS A 1 68 ? -3.046  11.056  -2.276  1.00 50.24 ? 211 LYS A CD    1 
ATOM   470  C CE    . LYS A 1 68 ? -1.866  11.645  -3.063  1.00 53.14 ? 211 LYS A CE    1 
ATOM   471  N NZ    . LYS A 1 68 ? -2.140  12.959  -3.735  1.00 54.60 ? 211 LYS A NZ    1 
ATOM   472  N N     . LEU A 1 69 ? 0.797   8.706   -0.516  1.00 47.15 ? 212 LEU A N     1 
ATOM   473  C CA    . LEU A 1 69 ? 1.877   8.074   -1.291  1.00 46.66 ? 212 LEU A CA    1 
ATOM   474  C C     . LEU A 1 69 ? 2.365   6.748   -0.678  1.00 45.95 ? 212 LEU A C     1 
ATOM   475  O O     . LEU A 1 69 ? 2.532   5.754   -1.390  1.00 45.59 ? 212 LEU A O     1 
ATOM   476  C CB    . LEU A 1 69 ? 3.021   9.051   -1.522  1.00 46.34 ? 212 LEU A CB    1 
ATOM   477  C CG    . LEU A 1 69 ? 2.599   10.300  -2.306  1.00 48.44 ? 212 LEU A CG    1 
ATOM   478  C CD1   . LEU A 1 69 ? 3.801   11.082  -2.779  1.00 46.17 ? 212 LEU A CD1   1 
ATOM   479  C CD2   . LEU A 1 69 ? 1.692   9.954   -3.501  1.00 50.15 ? 212 LEU A CD2   1 
ATOM   480  N N     . ALA A 1 70 ? 2.561   6.736   0.640   1.00 45.16 ? 213 ALA A N     1 
ATOM   481  C CA    . ALA A 1 70 ? 2.946   5.522   1.361   1.00 43.89 ? 213 ALA A CA    1 
ATOM   482  C C     . ALA A 1 70 ? 1.938   4.403   1.139   1.00 43.64 ? 213 ALA A C     1 
ATOM   483  O O     . ALA A 1 70 ? 2.317   3.257   0.839   1.00 43.06 ? 213 ALA A O     1 
ATOM   484  C CB    . ALA A 1 70 ? 3.106   5.805   2.847   1.00 44.23 ? 213 ALA A CB    1 
ATOM   485  N N     . LYS A 1 71 ? 0.655   4.731   1.274   1.00 42.84 ? 214 LYS A N     1 
ATOM   486  C CA    . LYS A 1 71 ? -0.412  3.740   1.110   1.00 42.27 ? 214 LYS A CA    1 
ATOM   487  C C     . LYS A 1 71 ? -0.506  3.187   -0.313  1.00 41.99 ? 214 LYS A C     1 
ATOM   488  O O     . LYS A 1 71 ? -0.715  1.987   -0.502  1.00 41.57 ? 214 LYS A O     1 
ATOM   489  C CB    . LYS A 1 71 ? -1.752  4.346   1.467   1.00 42.56 ? 214 LYS A CB    1 
ATOM   490  C CG    . LYS A 1 71 ? -2.912  3.387   1.338   1.00 42.38 ? 214 LYS A CG    1 
ATOM   491  C CD    . LYS A 1 71 ? -4.231  4.114   1.712   1.00 45.87 ? 214 LYS A CD    1 
ATOM   492  C CE    . LYS A 1 71 ? -5.386  3.122   1.913   1.00 43.57 ? 214 LYS A CE    1 
ATOM   493  N NZ    . LYS A 1 71 ? -6.737  3.837   2.021   1.00 48.03 ? 214 LYS A NZ    1 
ATOM   494  N N     . ARG A 1 72 ? -0.398  4.079   -1.297  1.00 40.97 ? 215 ARG A N     1 
ATOM   495  C CA    . ARG A 1 72 ? -0.361  3.690   -2.717  1.00 41.89 ? 215 ARG A CA    1 
ATOM   496  C C     . ARG A 1 72 ? 0.839   2.755   -2.983  1.00 41.33 ? 215 ARG A C     1 
ATOM   497  O O     . ARG A 1 72 ? 0.724   1.808   -3.765  1.00 41.22 ? 215 ARG A O     1 
ATOM   498  C CB    . ARG A 1 72 ? -0.214  4.935   -3.598  1.00 40.31 ? 215 ARG A CB    1 
ATOM   499  C CG    . ARG A 1 72 ? -0.350  4.679   -5.092  1.00 43.60 ? 215 ARG A CG    1 
ATOM   500  C CD    . ARG A 1 72 ? -0.015  5.963   -5.884  1.00 43.29 ? 215 ARG A CD    1 
ATOM   501  N NE    . ARG A 1 72 ? -0.920  7.055   -5.519  1.00 45.27 ? 215 ARG A NE    1 
ATOM   502  C CZ    . ARG A 1 72 ? -0.846  8.290   -6.011  1.00 47.10 ? 215 ARG A CZ    1 
ATOM   503  N NH1   . ARG A 1 72 ? 0.107   8.626   -6.892  1.00 44.18 ? 215 ARG A NH1   1 
ATOM   504  N NH2   . ARG A 1 72 ? -1.719  9.200   -5.599  1.00 48.15 ? 215 ARG A NH2   1 
ATOM   505  N N     . ASN A 1 73 ? 1.994   3.050   -2.368  1.00 40.62 ? 216 ASN A N     1 
ATOM   506  C CA    . ASN A 1 73 ? 3.185   2.212   -2.569  1.00 40.30 ? 216 ASN A CA    1 
ATOM   507  C C     . ASN A 1 73 ? 3.011   0.866   -1.856  1.00 40.38 ? 216 ASN A C     1 
ATOM   508  O O     . ASN A 1 73 ? 3.477   -0.145  -2.344  1.00 40.46 ? 216 ASN A O     1 
ATOM   509  C CB    . ASN A 1 73 ? 4.456   2.935   -2.123  1.00 40.29 ? 216 ASN A CB    1 
ATOM   510  C CG    . ASN A 1 73 ? 4.860   4.058   -3.081  1.00 41.00 ? 216 ASN A CG    1 
ATOM   511  O OD1   . ASN A 1 73 ? 4.428   4.096   -4.233  1.00 41.14 ? 216 ASN A OD1   1 
ATOM   512  N ND2   . ASN A 1 73 ? 5.711   4.952   -2.616  1.00 41.57 ? 216 ASN A ND2   1 
ATOM   513  N N     . ALA A 1 74 ? 2.294   0.861   -0.728  1.00 40.48 ? 217 ALA A N     1 
ATOM   514  C CA    . ALA A 1 74 ? 1.946   -0.388  -0.027  1.00 40.58 ? 217 ALA A CA    1 
ATOM   515  C C     . ALA A 1 74 ? 1.004   -1.275  -0.849  1.00 40.96 ? 217 ALA A C     1 
ATOM   516  O O     . ALA A 1 74 ? 1.202   -2.495  -0.939  1.00 40.53 ? 217 ALA A O     1 
ATOM   517  C CB    . ALA A 1 74 ? 1.367   -0.098  1.369   1.00 40.32 ? 217 ALA A CB    1 
ATOM   518  N N     . ALA A 1 75 ? -0.026  -0.663  -1.438  1.00 40.98 ? 218 ALA A N     1 
ATOM   519  C CA    . ALA A 1 75 ? -0.936  -1.379  -2.319  1.00 40.62 ? 218 ALA A CA    1 
ATOM   520  C C     . ALA A 1 75 ? -0.229  -1.943  -3.544  1.00 39.61 ? 218 ALA A C     1 
ATOM   521  O O     . ALA A 1 75 ? -0.458  -3.097  -3.917  1.00 40.75 ? 218 ALA A O     1 
ATOM   522  C CB    . ALA A 1 75 ? -2.137  -0.491  -2.744  1.00 41.03 ? 218 ALA A CB    1 
ATOM   523  N N     . ALA A 1 76 ? 0.617   -1.143  -4.173  1.00 38.91 ? 219 ALA A N     1 
ATOM   524  C CA    . ALA A 1 76 ? 1.395   -1.601  -5.331  1.00 38.33 ? 219 ALA A CA    1 
ATOM   525  C C     . ALA A 1 76 ? 2.214   -2.849  -4.966  1.00 38.49 ? 219 ALA A C     1 
ATOM   526  O O     . ALA A 1 76 ? 2.188   -3.855  -5.707  1.00 38.37 ? 219 ALA A O     1 
ATOM   527  C CB    . ALA A 1 76 ? 2.318   -0.505  -5.820  1.00 37.01 ? 219 ALA A CB    1 
ATOM   528  N N     . LYS A 1 77 ? 2.959   -2.773  -3.858  1.00 38.68 ? 220 LYS A N     1 
ATOM   529  C CA    . LYS A 1 77 ? 3.785   -3.907  -3.369  1.00 39.82 ? 220 LYS A CA    1 
ATOM   530  C C     . LYS A 1 77 ? 2.913   -5.144  -3.134  1.00 39.58 ? 220 LYS A C     1 
ATOM   531  O O     . LYS A 1 77 ? 3.265   -6.257  -3.511  1.00 40.16 ? 220 LYS A O     1 
ATOM   532  C CB    . LYS A 1 77 ? 4.442   -3.555  -2.038  1.00 40.26 ? 220 LYS A CB    1 
ATOM   533  C CG    . LYS A 1 77 ? 5.902   -3.265  -2.109  1.00 45.59 ? 220 LYS A CG    1 
ATOM   534  C CD    . LYS A 1 77 ? 6.593   -3.890  -0.904  1.00 49.34 ? 220 LYS A CD    1 
ATOM   535  C CE    . LYS A 1 77 ? 7.820   -3.085  -0.550  1.00 50.19 ? 220 LYS A CE    1 
ATOM   536  N NZ    . LYS A 1 77 ? 8.468   -3.569  0.691   1.00 53.23 ? 220 LYS A NZ    1 
ATOM   537  N N     . MET A 1 78 ? 1.755   -4.941  -2.528  1.00 39.14 ? 221 MET A N     1 
ATOM   538  C CA    . MET A 1 78 ? 0.834   -6.056  -2.295  1.00 39.97 ? 221 MET A CA    1 
ATOM   539  C C     . MET A 1 78 ? 0.318   -6.659  -3.607  1.00 40.93 ? 221 MET A C     1 
ATOM   540  O O     . MET A 1 78 ? 0.226   -7.882  -3.737  1.00 42.19 ? 221 MET A O     1 
ATOM   541  C CB    . MET A 1 78 ? -0.313  -5.653  -1.362  1.00 39.43 ? 221 MET A CB    1 
ATOM   542  C CG    . MET A 1 78 ? -1.264  -6.807  -0.986  1.00 38.77 ? 221 MET A CG    1 
ATOM   543  S SD    . MET A 1 78 ? -0.396  -8.132  -0.104  1.00 39.22 ? 221 MET A SD    1 
ATOM   544  C CE    . MET A 1 78 ? -0.144  -7.310  1.502   1.00 32.35 ? 221 MET A CE    1 
ATOM   545  N N     . LEU A 1 79 ? -0.024  -5.809  -4.569  1.00 41.14 ? 222 LEU A N     1 
ATOM   546  C CA    . LEU A 1 79 ? -0.448  -6.274  -5.883  1.00 41.98 ? 222 LEU A CA    1 
ATOM   547  C C     . LEU A 1 79 ? 0.629   -7.163  -6.530  1.00 41.37 ? 222 LEU A C     1 
ATOM   548  O O     . LEU A 1 79 ? 0.336   -8.211  -7.094  1.00 41.40 ? 222 LEU A O     1 
ATOM   549  C CB    . LEU A 1 79 ? -0.748  -5.076  -6.794  1.00 41.28 ? 222 LEU A CB    1 
ATOM   550  C CG    . LEU A 1 79 ? -2.122  -4.379  -6.649  1.00 43.70 ? 222 LEU A CG    1 
ATOM   551  C CD1   . LEU A 1 79 ? -2.145  -3.021  -7.407  1.00 40.76 ? 222 LEU A CD1   1 
ATOM   552  C CD2   . LEU A 1 79 ? -3.260  -5.307  -7.160  1.00 44.70 ? 222 LEU A CD2   1 
ATOM   553  N N     . LEU A 1 80 ? 1.871   -6.726  -6.436  1.00 41.00 ? 223 LEU A N     1 
ATOM   554  C CA    . LEU A 1 80 ? 3.007   -7.499  -6.934  1.00 41.19 ? 223 LEU A CA    1 
ATOM   555  C C     . LEU A 1 80 ? 3.106   -8.843  -6.194  1.00 41.72 ? 223 LEU A C     1 
ATOM   556  O O     . LEU A 1 80 ? 3.280   -9.891  -6.827  1.00 41.78 ? 223 LEU A O     1 
ATOM   557  C CB    . LEU A 1 80 ? 4.302   -6.698  -6.821  1.00 39.48 ? 223 LEU A CB    1 
ATOM   558  C CG    . LEU A 1 80 ? 4.411   -5.465  -7.739  1.00 39.80 ? 223 LEU A CG    1 
ATOM   559  C CD1   . LEU A 1 80 ? 5.567   -4.552  -7.323  1.00 40.91 ? 223 LEU A CD1   1 
ATOM   560  C CD2   . LEU A 1 80 ? 4.534   -5.818  -9.214  1.00 38.96 ? 223 LEU A CD2   1 
ATOM   561  N N     . ARG A 1 81 ? 2.943   -8.802  -4.875  1.00 42.22 ? 224 ARG A N     1 
ATOM   562  C CA    . ARG A 1 81 ? 3.006   -10.006 -4.054  1.00 44.20 ? 224 ARG A CA    1 
ATOM   563  C C     . ARG A 1 81 ? 1.917   -11.011 -4.468  1.00 44.81 ? 224 ARG A C     1 
ATOM   564  O O     . ARG A 1 81 ? 2.229   -12.153 -4.810  1.00 44.31 ? 224 ARG A O     1 
ATOM   565  C CB    . ARG A 1 81 ? 2.918   -9.661  -2.562  1.00 43.90 ? 224 ARG A CB    1 
ATOM   566  C CG    . ARG A 1 81 ? 2.688   -10.862 -1.657  1.00 46.34 ? 224 ARG A CG    1 
ATOM   567  C CD    . ARG A 1 81 ? 3.868   -11.889 -1.714  1.00 46.68 ? 224 ARG A CD    1 
ATOM   568  N NE    . ARG A 1 81 ? 4.994   -11.398 -0.932  1.00 47.42 ? 224 ARG A NE    1 
ATOM   569  C CZ    . ARG A 1 81 ? 6.239   -11.854 -0.990  1.00 51.27 ? 224 ARG A CZ    1 
ATOM   570  N NH1   . ARG A 1 81 ? 6.579   -12.847 -1.816  1.00 49.24 ? 224 ARG A NH1   1 
ATOM   571  N NH2   . ARG A 1 81 ? 7.163   -11.302 -0.205  1.00 51.97 ? 224 ARG A NH2   1 
ATOM   572  N N     . VAL A 1 82 ? 0.665   -10.557 -4.494  1.00 45.37 ? 225 VAL A N     1 
ATOM   573  C CA    . VAL A 1 82 ? -0.478  -11.415 -4.814  1.00 46.76 ? 225 VAL A CA    1 
ATOM   574  C C     . VAL A 1 82 ? -0.452  -11.964 -6.248  1.00 47.70 ? 225 VAL A C     1 
ATOM   575  O O     . VAL A 1 82 ? -0.742  -13.144 -6.463  1.00 47.92 ? 225 VAL A O     1 
ATOM   576  C CB    . VAL A 1 82 ? -1.839  -10.690 -4.521  1.00 46.87 ? 225 VAL A CB    1 
ATOM   577  C CG1   . VAL A 1 82 ? -3.033  -11.493 -5.055  1.00 47.05 ? 225 VAL A CG1   1 
ATOM   578  C CG2   . VAL A 1 82 ? -1.984  -10.472 -3.022  1.00 46.10 ? 225 VAL A CG2   1 
ATOM   579  N N     . HIS A 1 83 ? -0.086  -11.120 -7.212  1.00 48.70 ? 226 HIS A N     1 
ATOM   580  C CA    . HIS A 1 83 ? -0.034  -11.519 -8.618  1.00 49.50 ? 226 HIS A CA    1 
ATOM   581  C C     . HIS A 1 83 ? 1.158   -12.420 -8.971  1.00 50.24 ? 226 HIS A C     1 
ATOM   582  O O     . HIS A 1 83 ? 1.137   -13.084 -10.013 1.00 51.04 ? 226 HIS A O     1 
ATOM   583  C CB    . HIS A 1 83 ? -0.045  -10.300 -9.541  1.00 49.74 ? 226 HIS A CB    1 
ATOM   584  C CG    . HIS A 1 83 ? -1.401  -9.701  -9.751  1.00 49.84 ? 226 HIS A CG    1 
ATOM   585  N ND1   . HIS A 1 83 ? -2.415  -10.365 -10.409 1.00 49.66 ? 226 HIS A ND1   1 
ATOM   586  C CD2   . HIS A 1 83 ? -1.897  -8.481  -9.432  1.00 51.83 ? 226 HIS A CD2   1 
ATOM   587  C CE1   . HIS A 1 83 ? -3.488  -9.592  -10.455 1.00 50.18 ? 226 HIS A CE1   1 
ATOM   588  N NE2   . HIS A 1 83 ? -3.198  -8.441  -9.876  1.00 50.31 ? 226 HIS A NE2   1 
ATOM   589  N N     . THR A 1 84 ? 2.193   -12.448 -8.128  1.00 50.60 ? 227 THR A N     1 
ATOM   590  C CA    . THR A 1 84 ? 3.410   -13.215 -8.457  1.00 50.43 ? 227 THR A CA    1 
ATOM   591  C C     . THR A 1 84 ? 3.581   -14.452 -7.580  1.00 50.88 ? 227 THR A C     1 
ATOM   592  O O     . THR A 1 84 ? 4.442   -15.302 -7.855  1.00 50.98 ? 227 THR A O     1 
ATOM   593  C CB    . THR A 1 84 ? 4.739   -12.353 -8.469  1.00 50.46 ? 227 THR A CB    1 
ATOM   594  O OG1   . THR A 1 84 ? 5.086   -11.936 -7.139  1.00 49.93 ? 227 THR A OG1   1 
ATOM   595  C CG2   . THR A 1 84 ? 4.614   -11.131 -9.389  1.00 48.84 ? 227 THR A CG2   1 
ATOM   596  P P     . C   B 2 1  ? -5.146  13.838  -6.941  1.00 68.48 ? 1   C   B P     1 
ATOM   597  O OP1   . C   B 2 1  ? -5.298  13.889  -5.460  1.00 65.84 ? 1   C   B OP1   1 
ATOM   598  O OP2   . C   B 2 1  ? -3.887  13.364  -7.581  1.00 67.75 ? 1   C   B OP2   1 
ATOM   599  O "O5'" . C   B 2 1  ? -5.560  15.255  -7.544  1.00 65.14 ? 1   C   B "O5'" 1 
ATOM   600  C "C5'" . C   B 2 1  ? -5.691  15.490  -8.923  1.00 65.03 ? 1   C   B "C5'" 1 
ATOM   601  C "C4'" . C   B 2 1  ? -6.889  16.393  -9.149  1.00 64.30 ? 1   C   B "C4'" 1 
ATOM   602  O "O4'" . C   B 2 1  ? -8.082  15.646  -8.804  1.00 64.97 ? 1   C   B "O4'" 1 
ATOM   603  C "C3'" . C   B 2 1  ? -6.995  17.606  -8.230  1.00 62.92 ? 1   C   B "C3'" 1 
ATOM   604  O "O3'" . C   B 2 1  ? -6.123  18.673  -8.632  1.00 61.62 ? 1   C   B "O3'" 1 
ATOM   605  C "C2'" . C   B 2 1  ? -8.480  17.937  -8.358  1.00 62.85 ? 1   C   B "C2'" 1 
ATOM   606  O "O2'" . C   B 2 1  ? -8.831  18.581  -9.571  1.00 62.31 ? 1   C   B "O2'" 1 
ATOM   607  C "C1'" . C   B 2 1  ? -9.078  16.529  -8.305  1.00 62.94 ? 1   C   B "C1'" 1 
ATOM   608  N N1    . C   B 2 1  ? -9.567  16.082  -6.933  1.00 61.11 ? 1   C   B N1    1 
ATOM   609  C C2    . C   B 2 1  ? -10.868 16.434  -6.508  1.00 61.18 ? 1   C   B C2    1 
ATOM   610  O O2    . C   B 2 1  ? -11.625 17.108  -7.242  1.00 60.17 ? 1   C   B O2    1 
ATOM   611  N N3    . C   B 2 1  ? -11.277 16.017  -5.279  1.00 59.91 ? 1   C   B N3    1 
ATOM   612  C C4    . C   B 2 1  ? -10.476 15.295  -4.493  1.00 60.76 ? 1   C   B C4    1 
ATOM   613  N N4    . C   B 2 1  ? -10.962 14.919  -3.305  1.00 60.56 ? 1   C   B N4    1 
ATOM   614  C C5    . C   B 2 1  ? -9.155  14.922  -4.899  1.00 60.37 ? 1   C   B C5    1 
ATOM   615  C C6    . C   B 2 1  ? -8.755  15.340  -6.111  1.00 61.21 ? 1   C   B C6    1 
ATOM   616  P P     . G   B 2 2  ? -5.243  19.479  -7.550  0.50 59.07 ? 2   G   B P     1 
ATOM   617  O OP1   . G   B 2 2  ? -4.238  20.268  -8.308  0.50 58.58 ? 2   G   B OP1   1 
ATOM   618  O OP2   . G   B 2 2  ? -4.795  18.572  -6.468  0.50 57.61 ? 2   G   B OP2   1 
ATOM   619  O "O5'" . G   B 2 2  ? -6.336  20.479  -6.949  0.50 55.74 ? 2   G   B "O5'" 1 
ATOM   620  C "C5'" . G   B 2 2  ? -7.095  21.289  -7.839  0.50 52.13 ? 2   G   B "C5'" 1 
ATOM   621  C "C4'" . G   B 2 2  ? -8.373  21.817  -7.210  0.50 49.48 ? 2   G   B "C4'" 1 
ATOM   622  O "O4'" . G   B 2 2  ? -9.339  20.757  -7.003  0.50 48.58 ? 2   G   B "O4'" 1 
ATOM   623  C "C3'" . G   B 2 2  ? -8.255  22.438  -5.827  0.50 47.90 ? 2   G   B "C3'" 1 
ATOM   624  O "O3'" . G   B 2 2  ? -7.647  23.724  -5.916  0.50 48.22 ? 2   G   B "O3'" 1 
ATOM   625  C "C2'" . G   B 2 2  ? -9.746  22.519  -5.520  0.50 47.01 ? 2   G   B "C2'" 1 
ATOM   626  O "O2'" . G   B 2 2  ? -10.370 23.531  -6.292  0.50 46.03 ? 2   G   B "O2'" 1 
ATOM   627  C "C1'" . G   B 2 2  ? -10.223 21.134  -5.958  0.50 46.13 ? 2   G   B "C1'" 1 
ATOM   628  N N9    . G   B 2 2  ? -10.191 20.141  -4.871  0.50 45.39 ? 2   G   B N9    1 
ATOM   629  C C8    . G   B 2 2  ? -9.211  19.213  -4.643  0.50 44.92 ? 2   G   B C8    1 
ATOM   630  N N7    . G   B 2 2  ? -9.415  18.468  -3.595  0.50 44.81 ? 2   G   B N7    1 
ATOM   631  C C5    . G   B 2 2  ? -10.619 18.925  -3.085  0.50 45.16 ? 2   G   B C5    1 
ATOM   632  C C6    . G   B 2 2  ? -11.354 18.487  -1.947  0.50 44.71 ? 2   G   B C6    1 
ATOM   633  O O6    . G   B 2 2  ? -11.075 17.577  -1.143  1.00 47.26 ? 2   G   B O6    1 
ATOM   634  N N1    . G   B 2 2  ? -12.523 19.213  -1.766  0.50 43.30 ? 2   G   B N1    1 
ATOM   635  C C2    . G   B 2 2  ? -12.936 20.231  -2.583  0.50 44.76 ? 2   G   B C2    1 
ATOM   636  N N2    . G   B 2 2  ? -14.094 20.810  -2.228  1.00 46.04 ? 2   G   B N2    1 
ATOM   637  N N3    . G   B 2 2  ? -12.268 20.648  -3.663  0.50 44.81 ? 2   G   B N3    1 
ATOM   638  C C4    . G   B 2 2  ? -11.114 19.957  -3.859  0.50 44.83 ? 2   G   B C4    1 
ATOM   639  P P     . C   B 2 3  ? -6.833  24.350  -4.686  0.50 46.76 ? 3   C   B P     1 
ATOM   640  O OP1   . C   B 2 3  ? -6.174  25.565  -5.210  0.50 48.39 ? 3   C   B OP1   1 
ATOM   641  O OP2   . C   B 2 3  ? -6.017  23.316  -4.031  0.50 46.75 ? 3   C   B OP2   1 
ATOM   642  O "O5'" . C   B 2 3  ? -8.006  24.773  -3.680  0.50 47.04 ? 3   C   B "O5'" 1 
ATOM   643  C "C5'" . C   B 2 3  ? -8.932  25.819  -4.004  0.50 45.19 ? 3   C   B "C5'" 1 
ATOM   644  C "C4'" . C   B 2 3  ? -10.134 25.812  -3.070  0.50 44.47 ? 3   C   B "C4'" 1 
ATOM   645  O "O4'" . C   B 2 3  ? -10.797 24.516  -3.120  0.50 44.85 ? 3   C   B "O4'" 1 
ATOM   646  C "C3'" . C   B 2 3  ? -9.844  26.004  -1.582  0.50 43.82 ? 3   C   B "C3'" 1 
ATOM   647  O "O3'" . C   B 2 3  ? -9.604  27.374  -1.236  0.50 41.91 ? 3   C   B "O3'" 1 
ATOM   648  C "C2'" . C   B 2 3  ? -11.127 25.426  -0.978  0.50 44.63 ? 3   C   B "C2'" 1 
ATOM   649  O "O2'" . C   B 2 3  ? -12.273 26.239  -1.117  0.50 45.08 ? 3   C   B "O2'" 1 
ATOM   650  C "C1'" . C   B 2 3  ? -11.317 24.176  -1.832  0.50 44.88 ? 3   C   B "C1'" 1 
ATOM   651  N N1    . C   B 2 3  ? -10.660 22.953  -1.218  0.50 44.02 ? 3   C   B N1    1 
ATOM   652  C C2    . C   B 2 3  ? -11.225 22.297  -0.090  0.50 44.51 ? 3   C   B C2    1 
ATOM   653  O O2    . C   B 2 3  ? -12.277 22.693  0.439   1.00 47.86 ? 3   C   B O2    1 
ATOM   654  N N3    . C   B 2 3  ? -10.603 21.213  0.422   0.50 42.18 ? 3   C   B N3    1 
ATOM   655  C C4    . C   B 2 3  ? -9.460  20.776  -0.119  0.50 43.82 ? 3   C   B C4    1 
ATOM   656  N N4    . C   B 2 3  ? -8.865  19.713  0.436   1.00 46.14 ? 3   C   B N4    1 
ATOM   657  C C5    . C   B 2 3  ? -8.862  21.417  -1.246  0.50 44.45 ? 3   C   B C5    1 
ATOM   658  C C6    . C   B 2 3  ? -9.490  22.486  -1.752  0.50 43.78 ? 3   C   B C6    1 
ATOM   659  P P     . G   B 2 4  ? -8.609  27.796  -0.043  0.50 42.22 ? 4   G   B P     1 
ATOM   660  O OP1   . G   B 2 4  ? -8.314  29.241  -0.213  0.50 42.17 ? 4   G   B OP1   1 
ATOM   661  O OP2   . G   B 2 4  ? -7.490  26.848  0.032   0.50 41.86 ? 4   G   B OP2   1 
ATOM   662  O "O5'" . G   B 2 4  ? -9.523  27.619  1.264   0.50 41.74 ? 4   G   B "O5'" 1 
ATOM   663  C "C5'" . G   B 2 4  ? -10.792 28.293  1.339   0.50 41.13 ? 4   G   B "C5'" 1 
ATOM   664  C "C4'" . G   B 2 4  ? -11.641 27.889  2.538   0.50 39.77 ? 4   G   B "C4'" 1 
ATOM   665  O "O4'" . G   B 2 4  ? -12.120 26.536  2.370   0.50 40.04 ? 4   G   B "O4'" 1 
ATOM   666  C "C3'" . G   B 2 4  ? -10.967 27.866  3.912   0.50 40.29 ? 4   G   B "C3'" 1 
ATOM   667  O "O3'" . G   B 2 4  ? -10.943 29.164  4.494   0.50 36.15 ? 4   G   B "O3'" 1 
ATOM   668  C "C2'" . G   B 2 4  ? -11.859 26.898  4.690   0.50 39.56 ? 4   G   B "C2'" 1 
ATOM   669  O "O2'" . G   B 2 4  ? -13.153 27.411  4.986   0.50 37.63 ? 4   G   B "O2'" 1 
ATOM   670  C "C1'" . G   B 2 4  ? -12.063 25.854  3.619   0.50 41.55 ? 4   G   B "C1'" 1 
ATOM   671  N N9    . G   B 2 4  ? -11.118 24.731  3.584   1.00 42.82 ? 4   G   B N9    1 
ATOM   672  C C8    . G   B 2 4  ? -10.096 24.545  2.668   1.00 43.63 ? 4   G   B C8    1 
ATOM   673  N N7    . G   B 2 4  ? -9.439  23.431  2.859   1.00 44.67 ? 4   G   B N7    1 
ATOM   674  C C5    . G   B 2 4  ? -10.042 22.841  3.961   0.50 42.36 ? 4   G   B C5    1 
ATOM   675  C C6    . G   B 2 4  ? -9.731  21.624  4.615   0.50 42.54 ? 4   G   B C6    1 
ATOM   676  O O6    . G   B 2 4  ? -8.844  20.812  4.324   1.00 45.20 ? 4   G   B O6    1 
ATOM   677  N N1    . G   B 2 4  ? -10.560 21.364  5.702   0.50 40.21 ? 4   G   B N1    1 
ATOM   678  C C2    . G   B 2 4  ? -11.569 22.208  6.095   0.50 42.01 ? 4   G   B C2    1 
ATOM   679  N N2    . G   B 2 4  ? -12.258 21.797  7.163   1.00 42.51 ? 4   G   B N2    1 
ATOM   680  N N3    . G   B 2 4  ? -11.882 23.362  5.492   0.50 40.47 ? 4   G   B N3    1 
ATOM   681  C C4    . G   B 2 4  ? -11.078 23.625  4.428   0.50 41.75 ? 4   G   B C4    1 
ATOM   682  P P     . C   B 2 5  ? -9.693  29.607  5.364   0.50 38.65 ? 5   C   B P     1 
ATOM   683  O OP1   . C   B 2 5  ? -9.822  31.063  5.579   0.50 36.97 ? 5   C   B OP1   1 
ATOM   684  O OP2   . C   B 2 5  ? -8.459  29.027  4.782   0.50 37.58 ? 5   C   B OP2   1 
ATOM   685  O "O5'" . C   B 2 5  ? -9.918  28.837  6.748   0.50 37.23 ? 5   C   B "O5'" 1 
ATOM   686  C "C5'" . C   B 2 5  ? -10.901 29.269  7.669   0.50 35.98 ? 5   C   B "C5'" 1 
ATOM   687  C "C4'" . C   B 2 5  ? -11.142 28.179  8.685   0.50 33.17 ? 5   C   B "C4'" 1 
ATOM   688  O "O4'" . C   B 2 5  ? -11.489 26.910  8.041   0.50 32.87 ? 5   C   B "O4'" 1 
ATOM   689  C "C3'" . C   B 2 5  ? -9.909  27.887  9.505   0.50 32.42 ? 5   C   B "C3'" 1 
ATOM   690  O "O3'" . C   B 2 5  ? -9.688  28.888  10.523  0.50 33.03 ? 5   C   B "O3'" 1 
ATOM   691  C "C2'" . C   B 2 5  ? -10.244 26.473  9.982   0.50 30.73 ? 5   C   B "C2'" 1 
ATOM   692  O "O2'" . C   B 2 5  ? -11.248 26.354  10.971  0.50 30.54 ? 5   C   B "O2'" 1 
ATOM   693  C "C1'" . C   B 2 5  ? -10.775 25.866  8.699   0.50 32.59 ? 5   C   B "C1'" 1 
ATOM   694  N N1    . C   B 2 5  ? -9.722  25.148  7.864   0.50 32.06 ? 5   C   B N1    1 
ATOM   695  C C2    . C   B 2 5  ? -9.292  23.896  8.329   0.50 32.89 ? 5   C   B C2    1 
ATOM   696  O O2    . C   B 2 5  ? -9.765  23.438  9.388   1.00 37.95 ? 5   C   B O2    1 
ATOM   697  N N3    . C   B 2 5  ? -8.360  23.209  7.627   0.50 31.07 ? 5   C   B N3    1 
ATOM   698  C C4    . C   B 2 5  ? -7.839  23.742  6.517   0.50 33.17 ? 5   C   B C4    1 
ATOM   699  N N4    . C   B 2 5  ? -6.923  22.997  5.893   1.00 36.10 ? 5   C   B N4    1 
ATOM   700  C C5    . C   B 2 5  ? -8.246  25.024  6.002   0.50 32.54 ? 5   C   B C5    1 
ATOM   701  C C6    . C   B 2 5  ? -9.178  25.689  6.710   0.50 31.56 ? 5   C   B C6    1 
ATOM   702  P P     . G   B 2 6  ? -8.205  29.332  10.945  0.50 35.71 ? 6   G   B P     1 
ATOM   703  O OP1   . G   B 2 6  ? -8.297  30.474  11.860  0.50 37.56 ? 6   G   B OP1   1 
ATOM   704  O OP2   . G   B 2 6  ? -7.369  29.414  9.732   0.50 37.02 ? 6   G   B OP2   1 
ATOM   705  O "O5'" . G   B 2 6  ? -7.668  28.119  11.829  0.50 36.42 ? 6   G   B "O5'" 1 
ATOM   706  C "C5'" . G   B 2 6  ? -8.347  27.672  12.991  0.50 34.72 ? 6   G   B "C5'" 1 
ATOM   707  C "C4'" . G   B 2 6  ? -7.796  26.319  13.422  0.50 34.16 ? 6   G   B "C4'" 1 
ATOM   708  O "O4'" . G   B 2 6  ? -8.083  25.338  12.390  0.50 35.52 ? 6   G   B "O4'" 1 
ATOM   709  C "C3'" . G   B 2 6  ? -6.280  26.218  13.552  0.50 34.10 ? 6   G   B "C3'" 1 
ATOM   710  O "O3'" . G   B 2 6  ? -5.742  26.839  14.719  0.50 34.57 ? 6   G   B "O3'" 1 
ATOM   711  C "C2'" . G   B 2 6  ? -6.098  24.700  13.535  0.50 34.95 ? 6   G   B "C2'" 1 
ATOM   712  O "O2'" . G   B 2 6  ? -6.505  24.021  14.704  0.50 32.67 ? 6   G   B "O2'" 1 
ATOM   713  C "C1'" . G   B 2 6  ? -7.065  24.337  12.434  0.50 38.44 ? 6   G   B "C1'" 1 
ATOM   714  N N9    . G   B 2 6  ? -6.406  24.209  11.141  1.00 41.44 ? 6   G   B N9    1 
ATOM   715  C C8    . G   B 2 6  ? -6.490  25.084  10.074  1.00 41.79 ? 6   G   B C8    1 
ATOM   716  N N7    . G   B 2 6  ? -5.822  24.660  9.027   1.00 44.29 ? 6   G   B N7    1 
ATOM   717  C C5    . G   B 2 6  ? -5.263  23.444  9.423   0.50 40.67 ? 6   G   B C5    1 
ATOM   718  C C6    . G   B 2 6  ? -4.427  22.542  8.725   0.50 40.75 ? 6   G   B C6    1 
ATOM   719  O O6    . G   B 2 6  ? -3.991  22.641  7.581   1.00 42.78 ? 6   G   B O6    1 
ATOM   720  N N1    . G   B 2 6  ? -4.075  21.426  9.475   0.50 38.79 ? 6   G   B N1    1 
ATOM   721  C C2    . G   B 2 6  ? -4.499  21.230  10.751  0.50 39.78 ? 6   G   B C2    1 
ATOM   722  N N2    . G   B 2 6  ? -4.067  20.118  11.326  1.00 41.34 ? 6   G   B N2    1 
ATOM   723  N N3    . G   B 2 6  ? -5.273  22.059  11.433  0.50 39.06 ? 6   G   B N3    1 
ATOM   724  C C4    . G   B 2 6  ? -5.621  23.148  10.711  0.50 40.14 ? 6   G   B C4    1 
ATOM   725  P P     . C   B 2 7  ? -4.235  27.354  14.683  0.50 36.60 ? 7   C   B P     1 
ATOM   726  O OP1   . C   B 2 7  ? -3.980  28.043  15.958  0.50 37.92 ? 7   C   B OP1   1 
ATOM   727  O OP2   . C   B 2 7  ? -4.014  28.064  13.403  0.50 36.80 ? 7   C   B OP2   1 
ATOM   728  O "O5'" . C   B 2 7  ? -3.418  25.975  14.627  0.50 38.74 ? 7   C   B "O5'" 1 
ATOM   729  C "C5'" . C   B 2 7  ? -3.247  25.210  15.811  0.50 40.06 ? 7   C   B "C5'" 1 
ATOM   730  C "C4'" . C   B 2 7  ? -2.554  23.888  15.559  0.50 39.48 ? 7   C   B "C4'" 1 
ATOM   731  O "O4'" . C   B 2 7  ? -3.096  23.213  14.385  0.50 39.14 ? 7   C   B "O4'" 1 
ATOM   732  C "C3'" . C   B 2 7  ? -1.073  24.009  15.244  0.50 40.34 ? 7   C   B "C3'" 1 
ATOM   733  O "O3'" . C   B 2 7  ? -0.293  24.268  16.402  0.50 42.04 ? 7   C   B "O3'" 1 
ATOM   734  C "C2'" . C   B 2 7  ? -0.820  22.632  14.630  0.50 39.49 ? 7   C   B "C2'" 1 
ATOM   735  O "O2'" . C   B 2 7  ? -0.790  21.599  15.593  0.50 39.91 ? 7   C   B "O2'" 1 
ATOM   736  C "C1'" . C   B 2 7  ? -2.049  22.499  13.742  0.50 37.93 ? 7   C   B "C1'" 1 
ATOM   737  N N1    . C   B 2 7  ? -1.865  22.998  12.319  0.50 37.90 ? 7   C   B N1    1 
ATOM   738  C C2    . C   B 2 7  ? -1.146  22.219  11.399  0.50 36.65 ? 7   C   B C2    1 
ATOM   739  O O2    . C   B 2 7  ? -0.636  21.164  11.772  0.50 37.25 ? 7   C   B O2    1 
ATOM   740  N N3    . C   B 2 7  ? -0.985  22.655  10.128  0.50 36.93 ? 7   C   B N3    1 
ATOM   741  C C4    . C   B 2 7  ? -1.515  23.819  9.746   0.50 38.48 ? 7   C   B C4    1 
ATOM   742  N N4    . C   B 2 7  ? -1.330  24.195  8.467   1.00 40.35 ? 7   C   B N4    1 
ATOM   743  C C5    . C   B 2 7  ? -2.257  24.633  10.653  0.50 37.35 ? 7   C   B C5    1 
ATOM   744  C C6    . C   B 2 7  ? -2.404  24.191  11.910  0.50 36.85 ? 7   C   B C6    1 
ATOM   745  P P     . G   B 2 8  ? 0.920   25.291  16.248  0.50 45.23 ? 8   G   B P     1 
ATOM   746  O OP1   . G   B 2 8  ? 1.399   25.663  17.595  0.50 46.33 ? 8   G   B OP1   1 
ATOM   747  O OP2   . G   B 2 8  ? 0.569   26.368  15.283  0.50 45.36 ? 8   G   B OP2   1 
ATOM   748  O "O5'" . G   B 2 8  ? 1.954   24.274  15.580  0.50 46.62 ? 8   G   B "O5'" 1 
ATOM   749  C "C5'" . G   B 2 8  ? 2.212   23.053  16.275  0.50 48.21 ? 8   G   B "C5'" 1 
ATOM   750  C "C4'" . G   B 2 8  ? 3.044   22.111  15.435  0.50 49.80 ? 8   G   B "C4'" 1 
ATOM   751  O "O4'" . G   B 2 8  ? 2.321   21.718  14.234  0.50 50.50 ? 8   G   B "O4'" 1 
ATOM   752  C "C3'" . G   B 2 8  ? 4.325   22.728  14.916  0.50 49.95 ? 8   G   B "C3'" 1 
ATOM   753  O "O3'" . G   B 2 8  ? 5.311   22.709  15.946  0.50 50.47 ? 8   G   B "O3'" 1 
ATOM   754  C "C2'" . G   B 2 8  ? 4.636   21.801  13.745  0.50 51.00 ? 8   G   B "C2'" 1 
ATOM   755  O "O2'" . G   B 2 8  ? 5.215   20.579  14.161  0.50 51.14 ? 8   G   B "O2'" 1 
ATOM   756  C "C1'" . G   B 2 8  ? 3.246   21.543  13.168  0.50 51.09 ? 8   G   B "C1'" 1 
ATOM   757  N N9    . G   B 2 8  ? 2.819   22.422  12.076  1.00 51.81 ? 8   G   B N9    1 
ATOM   758  C C8    . G   B 2 8  ? 1.976   23.501  12.223  1.00 52.16 ? 8   G   B C8    1 
ATOM   759  N N7    . G   B 2 8  ? 1.705   24.120  11.115  1.00 52.01 ? 8   G   B N7    1 
ATOM   760  C C5    . G   B 2 8  ? 2.410   23.405  10.164  0.50 51.06 ? 8   G   B C5    1 
ATOM   761  C C6    . G   B 2 8  ? 2.479   23.632  8.780   0.50 51.08 ? 8   G   B C6    1 
ATOM   762  O O6    . G   B 2 8  ? 1.915   24.533  8.154   1.00 52.15 ? 8   G   B O6    1 
ATOM   763  N N1    . G   B 2 8  ? 3.278   22.704  8.123   0.50 50.78 ? 8   G   B N1    1 
ATOM   764  C C2    . G   B 2 8  ? 3.928   21.673  8.745   0.50 51.17 ? 8   G   B C2    1 
ATOM   765  N N2    . G   B 2 8  ? 4.657   20.895  7.931   1.00 51.38 ? 8   G   B N2    1 
ATOM   766  N N3    . G   B 2 8  ? 3.869   21.437  10.058  0.50 51.47 ? 8   G   B N3    1 
ATOM   767  C C4    . G   B 2 8  ? 3.092   22.346  10.716  0.50 51.40 ? 8   G   B C4    1 
ATOM   768  P P     . C   B 2 9  ? 6.370   23.905  16.041  0.50 49.75 ? 9   C   B P     1 
ATOM   769  O OP1   . C   B 2 9  ? 7.133   23.767  17.304  0.50 49.96 ? 9   C   B OP1   1 
ATOM   770  O OP2   . C   B 2 9  ? 5.667   25.177  15.737  0.50 49.49 ? 9   C   B OP2   1 
ATOM   771  O "O5'" . C   B 2 9  ? 7.357   23.544  14.839  0.50 48.26 ? 9   C   B "O5'" 1 
ATOM   772  C "C5'" . C   B 2 9  ? 7.110   24.020  13.523  0.50 46.24 ? 9   C   B "C5'" 1 
ATOM   773  C "C4'" . C   B 2 9  ? 7.958   23.234  12.541  0.50 44.74 ? 9   C   B "C4'" 1 
ATOM   774  O "O4'" . C   B 2 9  ? 7.082   22.615  11.562  0.50 44.07 ? 9   C   B "O4'" 1 
ATOM   775  C "C3'" . C   B 2 9  ? 8.955   24.051  11.729  0.50 44.60 ? 9   C   B "C3'" 1 
ATOM   776  O "O3'" . C   B 2 9  ? 10.210  24.081  12.394  0.50 44.56 ? 9   C   B "O3'" 1 
ATOM   777  C "C2'" . C   B 2 9  ? 9.018   23.219  10.451  0.50 44.21 ? 9   C   B "C2'" 1 
ATOM   778  O "O2'" . C   B 2 9  ? 9.765   22.027  10.645  0.50 45.43 ? 9   C   B "O2'" 1 
ATOM   779  C "C1'" . C   B 2 9  ? 7.555   22.856  10.250  0.50 41.64 ? 9   C   B "C1'" 1 
ATOM   780  N N1    . C   B 2 9  ? 6.659   23.866  9.534   0.50 40.75 ? 9   C   B N1    1 
ATOM   781  C C2    . C   B 2 9  ? 6.622   23.939  8.121   0.50 39.70 ? 9   C   B C2    1 
ATOM   782  O O2    . C   B 2 9  ? 7.338   23.197  7.434   0.50 40.16 ? 9   C   B O2    1 
ATOM   783  N N3    . C   B 2 9  ? 5.802   24.844  7.524   0.50 38.72 ? 9   C   B N3    1 
ATOM   784  C C4    . C   B 2 9  ? 5.042   25.656  8.269   0.50 39.35 ? 9   C   B C4    1 
ATOM   785  N N4    . C   B 2 9  ? 4.251   26.539  7.644   0.50 40.37 ? 9   C   B N4    1 
ATOM   786  C C5    . C   B 2 9  ? 5.052   25.600  9.693   0.50 38.69 ? 9   C   B C5    1 
ATOM   787  C C6    . C   B 2 9  ? 5.852   24.702  10.268  0.50 38.70 ? 9   C   B C6    1 
ATOM   788  P P     . G   B 2 10 ? 11.210  25.329  12.309  0.50 44.72 ? 10  G   B P     1 
ATOM   789  O OP1   . G   B 2 10 ? 12.397  24.967  13.104  0.50 43.62 ? 10  G   B OP1   1 
ATOM   790  O OP2   . G   B 2 10 ? 10.458  26.554  12.649  0.50 43.67 ? 10  G   B OP2   1 
ATOM   791  O "O5'" . G   B 2 10 ? 11.637  25.400  10.761  0.50 44.81 ? 10  G   B "O5'" 1 
ATOM   792  C "C5'" . G   B 2 10 ? 12.509  24.429  10.170  0.50 45.14 ? 10  G   B "C5'" 1 
ATOM   793  C "C4'" . G   B 2 10 ? 12.499  24.503  8.647   0.50 45.05 ? 10  G   B "C4'" 1 
ATOM   794  O "O4'" . G   B 2 10 ? 11.152  24.342  8.130   0.50 44.96 ? 10  G   B "O4'" 1 
ATOM   795  C "C3'" . G   B 2 10 ? 12.998  25.817  8.068   0.50 44.85 ? 10  G   B "C3'" 1 
ATOM   796  O "O3'" . G   B 2 10 ? 14.386  25.696  7.812   0.50 44.78 ? 10  G   B "O3'" 1 
ATOM   797  C "C2'" . G   B 2 10 ? 12.190  25.978  6.781   0.50 45.37 ? 10  G   B "C2'" 1 
ATOM   798  O "O2'" . G   B 2 10 ? 12.814  25.321  5.685   0.50 45.22 ? 10  G   B "O2'" 1 
ATOM   799  C "C1'" . G   B 2 10 ? 10.857  25.312  7.135   0.50 44.29 ? 10  G   B "C1'" 1 
ATOM   800  N N9    . G   B 2 10 ? 9.761   26.144  7.669   0.50 44.21 ? 10  G   B N9    1 
ATOM   801  C C8    . G   B 2 10 ? 9.416   26.266  9.003   0.50 44.59 ? 10  G   B C8    1 
ATOM   802  N N7    . G   B 2 10 ? 8.396   27.041  9.249   0.50 44.02 ? 10  G   B N7    1 
ATOM   803  C C5    . G   B 2 10 ? 8.010   27.464  7.986   0.50 44.12 ? 10  G   B C5    1 
ATOM   804  C C6    . G   B 2 10 ? 6.948   28.333  7.624   0.50 44.01 ? 10  G   B C6    1 
ATOM   805  O O6    . G   B 2 10 ? 6.131   28.889  8.375   0.50 43.84 ? 10  G   B O6    1 
ATOM   806  N N1    . G   B 2 10 ? 6.881   28.530  6.240   0.50 44.04 ? 10  G   B N1    1 
ATOM   807  C C2    . G   B 2 10 ? 7.743   27.951  5.329   0.50 44.09 ? 10  G   B C2    1 
ATOM   808  N N2    . G   B 2 10 ? 7.525   28.254  4.042   0.50 44.15 ? 10  G   B N2    1 
ATOM   809  N N3    . G   B 2 10 ? 8.742   27.128  5.654   0.50 44.35 ? 10  G   B N3    1 
ATOM   810  C C4    . G   B 2 10 ? 8.830   26.925  7.000   0.50 44.34 ? 10  G   B C4    1 
ATOM   811  P P     . C   C 2 1  ? 1.446   35.297  0.035   0.50 58.74 ? 1   C   C P     1 
ATOM   812  O OP1   . C   C 2 1  ? 0.952   36.232  -1.003  0.50 58.55 ? 1   C   C OP1   1 
ATOM   813  O OP2   . C   C 2 1  ? 2.854   35.395  0.487   0.50 59.12 ? 1   C   C OP2   1 
ATOM   814  O "O5'" . C   C 2 1  ? 1.172   33.788  -0.430  0.50 57.76 ? 1   C   C "O5'" 1 
ATOM   815  C "C5'" . C   C 2 1  ? 1.242   32.726  0.517   0.50 56.65 ? 1   C   C "C5'" 1 
ATOM   816  C "C4'" . C   C 2 1  ? 2.531   31.948  0.332   0.50 55.58 ? 1   C   C "C4'" 1 
ATOM   817  O "O4'" . C   C 2 1  ? 3.433   32.201  1.436   0.50 54.92 ? 1   C   C "O4'" 1 
ATOM   818  C "C3'" . C   C 2 1  ? 2.378   30.438  0.345   0.50 55.40 ? 1   C   C "C3'" 1 
ATOM   819  O "O3'" . C   C 2 1  ? 1.910   29.975  -0.924  0.50 55.87 ? 1   C   C "O3'" 1 
ATOM   820  C "C2'" . C   C 2 1  ? 3.805   29.987  0.663   0.50 54.90 ? 1   C   C "C2'" 1 
ATOM   821  O "O2'" . C   C 2 1  ? 4.639   29.910  -0.479  0.50 54.56 ? 1   C   C "O2'" 1 
ATOM   822  C "C1'" . C   C 2 1  ? 4.311   31.097  1.587   0.50 54.24 ? 1   C   C "C1'" 1 
ATOM   823  N N1    . C   C 2 1  ? 4.445   30.714  3.050   0.50 53.66 ? 1   C   C N1    1 
ATOM   824  C C2    . C   C 2 1  ? 5.506   29.888  3.481   0.50 53.25 ? 1   C   C C2    1 
ATOM   825  O O2    . C   C 2 1  ? 6.332   29.459  2.666   0.50 52.98 ? 1   C   C O2    1 
ATOM   826  N N3    . C   C 2 1  ? 5.602   29.571  4.803   0.50 53.07 ? 1   C   C N3    1 
ATOM   827  C C4    . C   C 2 1  ? 4.706   30.041  5.679   0.50 53.55 ? 1   C   C C4    1 
ATOM   828  N N4    . C   C 2 1  ? 4.844   29.697  6.966   0.50 53.49 ? 1   C   C N4    1 
ATOM   829  C C5    . C   C 2 1  ? 3.626   30.887  5.269   0.50 53.56 ? 1   C   C C5    1 
ATOM   830  C C6    . C   C 2 1  ? 3.538   31.191  3.964   0.50 53.79 ? 1   C   C C6    1 
ATOM   831  P P     . G   C 2 2  ? 1.514   28.430  -1.131  0.50 56.52 ? 2   G   C P     1 
ATOM   832  O OP1   . G   C 2 2  ? 0.269   28.396  -1.930  0.50 56.53 ? 2   G   C OP1   1 
ATOM   833  O OP2   . G   C 2 2  ? 1.558   27.752  0.189   0.50 55.75 ? 2   G   C OP2   1 
ATOM   834  O "O5'" . G   C 2 2  ? 2.712   27.906  -2.055  0.50 56.77 ? 2   G   C "O5'" 1 
ATOM   835  C "C5'" . G   C 2 2  ? 3.031   26.522  -2.136  0.50 57.33 ? 2   G   C "C5'" 1 
ATOM   836  C "C4'" . G   C 2 2  ? 4.266   26.187  -1.318  0.50 57.20 ? 2   G   C "C4'" 1 
ATOM   837  O "O4'" . G   C 2 2  ? 4.198   26.783  -0.004  0.50 56.77 ? 2   G   C "O4'" 1 
ATOM   838  C "C3'" . G   C 2 2  ? 4.396   24.706  -1.011  0.50 57.63 ? 2   G   C "C3'" 1 
ATOM   839  O "O3'" . G   C 2 2  ? 5.031   24.057  -2.106  0.50 58.97 ? 2   G   C "O3'" 1 
ATOM   840  C "C2'" . G   C 2 2  ? 5.191   24.651  0.303   0.50 56.46 ? 2   G   C "C2'" 1 
ATOM   841  O "O2'" . G   C 2 2  ? 6.558   24.322  0.138   0.50 55.72 ? 2   G   C "O2'" 1 
ATOM   842  C "C1'" . G   C 2 2  ? 5.083   26.076  0.845   0.50 55.43 ? 2   G   C "C1'" 1 
ATOM   843  N N9    . G   C 2 2  ? 4.651   26.217  2.241   0.50 55.05 ? 2   G   C N9    1 
ATOM   844  C C8    . G   C 2 2  ? 3.602   26.987  2.696   0.50 54.87 ? 2   G   C C8    1 
ATOM   845  N N7    . G   C 2 2  ? 3.437   26.951  3.988   0.50 54.50 ? 2   G   C N7    1 
ATOM   846  C C5    . G   C 2 2  ? 4.449   26.111  4.430   0.50 54.63 ? 2   G   C C5    1 
ATOM   847  C C6    . G   C 2 2  ? 4.774   25.700  5.748   0.50 54.76 ? 2   G   C C6    1 
ATOM   848  O O6    . G   C 2 2  ? 4.201   26.014  6.801   0.50 55.01 ? 2   G   C O6    1 
ATOM   849  N N1    . G   C 2 2  ? 5.866   24.833  5.783   0.50 54.41 ? 2   G   C N1    1 
ATOM   850  C C2    . G   C 2 2  ? 6.567   24.421  4.670   0.50 54.65 ? 2   G   C C2    1 
ATOM   851  N N2    . G   C 2 2  ? 7.596   23.587  4.895   0.50 54.77 ? 2   G   C N2    1 
ATOM   852  N N3    . G   C 2 2  ? 6.279   24.806  3.427   0.50 54.42 ? 2   G   C N3    1 
ATOM   853  C C4    . G   C 2 2  ? 5.210   25.649  3.373   0.50 54.76 ? 2   G   C C4    1 
ATOM   854  P P     . C   C 2 3  ? 4.443   22.637  -2.541  0.50 60.59 ? 3   C   C P     1 
ATOM   855  O OP1   . C   C 2 3  ? 5.483   21.919  -3.321  0.50 59.83 ? 3   C   C OP1   1 
ATOM   856  O OP2   . C   C 2 3  ? 3.078   22.838  -3.094  0.50 60.59 ? 3   C   C OP2   1 
ATOM   857  O "O5'" . C   C 2 3  ? 4.288   21.954  -1.105  0.50 59.05 ? 3   C   C "O5'" 1 
ATOM   858  C "C5'" . C   C 2 3  ? 4.074   20.574  -1.018  0.50 58.03 ? 3   C   C "C5'" 1 
ATOM   859  C "C4'" . C   C 2 3  ? 4.949   19.973  0.066   0.50 56.77 ? 3   C   C "C4'" 1 
ATOM   860  O "O4'" . C   C 2 3  ? 5.554   20.992  0.913   0.50 56.67 ? 3   C   C "O4'" 1 
ATOM   861  C "C3'" . C   C 2 3  ? 4.166   19.128  1.049   0.50 55.74 ? 3   C   C "C3'" 1 
ATOM   862  O "O3'" . C   C 2 3  ? 3.823   17.890  0.446   0.50 53.90 ? 3   C   C "O3'" 1 
ATOM   863  C "C2'" . C   C 2 3  ? 5.181   19.043  2.185   0.50 55.83 ? 3   C   C "C2'" 1 
ATOM   864  O "O2'" . C   C 2 3  ? 6.276   18.189  1.896   0.50 56.27 ? 3   C   C "O2'" 1 
ATOM   865  C "C1'" . C   C 2 3  ? 5.641   20.501  2.246   0.50 55.68 ? 3   C   C "C1'" 1 
ATOM   866  N N1    . C   C 2 3  ? 4.810   21.368  3.164   0.50 54.82 ? 3   C   C N1    1 
ATOM   867  C C2    . C   C 2 3  ? 4.954   21.293  4.568   0.50 54.55 ? 3   C   C C2    1 
ATOM   868  O O2    . C   C 2 3  ? 5.775   20.512  5.084   1.00 54.54 ? 3   C   C O2    1 
ATOM   869  N N3    . C   C 2 3  ? 4.169   22.094  5.343   0.50 54.16 ? 3   C   C N3    1 
ATOM   870  C C4    . C   C 2 3  ? 3.288   22.930  4.774   0.50 54.99 ? 3   C   C C4    1 
ATOM   871  N N4    . C   C 2 3  ? 2.539   23.703  5.566   1.00 55.46 ? 3   C   C N4    1 
ATOM   872  C C5    . C   C 2 3  ? 3.125   23.017  3.361   0.50 54.40 ? 3   C   C C5    1 
ATOM   873  C C6    . C   C 2 3  ? 3.902   22.232  2.610   0.50 54.24 ? 3   C   C C6    1 
ATOM   874  P P     . G   C 2 4  ? 2.295   17.430  0.462   0.50 53.25 ? 4   G   C P     1 
ATOM   875  O OP1   . G   C 2 4  ? 2.130   16.389  -0.573  0.50 53.41 ? 4   G   C OP1   1 
ATOM   876  O OP2   . G   C 2 4  ? 1.389   18.608  0.453   0.50 53.25 ? 4   G   C OP2   1 
ATOM   877  O "O5'" . G   C 2 4  ? 2.230   16.776  1.912   0.50 49.90 ? 4   G   C "O5'" 1 
ATOM   878  C "C5'" . G   C 2 4  ? 3.417   16.179  2.417   0.50 45.09 ? 4   G   C "C5'" 1 
ATOM   879  C "C4'" . G   C 2 4  ? 3.436   16.157  3.933   0.50 41.50 ? 4   G   C "C4'" 1 
ATOM   880  O "O4'" . G   C 2 4  ? 3.855   17.452  4.443   0.50 40.96 ? 4   G   C "O4'" 1 
ATOM   881  C "C3'" . G   C 2 4  ? 2.109   15.928  4.626   0.50 38.01 ? 4   G   C "C3'" 1 
ATOM   882  O "O3'" . G   C 2 4  ? 1.747   14.566  4.597   0.50 34.66 ? 4   G   C "O3'" 1 
ATOM   883  C "C2'" . G   C 2 4  ? 2.457   16.413  6.029   0.50 38.54 ? 4   G   C "C2'" 1 
ATOM   884  O "O2'" . G   C 2 4  ? 3.330   15.551  6.731   0.50 37.87 ? 4   G   C "O2'" 1 
ATOM   885  C "C1'" . G   C 2 4  ? 3.210   17.684  5.683   0.50 40.25 ? 4   G   C "C1'" 1 
ATOM   886  N N9    . G   C 2 4  ? 2.383   18.888  5.607   0.50 40.45 ? 4   G   C N9    1 
ATOM   887  C C8    . G   C 2 4  ? 2.060   19.612  4.482   0.50 40.65 ? 4   G   C C8    1 
ATOM   888  N N7    . G   C 2 4  ? 1.305   20.646  4.723   0.50 40.59 ? 4   G   C N7    1 
ATOM   889  C C5    . G   C 2 4  ? 1.105   20.609  6.095   0.50 40.61 ? 4   G   C C5    1 
ATOM   890  C C6    . G   C 2 4  ? 0.373   21.479  6.931   0.50 40.85 ? 4   G   C C6    1 
ATOM   891  O O6    . G   C 2 4  ? -0.262  22.497  6.613   1.00 44.09 ? 4   G   C O6    1 
ATOM   892  N N1    . G   C 2 4  ? 0.416   21.088  8.261   0.50 38.83 ? 4   G   C N1    1 
ATOM   893  C C2    . G   C 2 4  ? 1.095   19.990  8.710   0.50 39.31 ? 4   G   C C2    1 
ATOM   894  N N2    . G   C 2 4  ? 1.025   19.767  10.015  1.00 40.67 ? 4   G   C N2    1 
ATOM   895  N N3    . G   C 2 4  ? 1.793   19.165  7.953   0.50 39.12 ? 4   G   C N3    1 
ATOM   896  C C4    . G   C 2 4  ? 1.761   19.533  6.655   0.50 39.97 ? 4   G   C C4    1 
ATOM   897  P P     . C   C 2 5  ? 0.214   14.117  4.681   0.50 32.00 ? 5   C   C P     1 
ATOM   898  O OP1   . C   C 2 5  ? 0.212   12.652  4.464   0.50 35.05 ? 5   C   C OP1   1 
ATOM   899  O OP2   . C   C 2 5  ? -0.547  15.027  3.830   0.50 29.95 ? 5   C   C OP2   1 
ATOM   900  O "O5'" . C   C 2 5  ? -0.232  14.340  6.188   0.50 32.36 ? 5   C   C "O5'" 1 
ATOM   901  C "C5'" . C   C 2 5  ? 0.526   13.884  7.276   0.50 34.25 ? 5   C   C "C5'" 1 
ATOM   902  C "C4'" . C   C 2 5  ? -0.062  14.375  8.593   0.50 33.28 ? 5   C   C "C4'" 1 
ATOM   903  O "O4'" . C   C 2 5  ? 0.348   15.750  8.826   0.50 36.68 ? 5   C   C "O4'" 1 
ATOM   904  C "C3'" . C   C 2 5  ? -1.581  14.443  8.687   0.50 32.71 ? 5   C   C "C3'" 1 
ATOM   905  O "O3'" . C   C 2 5  ? -2.143  13.164  8.901   0.50 32.26 ? 5   C   C "O3'" 1 
ATOM   906  C "C2'" . C   C 2 5  ? -1.723  15.372  9.888   0.50 33.57 ? 5   C   C "C2'" 1 
ATOM   907  O "O2'" . C   C 2 5  ? -1.253  14.866  11.137  0.50 30.37 ? 5   C   C "O2'" 1 
ATOM   908  C "C1'" . C   C 2 5  ? -0.751  16.448  9.419   0.50 36.18 ? 5   C   C "C1'" 1 
ATOM   909  N N1    . C   C 2 5  ? -1.327  17.509  8.495   0.50 36.46 ? 5   C   C N1    1 
ATOM   910  C C2    . C   C 2 5  ? -2.077  18.556  9.062   0.50 37.47 ? 5   C   C C2    1 
ATOM   911  O O2    . C   C 2 5  ? -2.280  18.579  10.273  1.00 41.16 ? 5   C   C O2    1 
ATOM   912  N N3    . C   C 2 5  ? -2.586  19.524  8.277   0.50 35.25 ? 5   C   C N3    1 
ATOM   913  C C4    . C   C 2 5  ? -2.399  19.489  6.962   0.50 37.32 ? 5   C   C C4    1 
ATOM   914  N N4    . C   C 2 5  ? -2.943  20.490  6.251   1.00 40.79 ? 5   C   C N4    1 
ATOM   915  C C5    . C   C 2 5  ? -1.646  18.450  6.336   0.50 36.70 ? 5   C   C C5    1 
ATOM   916  C C6    . C   C 2 5  ? -1.134  17.495  7.136   0.50 36.74 ? 5   C   C C6    1 
ATOM   917  P P     . G   C 2 6  ? -3.633  12.751  8.561   0.50 30.80 ? 6   G   C P     1 
ATOM   918  O OP1   . G   C 2 6  ? -3.744  11.341  8.996   0.50 31.75 ? 6   G   C OP1   1 
ATOM   919  O OP2   . G   C 2 6  ? -3.983  13.138  7.203   0.50 31.51 ? 6   G   C OP2   1 
ATOM   920  O "O5'" . G   C 2 6  ? -4.539  13.648  9.553   0.50 35.98 ? 6   G   C "O5'" 1 
ATOM   921  C "C5'" . G   C 2 6  ? -4.429  13.496  10.991  0.50 37.24 ? 6   G   C "C5'" 1 
ATOM   922  C "C4'" . G   C 2 6  ? -5.362  14.438  11.734  0.50 37.62 ? 6   G   C "C4'" 1 
ATOM   923  O "O4'" . G   C 2 6  ? -4.870  15.810  11.650  0.50 39.35 ? 6   G   C "O4'" 1 
ATOM   924  C "C3'" . G   C 2 6  ? -6.774  14.533  11.150  0.50 37.92 ? 6   G   C "C3'" 1 
ATOM   925  O "O3'" . G   C 2 6  ? -7.596  13.452  11.564  0.50 37.58 ? 6   G   C "O3'" 1 
ATOM   926  C "C2'" . G   C 2 6  ? -7.255  15.861  11.700  0.50 38.13 ? 6   G   C "C2'" 1 
ATOM   927  O "O2'" . G   C 2 6  ? -7.591  15.808  13.077  0.50 40.72 ? 6   G   C "O2'" 1 
ATOM   928  C "C1'" . G   C 2 6  ? -5.986  16.676  11.493  0.50 39.87 ? 6   G   C "C1'" 1 
ATOM   929  N N9    . G   C 2 6  ? -5.945  17.384  10.204  1.00 41.74 ? 6   G   C N9    1 
ATOM   930  C C8    . G   C 2 6  ? -5.269  17.051  9.055   1.00 41.16 ? 6   G   C C8    1 
ATOM   931  N N7    . G   C 2 6  ? -5.418  17.938  8.108   1.00 41.43 ? 6   G   C N7    1 
ATOM   932  C C5    . G   C 2 6  ? -6.256  18.893  8.644   0.50 39.83 ? 6   G   C C5    1 
ATOM   933  C C6    . G   C 2 6  ? -6.753  20.061  8.060   0.50 39.15 ? 6   G   C C6    1 
ATOM   934  O O6    . G   C 2 6  ? -6.535  20.429  6.913   1.00 43.11 ? 6   G   C O6    1 
ATOM   935  N N1    . G   C 2 6  ? -7.572  20.805  8.896   0.50 38.01 ? 6   G   C N1    1 
ATOM   936  C C2    . G   C 2 6  ? -7.859  20.420  10.186  0.50 39.60 ? 6   G   C C2    1 
ATOM   937  N N2    . G   C 2 6  ? -8.666  21.249  10.875  1.00 41.76 ? 6   G   C N2    1 
ATOM   938  N N3    . G   C 2 6  ? -7.387  19.312  10.761  0.50 37.24 ? 6   G   C N3    1 
ATOM   939  C C4    . G   C 2 6  ? -6.596  18.586  9.932   0.50 39.44 ? 6   G   C C4    1 
ATOM   940  P P     . C   C 2 7  ? -8.772  12.950  10.626  0.50 41.16 ? 7   C   C P     1 
ATOM   941  O OP1   . C   C 2 7  ? -9.354  11.795  11.350  0.50 42.37 ? 7   C   C OP1   1 
ATOM   942  O OP2   . C   C 2 7  ? -8.258  12.916  9.245   0.50 39.27 ? 7   C   C OP2   1 
ATOM   943  O "O5'" . C   C 2 7  ? -9.895  14.093  10.638  0.50 39.98 ? 7   C   C "O5'" 1 
ATOM   944  C "C5'" . C   C 2 7  ? -10.562 14.441  11.830  0.50 37.97 ? 7   C   C "C5'" 1 
ATOM   945  C "C4'" . C   C 2 7  ? -11.356 15.721  11.618  0.50 37.40 ? 7   C   C "C4'" 1 
ATOM   946  O "O4'" . C   C 2 7  ? -10.458 16.839  11.374  0.50 36.02 ? 7   C   C "O4'" 1 
ATOM   947  C "C3'" . C   C 2 7  ? -12.227 15.750  10.382  0.50 35.52 ? 7   C   C "C3'" 1 
ATOM   948  O "O3'" . C   C 2 7  ? -13.360 14.955  10.528  0.50 39.84 ? 7   C   C "O3'" 1 
ATOM   949  C "C2'" . C   C 2 7  ? -12.522 17.247  10.287  0.50 35.05 ? 7   C   C "C2'" 1 
ATOM   950  O "O2'" . C   C 2 7  ? -13.420 17.788  11.251  0.50 33.24 ? 7   C   C "O2'" 1 
ATOM   951  C "C1'" . C   C 2 7  ? -11.103 17.762  10.494  0.50 36.88 ? 7   C   C "C1'" 1 
ATOM   952  N N1    . C   C 2 7  ? -10.382 17.917  9.192   0.50 35.62 ? 7   C   C N1    1 
ATOM   953  C C2    . C   C 2 7  ? -10.594 19.074  8.415   0.50 37.80 ? 7   C   C C2    1 
ATOM   954  O O2    . C   C 2 7  ? -11.381 19.979  8.818   1.00 41.85 ? 7   C   C O2    1 
ATOM   955  N N3    . C   C 2 7  ? -9.925  19.179  7.229   0.50 34.70 ? 7   C   C N3    1 
ATOM   956  C C4    . C   C 2 7  ? -9.122  18.196  6.810   0.50 37.85 ? 7   C   C C4    1 
ATOM   957  N N4    . C   C 2 7  ? -8.504  18.351  5.631   1.00 41.32 ? 7   C   C N4    1 
ATOM   958  C C5    . C   C 2 7  ? -8.903  17.006  7.568   0.50 38.07 ? 7   C   C C5    1 
ATOM   959  C C6    . C   C 2 7  ? -9.544  16.916  8.742   0.50 37.18 ? 7   C   C C6    1 
ATOM   960  P P     . G   C 2 8  ? -14.105 14.314  9.262   0.50 42.97 ? 8   G   C P     1 
ATOM   961  O OP1   . G   C 2 8  ? -15.162 13.435  9.809   0.50 43.85 ? 8   G   C OP1   1 
ATOM   962  O OP2   . G   C 2 8  ? -13.104 13.759  8.322   0.50 43.28 ? 8   G   C OP2   1 
ATOM   963  O "O5'" . G   C 2 8  ? -14.751 15.587  8.546   0.50 42.58 ? 8   G   C "O5'" 1 
ATOM   964  C "C5'" . G   C 2 8  ? -15.660 16.446  9.203   0.50 43.65 ? 8   G   C "C5'" 1 
ATOM   965  C "C4'" . G   C 2 8  ? -15.854 17.671  8.325   0.50 45.34 ? 8   G   C "C4'" 1 
ATOM   966  O "O4'" . G   C 2 8  ? -14.562 18.313  8.108   0.50 46.59 ? 8   G   C "O4'" 1 
ATOM   967  C "C3'" . G   C 2 8  ? -16.253 17.366  6.900   0.50 45.38 ? 8   G   C "C3'" 1 
ATOM   968  O "O3'" . G   C 2 8  ? -17.619 16.912  6.776   0.50 45.45 ? 8   G   C "O3'" 1 
ATOM   969  C "C2'" . G   C 2 8  ? -15.926 18.705  6.238   0.50 45.62 ? 8   G   C "C2'" 1 
ATOM   970  O "O2'" . G   C 2 8  ? -16.717 19.822  6.606   0.50 47.81 ? 8   G   C "O2'" 1 
ATOM   971  C "C1'" . G   C 2 8  ? -14.549 18.915  6.825   0.50 46.29 ? 8   G   C "C1'" 1 
ATOM   972  N N9    . G   C 2 8  ? -13.444 18.429  5.974   1.00 47.82 ? 8   G   C N9    1 
ATOM   973  C C8    . G   C 2 8  ? -12.682 17.284  6.086   1.00 47.21 ? 8   G   C C8    1 
ATOM   974  N N7    . G   C 2 8  ? -11.790 17.193  5.133   1.00 48.79 ? 8   G   C N7    1 
ATOM   975  C C5    . G   C 2 8  ? -11.983 18.333  4.358   0.50 46.37 ? 8   G   C C5    1 
ATOM   976  C C6    . G   C 2 8  ? -11.336 18.789  3.189   0.50 46.07 ? 8   G   C C6    1 
ATOM   977  O O6    . G   C 2 8  ? -10.403 18.247  2.606   1.00 48.16 ? 8   G   C O6    1 
ATOM   978  N N1    . G   C 2 8  ? -11.850 19.988  2.705   0.50 44.57 ? 8   G   C N1    1 
ATOM   979  C C2    . G   C 2 8  ? -12.879 20.661  3.302   0.50 45.45 ? 8   G   C C2    1 
ATOM   980  N N2    . G   C 2 8  ? -13.283 21.797  2.739   1.00 46.92 ? 8   G   C N2    1 
ATOM   981  N N3    . G   C 2 8  ? -13.500 20.253  4.388   0.50 44.90 ? 8   G   C N3    1 
ATOM   982  C C4    . G   C 2 8  ? -12.996 19.094  4.862   0.50 45.33 ? 8   G   C C4    1 
ATOM   983  P P     . C   C 2 9  ? -18.001 15.885  5.609   0.50 40.91 ? 9   C   C P     1 
ATOM   984  O OP1   . C   C 2 9  ? -19.268 15.209  5.946   0.50 42.74 ? 9   C   C OP1   1 
ATOM   985  O OP2   . C   C 2 9  ? -16.857 15.048  5.257   0.50 40.79 ? 9   C   C OP2   1 
ATOM   986  O "O5'" . C   C 2 9  ? -18.227 16.931  4.447   0.50 40.52 ? 9   C   C "O5'" 1 
ATOM   987  C "C5'" . C   C 2 9  ? -19.073 18.037  4.615   0.50 40.88 ? 9   C   C "C5'" 1 
ATOM   988  C "C4'" . C   C 2 9  ? -18.769 19.059  3.544   0.50 39.39 ? 9   C   C "C4'" 1 
ATOM   989  O "O4'" . C   C 2 9  ? -17.369 19.432  3.631   0.50 38.66 ? 9   C   C "O4'" 1 
ATOM   990  C "C3'" . C   C 2 9  ? -18.911 18.585  2.108   0.50 40.49 ? 9   C   C "C3'" 1 
ATOM   991  O "O3'" . C   C 2 9  ? -20.270 18.636  1.712   0.50 42.41 ? 9   C   C "O3'" 1 
ATOM   992  C "C2'" . C   C 2 9  ? -18.095 19.665  1.421   0.50 39.53 ? 9   C   C "C2'" 1 
ATOM   993  O "O2'" . C   C 2 9  ? -18.749 20.922  1.500   0.50 36.46 ? 9   C   C "O2'" 1 
ATOM   994  C "C1'" . C   C 2 9  ? -16.873 19.701  2.335   0.50 38.22 ? 9   C   C "C1'" 1 
ATOM   995  N N1    . C   C 2 9  ? -15.711 18.768  1.969   0.50 37.08 ? 9   C   C N1    1 
ATOM   996  C C2    . C   C 2 9  ? -14.835 19.126  0.923   0.50 36.02 ? 9   C   C C2    1 
ATOM   997  O O2    . C   C 2 9  ? -15.017 20.179  0.288   0.50 35.80 ? 9   C   C O2    1 
ATOM   998  N N3    . C   C 2 9  ? -13.808 18.294  0.618   0.50 34.06 ? 9   C   C N3    1 
ATOM   999  C C4    . C   C 2 9  ? -13.647 17.170  1.299   0.50 36.69 ? 9   C   C C4    1 
ATOM   1000 N N4    . C   C 2 9  ? -12.628 16.405  0.952   1.00 39.34 ? 9   C   C N4    1 
ATOM   1001 C C5    . C   C 2 9  ? -14.504 16.771  2.370   0.50 36.92 ? 9   C   C C5    1 
ATOM   1002 C C6    . C   C 2 9  ? -15.512 17.605  2.663   0.50 37.42 ? 9   C   C C6    1 
ATOM   1003 P P     . G   C 2 10 ? -20.858 17.648  0.612   0.50 43.31 ? 10  G   C P     1 
ATOM   1004 O OP1   . G   C 2 10 ? -22.334 17.855  0.654   0.50 46.16 ? 10  G   C OP1   1 
ATOM   1005 O OP2   . G   C 2 10 ? -20.316 16.300  0.799   0.50 46.45 ? 10  G   C OP2   1 
ATOM   1006 O "O5'" . G   C 2 10 ? -20.321 18.251  -0.789  0.50 45.45 ? 10  G   C "O5'" 1 
ATOM   1007 C "C5'" . G   C 2 10 ? -20.661 19.614  -1.161  0.50 48.04 ? 10  G   C "C5'" 1 
ATOM   1008 C "C4'" . G   C 2 10 ? -19.845 20.201  -2.316  0.50 49.50 ? 10  G   C "C4'" 1 
ATOM   1009 O "O4'" . G   C 2 10 ? -18.429 20.077  -2.056  0.50 49.78 ? 10  G   C "O4'" 1 
ATOM   1010 C "C3'" . G   C 2 10 ? -20.073 19.576  -3.686  0.50 50.11 ? 10  G   C "C3'" 1 
ATOM   1011 O "O3'" . G   C 2 10 ? -20.916 20.414  -4.477  0.50 51.05 ? 10  G   C "O3'" 1 
ATOM   1012 C "C2'" . G   C 2 10 ? -18.694 19.438  -4.328  0.50 50.64 ? 10  G   C "C2'" 1 
ATOM   1013 O "O2'" . G   C 2 10 ? -18.491 20.315  -5.420  0.50 51.61 ? 10  G   C "O2'" 1 
ATOM   1014 C "C1'" . G   C 2 10 ? -17.711 19.805  -3.234  0.50 50.08 ? 10  G   C "C1'" 1 
ATOM   1015 N N9    . G   C 2 10 ? -16.790 18.725  -2.926  1.00 51.13 ? 10  G   C N9    1 
ATOM   1016 C C8    . G   C 2 10 ? -16.862 17.870  -1.842  1.00 51.03 ? 10  G   C C8    1 
ATOM   1017 N N7    . G   C 2 10 ? -15.895 16.993  -1.807  1.00 50.75 ? 10  G   C N7    1 
ATOM   1018 C C5    . G   C 2 10 ? -15.135 17.281  -2.922  0.50 49.91 ? 10  G   C C5    1 
ATOM   1019 C C6    . G   C 2 10 ? -13.958 16.662  -3.376  0.50 49.76 ? 10  G   C C6    1 
ATOM   1020 O O6    . G   C 2 10 ? -13.364 15.714  -2.855  1.00 50.76 ? 10  G   C O6    1 
ATOM   1021 N N1    . G   C 2 10 ? -13.480 17.239  -4.548  0.50 49.76 ? 10  G   C N1    1 
ATOM   1022 C C2    . G   C 2 10 ? -14.076 18.298  -5.185  0.50 50.42 ? 10  G   C C2    1 
ATOM   1023 N N2    . G   C 2 10 ? -13.476 18.719  -6.304  1.00 51.21 ? 10  G   C N2    1 
ATOM   1024 N N3    . G   C 2 10 ? -15.184 18.900  -4.765  0.50 50.11 ? 10  G   C N3    1 
ATOM   1025 C C4    . G   C 2 10 ? -15.661 18.341  -3.626  0.50 50.54 ? 10  G   C C4    1 
HETATM 1026 O O     . HOH D 3 .  ? -14.010 -13.297 7.163   1.00 43.99 ? 1   HOH A O     1 
HETATM 1027 O O     . HOH D 3 .  ? 6.865   -0.663  9.001   1.00 60.48 ? 2   HOH A O     1 
HETATM 1028 O O     . HOH D 3 .  ? -5.061  -18.473 -0.714  0.50 50.47 ? 3   HOH A O     1 
HETATM 1029 O O     . HOH D 3 .  ? 3.797   -10.921 2.343   1.00 41.37 ? 4   HOH A O     1 
HETATM 1030 O O     . HOH D 3 .  ? 7.166   -5.112  2.234   1.00 43.14 ? 6   HOH A O     1 
HETATM 1031 O O     . HOH D 3 .  ? -7.015  -1.776  -1.359  1.00 41.96 ? 7   HOH A O     1 
HETATM 1032 O O     . HOH D 3 .  ? 7.701   2.007   -1.117  1.00 45.67 ? 8   HOH A O     1 
HETATM 1033 O O     . HOH D 3 .  ? -15.088 -3.548  -3.529  1.00 42.37 ? 9   HOH A O     1 
HETATM 1034 O O     . HOH D 3 .  ? -1.984  11.831  2.602   1.00 53.75 ? 10  HOH A O     1 
HETATM 1035 O O     . HOH D 3 .  ? -3.270  6.183   -1.375  1.00 52.07 ? 11  HOH A O     1 
HETATM 1036 O O     . HOH D 3 .  ? -1.804  -13.240 -12.210 1.00 72.38 ? 12  HOH A O     1 
HETATM 1037 O O     . HOH D 3 .  ? -7.677  -5.388  -9.694  1.00 60.05 ? 14  HOH A O     1 
HETATM 1038 O O     . HOH D 3 .  ? -4.639  4.354   -5.573  1.00 57.68 ? 18  HOH A O     1 
HETATM 1039 O O     . HOH D 3 .  ? -10.375 -11.911 12.468  1.00 60.88 ? 19  HOH A O     1 
HETATM 1040 O O     . HOH D 3 .  ? -3.089  3.960   10.998  1.00 65.94 ? 20  HOH A O     1 
HETATM 1041 O O     . HOH D 3 .  ? 9.038   12.345  12.653  1.00 57.37 ? 21  HOH A O     1 
HETATM 1042 O O     . HOH D 3 .  ? 8.293   -8.328  0.955   1.00 47.29 ? 22  HOH A O     1 
HETATM 1043 O O     . HOH D 3 .  ? 12.371  5.584   0.635   1.00 68.21 ? 25  HOH A O     1 
HETATM 1044 O O     . HOH D 3 .  ? 6.596   -15.676 -10.319 1.00 70.58 ? 26  HOH A O     1 
HETATM 1045 O O     . HOH D 3 .  ? -2.114  4.844   -7.943  1.00 45.50 ? 27  HOH A O     1 
HETATM 1046 O O     . HOH D 3 .  ? 2.637   7.430   -7.358  1.00 53.45 ? 28  HOH A O     1 
HETATM 1047 O O     . HOH D 3 .  ? 11.860  -0.028  12.151  1.00 66.58 ? 32  HOH A O     1 
HETATM 1048 O O     . HOH D 3 .  ? -8.111  -8.344  6.320   1.00 67.43 ? 33  HOH A O     1 
HETATM 1049 O O     . HOH D 3 .  ? -13.982 -6.979  4.708   1.00 57.64 ? 34  HOH A O     1 
HETATM 1050 O O     . HOH D 3 .  ? -0.257  -15.097 -8.264  1.00 74.46 ? 35  HOH A O     1 
HETATM 1051 O O     . HOH D 3 .  ? 8.480   -17.312 -10.420 1.00 81.81 ? 36  HOH A O     1 
HETATM 1052 O O     . HOH D 3 .  ? -0.107  8.518   -11.294 1.00 85.47 ? 43  HOH A O     1 
HETATM 1053 O O     . HOH D 3 .  ? -1.989  -9.720  9.471   1.00 62.32 ? 44  HOH A O     1 
HETATM 1054 O O     . HOH D 3 .  ? 6.775   15.132  3.393   1.00 50.29 ? 45  HOH A O     1 
HETATM 1055 O O     . HOH D 3 .  ? -5.016  7.717   -0.079  1.00 61.24 ? 46  HOH A O     1 
HETATM 1056 O O     . HOH D 3 .  ? -10.431 -9.388  -10.793 1.00 76.44 ? 47  HOH A O     1 
HETATM 1057 O O     . HOH E 3 .  ? -4.895  26.276  7.089   1.00 49.32 ? 15  HOH B O     1 
HETATM 1058 O O     . HOH E 3 .  ? 15.969  33.436  4.595   1.00 77.53 ? 31  HOH B O     1 
HETATM 1059 O O     . HOH E 3 .  ? 10.452  29.181  13.279  1.00 60.50 ? 37  HOH B O     1 
HETATM 1060 O O     . HOH E 3 .  ? 15.182  28.067  8.856   1.00 58.20 ? 38  HOH B O     1 
HETATM 1061 O O     . HOH E 3 .  ? 14.127  28.713  5.965   1.00 71.56 ? 39  HOH B O     1 
HETATM 1062 O O     . HOH E 3 .  ? -8.900  16.053  -0.704  1.00 59.01 ? 41  HOH B O     1 
HETATM 1063 O O     . HOH E 3 .  ? 14.705  33.113  7.095   1.00 64.33 ? 42  HOH B O     1 
HETATM 1064 O O     . HOH F 3 .  ? -0.595  12.106  11.665  1.00 59.91 ? 11  HOH C O     1 
HETATM 1065 O O     . HOH F 3 .  ? -20.375 13.966  1.976   1.00 71.25 ? 13  HOH C O     1 
HETATM 1066 O O     . HOH F 3 .  ? -5.566  19.656  4.389   1.00 47.30 ? 16  HOH C O     1 
HETATM 1067 O O     . HOH F 3 .  ? -15.402 21.960  5.232   1.00 54.63 ? 17  HOH C O     1 
HETATM 1068 O O     . HOH F 3 .  ? -8.442  19.623  13.987  1.00 78.90 ? 23  HOH C O     1 
HETATM 1069 O O     . HOH F 3 .  ? -6.754  13.989  7.178   1.00 51.58 ? 24  HOH C O     1 
HETATM 1070 O O     . HOH F 3 .  ? -9.174  17.173  14.924  1.00 62.49 ? 29  HOH C O     1 
HETATM 1071 O O     . HOH F 3 .  ? -9.942  22.587  13.752  1.00 50.35 ? 30  HOH C O     1 
HETATM 1072 O O     . HOH F 3 .  ? -13.234 12.953  -1.577  0.50 51.14 ? 40  HOH C O     1 
# 
loop_
_pdbx_poly_seq_scheme.asym_id 
_pdbx_poly_seq_scheme.entity_id 
_pdbx_poly_seq_scheme.seq_id 
_pdbx_poly_seq_scheme.mon_id 
_pdbx_poly_seq_scheme.ndb_seq_num 
_pdbx_poly_seq_scheme.pdb_seq_num 
_pdbx_poly_seq_scheme.auth_seq_num 
_pdbx_poly_seq_scheme.pdb_mon_id 
_pdbx_poly_seq_scheme.auth_mon_id 
_pdbx_poly_seq_scheme.pdb_strand_id 
_pdbx_poly_seq_scheme.pdb_ins_code 
_pdbx_poly_seq_scheme.hetero 
A 1 1  HIS 1  144 ?   ?   ?   A . n 
A 1 2  HIS 2  145 ?   ?   ?   A . n 
A 1 3  HIS 3  146 ?   ?   ?   A . n 
A 1 4  HIS 4  147 ?   ?   ?   A . n 
A 1 5  HIS 5  148 ?   ?   ?   A . n 
A 1 6  HIS 6  149 ?   ?   ?   A . n 
A 1 7  SER 7  150 ?   ?   ?   A . n 
A 1 8  SER 8  151 ?   ?   ?   A . n 
A 1 9  GLY 9  152 152 GLY GLY A . n 
A 1 10 LEU 10 153 153 LEU LEU A . n 
A 1 11 VAL 11 154 154 VAL VAL A . n 
A 1 12 PRO 12 155 155 PRO PRO A . n 
A 1 13 ARG 13 156 156 ARG ARG A . n 
A 1 14 GLY 14 157 157 GLY GLY A . n 
A 1 15 SER 15 158 158 SER SER A . n 
A 1 16 HIS 16 159 159 HIS HIS A . n 
A 1 17 GLU 17 160 160 GLU GLU A . n 
A 1 18 VAL 18 161 161 VAL VAL A . n 
A 1 19 GLY 19 162 162 GLY GLY A . n 
A 1 20 ALA 20 163 163 ALA ALA A . n 
A 1 21 LEU 21 164 164 LEU LEU A . n 
A 1 22 GLN 22 165 165 GLN GLN A . n 
A 1 23 GLU 23 166 166 GLU GLU A . n 
A 1 24 LEU 24 167 167 LEU LEU A . n 
A 1 25 VAL 25 168 168 VAL VAL A . n 
A 1 26 VAL 26 169 169 VAL VAL A . n 
A 1 27 GLN 27 170 170 GLN GLN A . n 
A 1 28 LYS 28 171 171 LYS LYS A . n 
A 1 29 GLY 29 172 172 GLY GLY A . n 
A 1 30 TRP 30 173 173 TRP TRP A . n 
A 1 31 ARG 31 174 174 ARG ARG A . n 
A 1 32 LEU 32 175 175 LEU LEU A . n 
A 1 33 PRO 33 176 176 PRO PRO A . n 
A 1 34 GLU 34 177 177 GLU GLU A . n 
A 1 35 TYR 35 178 178 TYR TYR A . n 
A 1 36 THR 36 179 179 THR THR A . n 
A 1 37 VAL 37 180 180 VAL VAL A . n 
A 1 38 THR 38 181 181 THR THR A . n 
A 1 39 GLN 39 182 182 GLN GLN A . n 
A 1 40 GLU 40 183 183 GLU GLU A . n 
A 1 41 SER 41 184 184 SER SER A . n 
A 1 42 GLY 42 185 185 GLY GLY A . n 
A 1 43 PRO 43 186 186 PRO PRO A . n 
A 1 44 ALA 44 187 187 ALA ALA A . n 
A 1 45 HIS 45 188 188 HIS HIS A . n 
A 1 46 ARG 46 189 189 ARG ARG A . n 
A 1 47 LYS 47 190 190 LYS LYS A . n 
A 1 48 GLU 48 191 191 GLU GLU A . n 
A 1 49 PHE 49 192 192 PHE PHE A . n 
A 1 50 THR 50 193 193 THR THR A . n 
A 1 51 MET 51 194 194 MET MET A . n 
A 1 52 THR 52 195 195 THR THR A . n 
A 1 53 CYS 53 196 196 CYS CYS A . n 
A 1 54 ARG 54 197 197 ARG ARG A . n 
A 1 55 VAL 55 198 198 VAL VAL A . n 
A 1 56 GLU 56 199 199 GLU GLU A . n 
A 1 57 ARG 57 200 200 ARG ARG A . n 
A 1 58 PHE 58 201 201 PHE PHE A . n 
A 1 59 ILE 59 202 202 ILE ILE A . n 
A 1 60 GLU 60 203 203 GLU GLU A . n 
A 1 61 ILE 61 204 204 ILE ILE A . n 
A 1 62 GLY 62 205 205 GLY GLY A . n 
A 1 63 SER 63 206 206 SER SER A . n 
A 1 64 GLY 64 207 207 GLY GLY A . n 
A 1 65 THR 65 208 208 THR THR A . n 
A 1 66 SER 66 209 209 SER SER A . n 
A 1 67 LYS 67 210 210 LYS LYS A . n 
A 1 68 LYS 68 211 211 LYS LYS A . n 
A 1 69 LEU 69 212 212 LEU LEU A . n 
A 1 70 ALA 70 213 213 ALA ALA A . n 
A 1 71 LYS 71 214 214 LYS LYS A . n 
A 1 72 ARG 72 215 215 ARG ARG A . n 
A 1 73 ASN 73 216 216 ASN ASN A . n 
A 1 74 ALA 74 217 217 ALA ALA A . n 
A 1 75 ALA 75 218 218 ALA ALA A . n 
A 1 76 ALA 76 219 219 ALA ALA A . n 
A 1 77 LYS 77 220 220 LYS LYS A . n 
A 1 78 MET 78 221 221 MET MET A . n 
A 1 79 LEU 79 222 222 LEU LEU A . n 
A 1 80 LEU 80 223 223 LEU LEU A . n 
A 1 81 ARG 81 224 224 ARG ARG A . n 
A 1 82 VAL 82 225 225 VAL VAL A . n 
A 1 83 HIS 83 226 226 HIS HIS A . n 
A 1 84 THR 84 227 227 THR THR A . n 
A 1 85 VAL 85 228 ?   ?   ?   A . n 
A 1 86 PRO 86 229 ?   ?   ?   A . n 
A 1 87 LEU 87 230 ?   ?   ?   A . n 
A 1 88 ASP 88 231 ?   ?   ?   A . n 
B 2 1  C   1  1   1   C   C   B . n 
B 2 2  G   2  2   2   G   G   B . n 
B 2 3  C   3  3   3   C   C   B . n 
B 2 4  G   4  4   4   G   G   B . n 
B 2 5  C   5  5   5   C   C   B . n 
B 2 6  G   6  6   6   G   G   B . n 
B 2 7  C   7  7   7   C   C   B . n 
B 2 8  G   8  8   8   G   G   B . n 
B 2 9  C   9  9   9   C   C   B . n 
B 2 10 G   10 10  10  G   G   B . n 
C 2 1  C   1  1   1   C   C   C . n 
C 2 2  G   2  2   2   G   G   C . n 
C 2 3  C   3  3   3   C   C   C . n 
C 2 4  G   4  4   4   G   G   C . n 
C 2 5  C   5  5   5   C   C   C . n 
C 2 6  G   6  6   6   G   G   C . n 
C 2 7  C   7  7   7   C   C   C . n 
C 2 8  G   8  8   8   G   G   C . n 
C 2 9  C   9  9   9   C   C   C . n 
C 2 10 G   10 10  10  G   G   C . n 
# 
loop_
_pdbx_nonpoly_scheme.asym_id 
_pdbx_nonpoly_scheme.entity_id 
_pdbx_nonpoly_scheme.mon_id 
_pdbx_nonpoly_scheme.ndb_seq_num 
_pdbx_nonpoly_scheme.pdb_seq_num 
_pdbx_nonpoly_scheme.auth_seq_num 
_pdbx_nonpoly_scheme.pdb_mon_id 
_pdbx_nonpoly_scheme.auth_mon_id 
_pdbx_nonpoly_scheme.pdb_strand_id 
_pdbx_nonpoly_scheme.pdb_ins_code 
D 3 HOH 1  1  1  HOH HOH A . 
D 3 HOH 2  2  2  HOH HOH A . 
D 3 HOH 3  3  3  HOH HOH A . 
D 3 HOH 4  4  4  HOH HOH A . 
D 3 HOH 5  6  6  HOH HOH A . 
D 3 HOH 6  7  7  HOH HOH A . 
D 3 HOH 7  8  8  HOH HOH A . 
D 3 HOH 8  9  9  HOH HOH A . 
D 3 HOH 9  10 10 HOH HOH A . 
D 3 HOH 10 11 11 HOH HOH A . 
D 3 HOH 11 12 12 HOH HOH A . 
D 3 HOH 12 14 14 HOH HOH A . 
D 3 HOH 13 18 18 HOH HOH A . 
D 3 HOH 14 19 19 HOH HOH A . 
D 3 HOH 15 20 20 HOH HOH A . 
D 3 HOH 16 21 21 HOH HOH A . 
D 3 HOH 17 22 22 HOH HOH A . 
D 3 HOH 18 25 25 HOH HOH A . 
D 3 HOH 19 26 26 HOH HOH A . 
D 3 HOH 20 27 27 HOH HOH A . 
D 3 HOH 21 28 28 HOH HOH A . 
D 3 HOH 22 32 32 HOH HOH A . 
D 3 HOH 23 33 33 HOH HOH A . 
D 3 HOH 24 34 34 HOH HOH A . 
D 3 HOH 25 35 35 HOH HOH A . 
D 3 HOH 26 36 36 HOH HOH A . 
D 3 HOH 27 43 43 HOH HOH A . 
D 3 HOH 28 44 44 HOH HOH A . 
D 3 HOH 29 45 45 HOH HOH A . 
D 3 HOH 30 46 46 HOH HOH A . 
D 3 HOH 31 47 47 HOH HOH A . 
E 3 HOH 1  15 15 HOH HOH B . 
E 3 HOH 2  31 31 HOH HOH B . 
E 3 HOH 3  37 37 HOH HOH B . 
E 3 HOH 4  38 38 HOH HOH B . 
E 3 HOH 5  39 39 HOH HOH B . 
E 3 HOH 6  41 41 HOH HOH B . 
E 3 HOH 7  42 42 HOH HOH B . 
F 3 HOH 1  11 5  HOH HOH C . 
F 3 HOH 2  13 13 HOH HOH C . 
F 3 HOH 3  16 16 HOH HOH C . 
F 3 HOH 4  17 17 HOH HOH C . 
F 3 HOH 5  23 23 HOH HOH C . 
F 3 HOH 6  24 24 HOH HOH C . 
F 3 HOH 7  29 29 HOH HOH C . 
F 3 HOH 8  30 30 HOH HOH C . 
F 3 HOH 9  40 40 HOH HOH C . 
# 
_pdbx_struct_assembly.id                   1 
_pdbx_struct_assembly.details              author_and_software_defined_assembly 
_pdbx_struct_assembly.method_details       PISA 
_pdbx_struct_assembly.oligomeric_details   trimeric 
_pdbx_struct_assembly.oligomeric_count     3 
# 
_pdbx_struct_assembly_gen.assembly_id       1 
_pdbx_struct_assembly_gen.oper_expression   1 
_pdbx_struct_assembly_gen.asym_id_list      A,B,C,D,E,F 
# 
loop_
_pdbx_struct_assembly_prop.biol_id 
_pdbx_struct_assembly_prop.type 
_pdbx_struct_assembly_prop.value 
_pdbx_struct_assembly_prop.details 
1 'ABSA (A^2)' 1820 ? 
1 MORE         -12  ? 
1 'SSA (A^2)'  8560 ? 
# 
_pdbx_struct_oper_list.id                   1 
_pdbx_struct_oper_list.type                 'identity operation' 
_pdbx_struct_oper_list.name                 1_555 
_pdbx_struct_oper_list.symmetry_operation   x,y,z 
_pdbx_struct_oper_list.matrix[1][1]         1.0000000000 
_pdbx_struct_oper_list.matrix[1][2]         0.0000000000 
_pdbx_struct_oper_list.matrix[1][3]         0.0000000000 
_pdbx_struct_oper_list.vector[1]            0.0000000000 
_pdbx_struct_oper_list.matrix[2][1]         0.0000000000 
_pdbx_struct_oper_list.matrix[2][2]         1.0000000000 
_pdbx_struct_oper_list.matrix[2][3]         0.0000000000 
_pdbx_struct_oper_list.vector[2]            0.0000000000 
_pdbx_struct_oper_list.matrix[3][1]         0.0000000000 
_pdbx_struct_oper_list.matrix[3][2]         0.0000000000 
_pdbx_struct_oper_list.matrix[3][3]         1.0000000000 
_pdbx_struct_oper_list.vector[3]            0.0000000000 
# 
_pdbx_struct_special_symmetry.id              1 
_pdbx_struct_special_symmetry.PDB_model_num   1 
_pdbx_struct_special_symmetry.auth_asym_id    A 
_pdbx_struct_special_symmetry.auth_comp_id    HOH 
_pdbx_struct_special_symmetry.auth_seq_id     3 
_pdbx_struct_special_symmetry.PDB_ins_code    ? 
_pdbx_struct_special_symmetry.label_asym_id   D 
_pdbx_struct_special_symmetry.label_comp_id   HOH 
_pdbx_struct_special_symmetry.label_seq_id    . 
# 
loop_
_pdbx_audit_revision_history.ordinal 
_pdbx_audit_revision_history.data_content_type 
_pdbx_audit_revision_history.major_revision 
_pdbx_audit_revision_history.minor_revision 
_pdbx_audit_revision_history.revision_date 
1 'Structure model' 1 0 2010-05-26 
2 'Structure model' 1 1 2011-07-13 
3 'Structure model' 1 2 2023-11-01 
# 
_pdbx_audit_revision_details.ordinal             1 
_pdbx_audit_revision_details.revision_ordinal    1 
_pdbx_audit_revision_details.data_content_type   'Structure model' 
_pdbx_audit_revision_details.provider            repository 
_pdbx_audit_revision_details.type                'Initial release' 
_pdbx_audit_revision_details.description         ? 
_pdbx_audit_revision_details.details             ? 
# 
loop_
_pdbx_audit_revision_group.ordinal 
_pdbx_audit_revision_group.revision_ordinal 
_pdbx_audit_revision_group.data_content_type 
_pdbx_audit_revision_group.group 
1 2 'Structure model' Advisory                    
2 2 'Structure model' 'Version format compliance' 
3 3 'Structure model' 'Data collection'           
4 3 'Structure model' 'Database references'       
5 3 'Structure model' 'Refinement description'    
# 
loop_
_pdbx_audit_revision_category.ordinal 
_pdbx_audit_revision_category.revision_ordinal 
_pdbx_audit_revision_category.data_content_type 
_pdbx_audit_revision_category.category 
1 3 'Structure model' chem_comp_atom                
2 3 'Structure model' chem_comp_bond                
3 3 'Structure model' database_2                    
4 3 'Structure model' pdbx_initial_refinement_model 
5 3 'Structure model' struct_ref_seq_dif            
# 
loop_
_pdbx_audit_revision_item.ordinal 
_pdbx_audit_revision_item.revision_ordinal 
_pdbx_audit_revision_item.data_content_type 
_pdbx_audit_revision_item.item 
1 3 'Structure model' '_database_2.pdbx_DOI'                
2 3 'Structure model' '_database_2.pdbx_database_accession' 
3 3 'Structure model' '_struct_ref_seq_dif.details'         
# 
_pdbx_refine_tls.pdbx_refine_id   'X-RAY DIFFRACTION' 
_pdbx_refine_tls.id               1 
_pdbx_refine_tls.details          ? 
_pdbx_refine_tls.method           refined 
_pdbx_refine_tls.origin_x         -1.5113 
_pdbx_refine_tls.origin_y         5.9818 
_pdbx_refine_tls.origin_z         1.3710 
_pdbx_refine_tls.T[1][1]          -0.0564 
_pdbx_refine_tls.T[2][2]          -0.0261 
_pdbx_refine_tls.T[3][3]          -0.0992 
_pdbx_refine_tls.T[1][2]          -0.0171 
_pdbx_refine_tls.T[1][3]          0.0174 
_pdbx_refine_tls.T[2][3]          0.0344 
_pdbx_refine_tls.L[1][1]          1.4286 
_pdbx_refine_tls.L[2][2]          4.5191 
_pdbx_refine_tls.L[3][3]          1.0468 
_pdbx_refine_tls.L[1][2]          -1.2436 
_pdbx_refine_tls.L[1][3]          -0.3298 
_pdbx_refine_tls.L[2][3]          1.9860 
_pdbx_refine_tls.S[1][1]          -0.0030 
_pdbx_refine_tls.S[1][2]          -0.0132 
_pdbx_refine_tls.S[1][3]          0.1775 
_pdbx_refine_tls.S[2][1]          -0.2633 
_pdbx_refine_tls.S[2][2]          -0.0300 
_pdbx_refine_tls.S[2][3]          -0.3116 
_pdbx_refine_tls.S[3][1]          -0.0857 
_pdbx_refine_tls.S[3][2]          0.2507 
_pdbx_refine_tls.S[3][3]          0.0331 
# 
_pdbx_refine_tls_group.pdbx_refine_id      'X-RAY DIFFRACTION' 
_pdbx_refine_tls_group.id                  1 
_pdbx_refine_tls_group.refine_tls_id       1 
_pdbx_refine_tls_group.beg_auth_asym_id    A 
_pdbx_refine_tls_group.beg_auth_seq_id     152 
_pdbx_refine_tls_group.beg_label_asym_id   ? 
_pdbx_refine_tls_group.beg_label_seq_id    ? 
_pdbx_refine_tls_group.end_auth_asym_id    A 
_pdbx_refine_tls_group.end_auth_seq_id     227 
_pdbx_refine_tls_group.end_label_asym_id   ? 
_pdbx_refine_tls_group.end_label_seq_id    ? 
_pdbx_refine_tls_group.selection           ? 
_pdbx_refine_tls_group.selection_details   ? 
# 
loop_
_software.name 
_software.classification 
_software.version 
_software.citation_id 
_software.pdbx_ordinal 
HKL-2000 'data collection' .        ? 1 
MOLREP   phasing           .        ? 2 
REFMAC   refinement        5.2.0019 ? 3 
HKL-2000 'data reduction'  .        ? 4 
HKL-2000 'data scaling'    .        ? 5 
# 
_pdbx_validate_rmsd_bond.id                        1 
_pdbx_validate_rmsd_bond.PDB_model_num             1 
_pdbx_validate_rmsd_bond.auth_atom_id_1            CD 
_pdbx_validate_rmsd_bond.auth_asym_id_1            A 
_pdbx_validate_rmsd_bond.auth_comp_id_1            GLU 
_pdbx_validate_rmsd_bond.auth_seq_id_1             160 
_pdbx_validate_rmsd_bond.PDB_ins_code_1            ? 
_pdbx_validate_rmsd_bond.label_alt_id_1            ? 
_pdbx_validate_rmsd_bond.auth_atom_id_2            OE2 
_pdbx_validate_rmsd_bond.auth_asym_id_2            A 
_pdbx_validate_rmsd_bond.auth_comp_id_2            GLU 
_pdbx_validate_rmsd_bond.auth_seq_id_2             160 
_pdbx_validate_rmsd_bond.PDB_ins_code_2            ? 
_pdbx_validate_rmsd_bond.label_alt_id_2            ? 
_pdbx_validate_rmsd_bond.bond_value                1.174 
_pdbx_validate_rmsd_bond.bond_target_value         1.252 
_pdbx_validate_rmsd_bond.bond_deviation            -0.078 
_pdbx_validate_rmsd_bond.bond_standard_deviation   0.011 
_pdbx_validate_rmsd_bond.linker_flag               N 
# 
loop_
_pdbx_validate_rmsd_angle.id 
_pdbx_validate_rmsd_angle.PDB_model_num 
_pdbx_validate_rmsd_angle.auth_atom_id_1 
_pdbx_validate_rmsd_angle.auth_asym_id_1 
_pdbx_validate_rmsd_angle.auth_comp_id_1 
_pdbx_validate_rmsd_angle.auth_seq_id_1 
_pdbx_validate_rmsd_angle.PDB_ins_code_1 
_pdbx_validate_rmsd_angle.label_alt_id_1 
_pdbx_validate_rmsd_angle.auth_atom_id_2 
_pdbx_validate_rmsd_angle.auth_asym_id_2 
_pdbx_validate_rmsd_angle.auth_comp_id_2 
_pdbx_validate_rmsd_angle.auth_seq_id_2 
_pdbx_validate_rmsd_angle.PDB_ins_code_2 
_pdbx_validate_rmsd_angle.label_alt_id_2 
_pdbx_validate_rmsd_angle.auth_atom_id_3 
_pdbx_validate_rmsd_angle.auth_asym_id_3 
_pdbx_validate_rmsd_angle.auth_comp_id_3 
_pdbx_validate_rmsd_angle.auth_seq_id_3 
_pdbx_validate_rmsd_angle.PDB_ins_code_3 
_pdbx_validate_rmsd_angle.label_alt_id_3 
_pdbx_validate_rmsd_angle.angle_value 
_pdbx_validate_rmsd_angle.angle_target_value 
_pdbx_validate_rmsd_angle.angle_deviation 
_pdbx_validate_rmsd_angle.angle_standard_deviation 
_pdbx_validate_rmsd_angle.linker_flag 
1 1 "O4'" B C 3 ? ? "C1'" B C 3 ? ? N1 B C 3 ? ? 113.47 108.50 4.97 0.70 N 
2 1 "O4'" B C 5 ? ? "C1'" B C 5 ? ? N1 B C 5 ? ? 115.98 108.50 7.48 0.70 N 
3 1 "O4'" C G 8 ? ? "C1'" C G 8 ? ? N9 C G 8 ? ? 112.89 108.50 4.39 0.70 N 
# 
_pdbx_validate_torsion.id              1 
_pdbx_validate_torsion.PDB_model_num   1 
_pdbx_validate_torsion.auth_comp_id    GLU 
_pdbx_validate_torsion.auth_asym_id    A 
_pdbx_validate_torsion.auth_seq_id     199 
_pdbx_validate_torsion.PDB_ins_code    ? 
_pdbx_validate_torsion.label_alt_id    ? 
_pdbx_validate_torsion.phi             50.28 
_pdbx_validate_torsion.psi             -118.02 
# 
loop_
_pdbx_unobs_or_zero_occ_residues.id 
_pdbx_unobs_or_zero_occ_residues.PDB_model_num 
_pdbx_unobs_or_zero_occ_residues.polymer_flag 
_pdbx_unobs_or_zero_occ_residues.occupancy_flag 
_pdbx_unobs_or_zero_occ_residues.auth_asym_id 
_pdbx_unobs_or_zero_occ_residues.auth_comp_id 
_pdbx_unobs_or_zero_occ_residues.auth_seq_id 
_pdbx_unobs_or_zero_occ_residues.PDB_ins_code 
_pdbx_unobs_or_zero_occ_residues.label_asym_id 
_pdbx_unobs_or_zero_occ_residues.label_comp_id 
_pdbx_unobs_or_zero_occ_residues.label_seq_id 
1  1 Y 1 A HIS 144 ? A HIS 1  
2  1 Y 1 A HIS 145 ? A HIS 2  
3  1 Y 1 A HIS 146 ? A HIS 3  
4  1 Y 1 A HIS 147 ? A HIS 4  
5  1 Y 1 A HIS 148 ? A HIS 5  
6  1 Y 1 A HIS 149 ? A HIS 6  
7  1 Y 1 A SER 150 ? A SER 7  
8  1 Y 1 A SER 151 ? A SER 8  
9  1 Y 1 A VAL 228 ? A VAL 85 
10 1 Y 1 A PRO 229 ? A PRO 86 
11 1 Y 1 A LEU 230 ? A LEU 87 
12 1 Y 1 A ASP 231 ? A ASP 88 
# 
loop_
_chem_comp_atom.comp_id 
_chem_comp_atom.atom_id 
_chem_comp_atom.type_symbol 
_chem_comp_atom.pdbx_aromatic_flag 
_chem_comp_atom.pdbx_stereo_config 
_chem_comp_atom.pdbx_ordinal 
ALA N      N N N 1   
ALA CA     C N S 2   
ALA C      C N N 3   
ALA O      O N N 4   
ALA CB     C N N 5   
ALA OXT    O N N 6   
ALA H      H N N 7   
ALA H2     H N N 8   
ALA HA     H N N 9   
ALA HB1    H N N 10  
ALA HB2    H N N 11  
ALA HB3    H N N 12  
ALA HXT    H N N 13  
ARG N      N N N 14  
ARG CA     C N S 15  
ARG C      C N N 16  
ARG O      O N N 17  
ARG CB     C N N 18  
ARG CG     C N N 19  
ARG CD     C N N 20  
ARG NE     N N N 21  
ARG CZ     C N N 22  
ARG NH1    N N N 23  
ARG NH2    N N N 24  
ARG OXT    O N N 25  
ARG H      H N N 26  
ARG H2     H N N 27  
ARG HA     H N N 28  
ARG HB2    H N N 29  
ARG HB3    H N N 30  
ARG HG2    H N N 31  
ARG HG3    H N N 32  
ARG HD2    H N N 33  
ARG HD3    H N N 34  
ARG HE     H N N 35  
ARG HH11   H N N 36  
ARG HH12   H N N 37  
ARG HH21   H N N 38  
ARG HH22   H N N 39  
ARG HXT    H N N 40  
ASN N      N N N 41  
ASN CA     C N S 42  
ASN C      C N N 43  
ASN O      O N N 44  
ASN CB     C N N 45  
ASN CG     C N N 46  
ASN OD1    O N N 47  
ASN ND2    N N N 48  
ASN OXT    O N N 49  
ASN H      H N N 50  
ASN H2     H N N 51  
ASN HA     H N N 52  
ASN HB2    H N N 53  
ASN HB3    H N N 54  
ASN HD21   H N N 55  
ASN HD22   H N N 56  
ASN HXT    H N N 57  
ASP N      N N N 58  
ASP CA     C N S 59  
ASP C      C N N 60  
ASP O      O N N 61  
ASP CB     C N N 62  
ASP CG     C N N 63  
ASP OD1    O N N 64  
ASP OD2    O N N 65  
ASP OXT    O N N 66  
ASP H      H N N 67  
ASP H2     H N N 68  
ASP HA     H N N 69  
ASP HB2    H N N 70  
ASP HB3    H N N 71  
ASP HD2    H N N 72  
ASP HXT    H N N 73  
C   OP3    O N N 74  
C   P      P N N 75  
C   OP1    O N N 76  
C   OP2    O N N 77  
C   "O5'"  O N N 78  
C   "C5'"  C N N 79  
C   "C4'"  C N R 80  
C   "O4'"  O N N 81  
C   "C3'"  C N S 82  
C   "O3'"  O N N 83  
C   "C2'"  C N R 84  
C   "O2'"  O N N 85  
C   "C1'"  C N R 86  
C   N1     N N N 87  
C   C2     C N N 88  
C   O2     O N N 89  
C   N3     N N N 90  
C   C4     C N N 91  
C   N4     N N N 92  
C   C5     C N N 93  
C   C6     C N N 94  
C   HOP3   H N N 95  
C   HOP2   H N N 96  
C   "H5'"  H N N 97  
C   "H5''" H N N 98  
C   "H4'"  H N N 99  
C   "H3'"  H N N 100 
C   "HO3'" H N N 101 
C   "H2'"  H N N 102 
C   "HO2'" H N N 103 
C   "H1'"  H N N 104 
C   H41    H N N 105 
C   H42    H N N 106 
C   H5     H N N 107 
C   H6     H N N 108 
CYS N      N N N 109 
CYS CA     C N R 110 
CYS C      C N N 111 
CYS O      O N N 112 
CYS CB     C N N 113 
CYS SG     S N N 114 
CYS OXT    O N N 115 
CYS H      H N N 116 
CYS H2     H N N 117 
CYS HA     H N N 118 
CYS HB2    H N N 119 
CYS HB3    H N N 120 
CYS HG     H N N 121 
CYS HXT    H N N 122 
G   OP3    O N N 123 
G   P      P N N 124 
G   OP1    O N N 125 
G   OP2    O N N 126 
G   "O5'"  O N N 127 
G   "C5'"  C N N 128 
G   "C4'"  C N R 129 
G   "O4'"  O N N 130 
G   "C3'"  C N S 131 
G   "O3'"  O N N 132 
G   "C2'"  C N R 133 
G   "O2'"  O N N 134 
G   "C1'"  C N R 135 
G   N9     N Y N 136 
G   C8     C Y N 137 
G   N7     N Y N 138 
G   C5     C Y N 139 
G   C6     C N N 140 
G   O6     O N N 141 
G   N1     N N N 142 
G   C2     C N N 143 
G   N2     N N N 144 
G   N3     N N N 145 
G   C4     C Y N 146 
G   HOP3   H N N 147 
G   HOP2   H N N 148 
G   "H5'"  H N N 149 
G   "H5''" H N N 150 
G   "H4'"  H N N 151 
G   "H3'"  H N N 152 
G   "HO3'" H N N 153 
G   "H2'"  H N N 154 
G   "HO2'" H N N 155 
G   "H1'"  H N N 156 
G   H8     H N N 157 
G   H1     H N N 158 
G   H21    H N N 159 
G   H22    H N N 160 
GLN N      N N N 161 
GLN CA     C N S 162 
GLN C      C N N 163 
GLN O      O N N 164 
GLN CB     C N N 165 
GLN CG     C N N 166 
GLN CD     C N N 167 
GLN OE1    O N N 168 
GLN NE2    N N N 169 
GLN OXT    O N N 170 
GLN H      H N N 171 
GLN H2     H N N 172 
GLN HA     H N N 173 
GLN HB2    H N N 174 
GLN HB3    H N N 175 
GLN HG2    H N N 176 
GLN HG3    H N N 177 
GLN HE21   H N N 178 
GLN HE22   H N N 179 
GLN HXT    H N N 180 
GLU N      N N N 181 
GLU CA     C N S 182 
GLU C      C N N 183 
GLU O      O N N 184 
GLU CB     C N N 185 
GLU CG     C N N 186 
GLU CD     C N N 187 
GLU OE1    O N N 188 
GLU OE2    O N N 189 
GLU OXT    O N N 190 
GLU H      H N N 191 
GLU H2     H N N 192 
GLU HA     H N N 193 
GLU HB2    H N N 194 
GLU HB3    H N N 195 
GLU HG2    H N N 196 
GLU HG3    H N N 197 
GLU HE2    H N N 198 
GLU HXT    H N N 199 
GLY N      N N N 200 
GLY CA     C N N 201 
GLY C      C N N 202 
GLY O      O N N 203 
GLY OXT    O N N 204 
GLY H      H N N 205 
GLY H2     H N N 206 
GLY HA2    H N N 207 
GLY HA3    H N N 208 
GLY HXT    H N N 209 
HIS N      N N N 210 
HIS CA     C N S 211 
HIS C      C N N 212 
HIS O      O N N 213 
HIS CB     C N N 214 
HIS CG     C Y N 215 
HIS ND1    N Y N 216 
HIS CD2    C Y N 217 
HIS CE1    C Y N 218 
HIS NE2    N Y N 219 
HIS OXT    O N N 220 
HIS H      H N N 221 
HIS H2     H N N 222 
HIS HA     H N N 223 
HIS HB2    H N N 224 
HIS HB3    H N N 225 
HIS HD1    H N N 226 
HIS HD2    H N N 227 
HIS HE1    H N N 228 
HIS HE2    H N N 229 
HIS HXT    H N N 230 
HOH O      O N N 231 
HOH H1     H N N 232 
HOH H2     H N N 233 
ILE N      N N N 234 
ILE CA     C N S 235 
ILE C      C N N 236 
ILE O      O N N 237 
ILE CB     C N S 238 
ILE CG1    C N N 239 
ILE CG2    C N N 240 
ILE CD1    C N N 241 
ILE OXT    O N N 242 
ILE H      H N N 243 
ILE H2     H N N 244 
ILE HA     H N N 245 
ILE HB     H N N 246 
ILE HG12   H N N 247 
ILE HG13   H N N 248 
ILE HG21   H N N 249 
ILE HG22   H N N 250 
ILE HG23   H N N 251 
ILE HD11   H N N 252 
ILE HD12   H N N 253 
ILE HD13   H N N 254 
ILE HXT    H N N 255 
LEU N      N N N 256 
LEU CA     C N S 257 
LEU C      C N N 258 
LEU O      O N N 259 
LEU CB     C N N 260 
LEU CG     C N N 261 
LEU CD1    C N N 262 
LEU CD2    C N N 263 
LEU OXT    O N N 264 
LEU H      H N N 265 
LEU H2     H N N 266 
LEU HA     H N N 267 
LEU HB2    H N N 268 
LEU HB3    H N N 269 
LEU HG     H N N 270 
LEU HD11   H N N 271 
LEU HD12   H N N 272 
LEU HD13   H N N 273 
LEU HD21   H N N 274 
LEU HD22   H N N 275 
LEU HD23   H N N 276 
LEU HXT    H N N 277 
LYS N      N N N 278 
LYS CA     C N S 279 
LYS C      C N N 280 
LYS O      O N N 281 
LYS CB     C N N 282 
LYS CG     C N N 283 
LYS CD     C N N 284 
LYS CE     C N N 285 
LYS NZ     N N N 286 
LYS OXT    O N N 287 
LYS H      H N N 288 
LYS H2     H N N 289 
LYS HA     H N N 290 
LYS HB2    H N N 291 
LYS HB3    H N N 292 
LYS HG2    H N N 293 
LYS HG3    H N N 294 
LYS HD2    H N N 295 
LYS HD3    H N N 296 
LYS HE2    H N N 297 
LYS HE3    H N N 298 
LYS HZ1    H N N 299 
LYS HZ2    H N N 300 
LYS HZ3    H N N 301 
LYS HXT    H N N 302 
MET N      N N N 303 
MET CA     C N S 304 
MET C      C N N 305 
MET O      O N N 306 
MET CB     C N N 307 
MET CG     C N N 308 
MET SD     S N N 309 
MET CE     C N N 310 
MET OXT    O N N 311 
MET H      H N N 312 
MET H2     H N N 313 
MET HA     H N N 314 
MET HB2    H N N 315 
MET HB3    H N N 316 
MET HG2    H N N 317 
MET HG3    H N N 318 
MET HE1    H N N 319 
MET HE2    H N N 320 
MET HE3    H N N 321 
MET HXT    H N N 322 
PHE N      N N N 323 
PHE CA     C N S 324 
PHE C      C N N 325 
PHE O      O N N 326 
PHE CB     C N N 327 
PHE CG     C Y N 328 
PHE CD1    C Y N 329 
PHE CD2    C Y N 330 
PHE CE1    C Y N 331 
PHE CE2    C Y N 332 
PHE CZ     C Y N 333 
PHE OXT    O N N 334 
PHE H      H N N 335 
PHE H2     H N N 336 
PHE HA     H N N 337 
PHE HB2    H N N 338 
PHE HB3    H N N 339 
PHE HD1    H N N 340 
PHE HD2    H N N 341 
PHE HE1    H N N 342 
PHE HE2    H N N 343 
PHE HZ     H N N 344 
PHE HXT    H N N 345 
PRO N      N N N 346 
PRO CA     C N S 347 
PRO C      C N N 348 
PRO O      O N N 349 
PRO CB     C N N 350 
PRO CG     C N N 351 
PRO CD     C N N 352 
PRO OXT    O N N 353 
PRO H      H N N 354 
PRO HA     H N N 355 
PRO HB2    H N N 356 
PRO HB3    H N N 357 
PRO HG2    H N N 358 
PRO HG3    H N N 359 
PRO HD2    H N N 360 
PRO HD3    H N N 361 
PRO HXT    H N N 362 
SER N      N N N 363 
SER CA     C N S 364 
SER C      C N N 365 
SER O      O N N 366 
SER CB     C N N 367 
SER OG     O N N 368 
SER OXT    O N N 369 
SER H      H N N 370 
SER H2     H N N 371 
SER HA     H N N 372 
SER HB2    H N N 373 
SER HB3    H N N 374 
SER HG     H N N 375 
SER HXT    H N N 376 
THR N      N N N 377 
THR CA     C N S 378 
THR C      C N N 379 
THR O      O N N 380 
THR CB     C N R 381 
THR OG1    O N N 382 
THR CG2    C N N 383 
THR OXT    O N N 384 
THR H      H N N 385 
THR H2     H N N 386 
THR HA     H N N 387 
THR HB     H N N 388 
THR HG1    H N N 389 
THR HG21   H N N 390 
THR HG22   H N N 391 
THR HG23   H N N 392 
THR HXT    H N N 393 
TRP N      N N N 394 
TRP CA     C N S 395 
TRP C      C N N 396 
TRP O      O N N 397 
TRP CB     C N N 398 
TRP CG     C Y N 399 
TRP CD1    C Y N 400 
TRP CD2    C Y N 401 
TRP NE1    N Y N 402 
TRP CE2    C Y N 403 
TRP CE3    C Y N 404 
TRP CZ2    C Y N 405 
TRP CZ3    C Y N 406 
TRP CH2    C Y N 407 
TRP OXT    O N N 408 
TRP H      H N N 409 
TRP H2     H N N 410 
TRP HA     H N N 411 
TRP HB2    H N N 412 
TRP HB3    H N N 413 
TRP HD1    H N N 414 
TRP HE1    H N N 415 
TRP HE3    H N N 416 
TRP HZ2    H N N 417 
TRP HZ3    H N N 418 
TRP HH2    H N N 419 
TRP HXT    H N N 420 
TYR N      N N N 421 
TYR CA     C N S 422 
TYR C      C N N 423 
TYR O      O N N 424 
TYR CB     C N N 425 
TYR CG     C Y N 426 
TYR CD1    C Y N 427 
TYR CD2    C Y N 428 
TYR CE1    C Y N 429 
TYR CE2    C Y N 430 
TYR CZ     C Y N 431 
TYR OH     O N N 432 
TYR OXT    O N N 433 
TYR H      H N N 434 
TYR H2     H N N 435 
TYR HA     H N N 436 
TYR HB2    H N N 437 
TYR HB3    H N N 438 
TYR HD1    H N N 439 
TYR HD2    H N N 440 
TYR HE1    H N N 441 
TYR HE2    H N N 442 
TYR HH     H N N 443 
TYR HXT    H N N 444 
VAL N      N N N 445 
VAL CA     C N S 446 
VAL C      C N N 447 
VAL O      O N N 448 
VAL CB     C N N 449 
VAL CG1    C N N 450 
VAL CG2    C N N 451 
VAL OXT    O N N 452 
VAL H      H N N 453 
VAL H2     H N N 454 
VAL HA     H N N 455 
VAL HB     H N N 456 
VAL HG11   H N N 457 
VAL HG12   H N N 458 
VAL HG13   H N N 459 
VAL HG21   H N N 460 
VAL HG22   H N N 461 
VAL HG23   H N N 462 
VAL HXT    H N N 463 
# 
loop_
_chem_comp_bond.comp_id 
_chem_comp_bond.atom_id_1 
_chem_comp_bond.atom_id_2 
_chem_comp_bond.value_order 
_chem_comp_bond.pdbx_aromatic_flag 
_chem_comp_bond.pdbx_stereo_config 
_chem_comp_bond.pdbx_ordinal 
ALA N     CA     sing N N 1   
ALA N     H      sing N N 2   
ALA N     H2     sing N N 3   
ALA CA    C      sing N N 4   
ALA CA    CB     sing N N 5   
ALA CA    HA     sing N N 6   
ALA C     O      doub N N 7   
ALA C     OXT    sing N N 8   
ALA CB    HB1    sing N N 9   
ALA CB    HB2    sing N N 10  
ALA CB    HB3    sing N N 11  
ALA OXT   HXT    sing N N 12  
ARG N     CA     sing N N 13  
ARG N     H      sing N N 14  
ARG N     H2     sing N N 15  
ARG CA    C      sing N N 16  
ARG CA    CB     sing N N 17  
ARG CA    HA     sing N N 18  
ARG C     O      doub N N 19  
ARG C     OXT    sing N N 20  
ARG CB    CG     sing N N 21  
ARG CB    HB2    sing N N 22  
ARG CB    HB3    sing N N 23  
ARG CG    CD     sing N N 24  
ARG CG    HG2    sing N N 25  
ARG CG    HG3    sing N N 26  
ARG CD    NE     sing N N 27  
ARG CD    HD2    sing N N 28  
ARG CD    HD3    sing N N 29  
ARG NE    CZ     sing N N 30  
ARG NE    HE     sing N N 31  
ARG CZ    NH1    sing N N 32  
ARG CZ    NH2    doub N N 33  
ARG NH1   HH11   sing N N 34  
ARG NH1   HH12   sing N N 35  
ARG NH2   HH21   sing N N 36  
ARG NH2   HH22   sing N N 37  
ARG OXT   HXT    sing N N 38  
ASN N     CA     sing N N 39  
ASN N     H      sing N N 40  
ASN N     H2     sing N N 41  
ASN CA    C      sing N N 42  
ASN CA    CB     sing N N 43  
ASN CA    HA     sing N N 44  
ASN C     O      doub N N 45  
ASN C     OXT    sing N N 46  
ASN CB    CG     sing N N 47  
ASN CB    HB2    sing N N 48  
ASN CB    HB3    sing N N 49  
ASN CG    OD1    doub N N 50  
ASN CG    ND2    sing N N 51  
ASN ND2   HD21   sing N N 52  
ASN ND2   HD22   sing N N 53  
ASN OXT   HXT    sing N N 54  
ASP N     CA     sing N N 55  
ASP N     H      sing N N 56  
ASP N     H2     sing N N 57  
ASP CA    C      sing N N 58  
ASP CA    CB     sing N N 59  
ASP CA    HA     sing N N 60  
ASP C     O      doub N N 61  
ASP C     OXT    sing N N 62  
ASP CB    CG     sing N N 63  
ASP CB    HB2    sing N N 64  
ASP CB    HB3    sing N N 65  
ASP CG    OD1    doub N N 66  
ASP CG    OD2    sing N N 67  
ASP OD2   HD2    sing N N 68  
ASP OXT   HXT    sing N N 69  
C   OP3   P      sing N N 70  
C   OP3   HOP3   sing N N 71  
C   P     OP1    doub N N 72  
C   P     OP2    sing N N 73  
C   P     "O5'"  sing N N 74  
C   OP2   HOP2   sing N N 75  
C   "O5'" "C5'"  sing N N 76  
C   "C5'" "C4'"  sing N N 77  
C   "C5'" "H5'"  sing N N 78  
C   "C5'" "H5''" sing N N 79  
C   "C4'" "O4'"  sing N N 80  
C   "C4'" "C3'"  sing N N 81  
C   "C4'" "H4'"  sing N N 82  
C   "O4'" "C1'"  sing N N 83  
C   "C3'" "O3'"  sing N N 84  
C   "C3'" "C2'"  sing N N 85  
C   "C3'" "H3'"  sing N N 86  
C   "O3'" "HO3'" sing N N 87  
C   "C2'" "O2'"  sing N N 88  
C   "C2'" "C1'"  sing N N 89  
C   "C2'" "H2'"  sing N N 90  
C   "O2'" "HO2'" sing N N 91  
C   "C1'" N1     sing N N 92  
C   "C1'" "H1'"  sing N N 93  
C   N1    C2     sing N N 94  
C   N1    C6     sing N N 95  
C   C2    O2     doub N N 96  
C   C2    N3     sing N N 97  
C   N3    C4     doub N N 98  
C   C4    N4     sing N N 99  
C   C4    C5     sing N N 100 
C   N4    H41    sing N N 101 
C   N4    H42    sing N N 102 
C   C5    C6     doub N N 103 
C   C5    H5     sing N N 104 
C   C6    H6     sing N N 105 
CYS N     CA     sing N N 106 
CYS N     H      sing N N 107 
CYS N     H2     sing N N 108 
CYS CA    C      sing N N 109 
CYS CA    CB     sing N N 110 
CYS CA    HA     sing N N 111 
CYS C     O      doub N N 112 
CYS C     OXT    sing N N 113 
CYS CB    SG     sing N N 114 
CYS CB    HB2    sing N N 115 
CYS CB    HB3    sing N N 116 
CYS SG    HG     sing N N 117 
CYS OXT   HXT    sing N N 118 
G   OP3   P      sing N N 119 
G   OP3   HOP3   sing N N 120 
G   P     OP1    doub N N 121 
G   P     OP2    sing N N 122 
G   P     "O5'"  sing N N 123 
G   OP2   HOP2   sing N N 124 
G   "O5'" "C5'"  sing N N 125 
G   "C5'" "C4'"  sing N N 126 
G   "C5'" "H5'"  sing N N 127 
G   "C5'" "H5''" sing N N 128 
G   "C4'" "O4'"  sing N N 129 
G   "C4'" "C3'"  sing N N 130 
G   "C4'" "H4'"  sing N N 131 
G   "O4'" "C1'"  sing N N 132 
G   "C3'" "O3'"  sing N N 133 
G   "C3'" "C2'"  sing N N 134 
G   "C3'" "H3'"  sing N N 135 
G   "O3'" "HO3'" sing N N 136 
G   "C2'" "O2'"  sing N N 137 
G   "C2'" "C1'"  sing N N 138 
G   "C2'" "H2'"  sing N N 139 
G   "O2'" "HO2'" sing N N 140 
G   "C1'" N9     sing N N 141 
G   "C1'" "H1'"  sing N N 142 
G   N9    C8     sing Y N 143 
G   N9    C4     sing Y N 144 
G   C8    N7     doub Y N 145 
G   C8    H8     sing N N 146 
G   N7    C5     sing Y N 147 
G   C5    C6     sing N N 148 
G   C5    C4     doub Y N 149 
G   C6    O6     doub N N 150 
G   C6    N1     sing N N 151 
G   N1    C2     sing N N 152 
G   N1    H1     sing N N 153 
G   C2    N2     sing N N 154 
G   C2    N3     doub N N 155 
G   N2    H21    sing N N 156 
G   N2    H22    sing N N 157 
G   N3    C4     sing N N 158 
GLN N     CA     sing N N 159 
GLN N     H      sing N N 160 
GLN N     H2     sing N N 161 
GLN CA    C      sing N N 162 
GLN CA    CB     sing N N 163 
GLN CA    HA     sing N N 164 
GLN C     O      doub N N 165 
GLN C     OXT    sing N N 166 
GLN CB    CG     sing N N 167 
GLN CB    HB2    sing N N 168 
GLN CB    HB3    sing N N 169 
GLN CG    CD     sing N N 170 
GLN CG    HG2    sing N N 171 
GLN CG    HG3    sing N N 172 
GLN CD    OE1    doub N N 173 
GLN CD    NE2    sing N N 174 
GLN NE2   HE21   sing N N 175 
GLN NE2   HE22   sing N N 176 
GLN OXT   HXT    sing N N 177 
GLU N     CA     sing N N 178 
GLU N     H      sing N N 179 
GLU N     H2     sing N N 180 
GLU CA    C      sing N N 181 
GLU CA    CB     sing N N 182 
GLU CA    HA     sing N N 183 
GLU C     O      doub N N 184 
GLU C     OXT    sing N N 185 
GLU CB    CG     sing N N 186 
GLU CB    HB2    sing N N 187 
GLU CB    HB3    sing N N 188 
GLU CG    CD     sing N N 189 
GLU CG    HG2    sing N N 190 
GLU CG    HG3    sing N N 191 
GLU CD    OE1    doub N N 192 
GLU CD    OE2    sing N N 193 
GLU OE2   HE2    sing N N 194 
GLU OXT   HXT    sing N N 195 
GLY N     CA     sing N N 196 
GLY N     H      sing N N 197 
GLY N     H2     sing N N 198 
GLY CA    C      sing N N 199 
GLY CA    HA2    sing N N 200 
GLY CA    HA3    sing N N 201 
GLY C     O      doub N N 202 
GLY C     OXT    sing N N 203 
GLY OXT   HXT    sing N N 204 
HIS N     CA     sing N N 205 
HIS N     H      sing N N 206 
HIS N     H2     sing N N 207 
HIS CA    C      sing N N 208 
HIS CA    CB     sing N N 209 
HIS CA    HA     sing N N 210 
HIS C     O      doub N N 211 
HIS C     OXT    sing N N 212 
HIS CB    CG     sing N N 213 
HIS CB    HB2    sing N N 214 
HIS CB    HB3    sing N N 215 
HIS CG    ND1    sing Y N 216 
HIS CG    CD2    doub Y N 217 
HIS ND1   CE1    doub Y N 218 
HIS ND1   HD1    sing N N 219 
HIS CD2   NE2    sing Y N 220 
HIS CD2   HD2    sing N N 221 
HIS CE1   NE2    sing Y N 222 
HIS CE1   HE1    sing N N 223 
HIS NE2   HE2    sing N N 224 
HIS OXT   HXT    sing N N 225 
HOH O     H1     sing N N 226 
HOH O     H2     sing N N 227 
ILE N     CA     sing N N 228 
ILE N     H      sing N N 229 
ILE N     H2     sing N N 230 
ILE CA    C      sing N N 231 
ILE CA    CB     sing N N 232 
ILE CA    HA     sing N N 233 
ILE C     O      doub N N 234 
ILE C     OXT    sing N N 235 
ILE CB    CG1    sing N N 236 
ILE CB    CG2    sing N N 237 
ILE CB    HB     sing N N 238 
ILE CG1   CD1    sing N N 239 
ILE CG1   HG12   sing N N 240 
ILE CG1   HG13   sing N N 241 
ILE CG2   HG21   sing N N 242 
ILE CG2   HG22   sing N N 243 
ILE CG2   HG23   sing N N 244 
ILE CD1   HD11   sing N N 245 
ILE CD1   HD12   sing N N 246 
ILE CD1   HD13   sing N N 247 
ILE OXT   HXT    sing N N 248 
LEU N     CA     sing N N 249 
LEU N     H      sing N N 250 
LEU N     H2     sing N N 251 
LEU CA    C      sing N N 252 
LEU CA    CB     sing N N 253 
LEU CA    HA     sing N N 254 
LEU C     O      doub N N 255 
LEU C     OXT    sing N N 256 
LEU CB    CG     sing N N 257 
LEU CB    HB2    sing N N 258 
LEU CB    HB3    sing N N 259 
LEU CG    CD1    sing N N 260 
LEU CG    CD2    sing N N 261 
LEU CG    HG     sing N N 262 
LEU CD1   HD11   sing N N 263 
LEU CD1   HD12   sing N N 264 
LEU CD1   HD13   sing N N 265 
LEU CD2   HD21   sing N N 266 
LEU CD2   HD22   sing N N 267 
LEU CD2   HD23   sing N N 268 
LEU OXT   HXT    sing N N 269 
LYS N     CA     sing N N 270 
LYS N     H      sing N N 271 
LYS N     H2     sing N N 272 
LYS CA    C      sing N N 273 
LYS CA    CB     sing N N 274 
LYS CA    HA     sing N N 275 
LYS C     O      doub N N 276 
LYS C     OXT    sing N N 277 
LYS CB    CG     sing N N 278 
LYS CB    HB2    sing N N 279 
LYS CB    HB3    sing N N 280 
LYS CG    CD     sing N N 281 
LYS CG    HG2    sing N N 282 
LYS CG    HG3    sing N N 283 
LYS CD    CE     sing N N 284 
LYS CD    HD2    sing N N 285 
LYS CD    HD3    sing N N 286 
LYS CE    NZ     sing N N 287 
LYS CE    HE2    sing N N 288 
LYS CE    HE3    sing N N 289 
LYS NZ    HZ1    sing N N 290 
LYS NZ    HZ2    sing N N 291 
LYS NZ    HZ3    sing N N 292 
LYS OXT   HXT    sing N N 293 
MET N     CA     sing N N 294 
MET N     H      sing N N 295 
MET N     H2     sing N N 296 
MET CA    C      sing N N 297 
MET CA    CB     sing N N 298 
MET CA    HA     sing N N 299 
MET C     O      doub N N 300 
MET C     OXT    sing N N 301 
MET CB    CG     sing N N 302 
MET CB    HB2    sing N N 303 
MET CB    HB3    sing N N 304 
MET CG    SD     sing N N 305 
MET CG    HG2    sing N N 306 
MET CG    HG3    sing N N 307 
MET SD    CE     sing N N 308 
MET CE    HE1    sing N N 309 
MET CE    HE2    sing N N 310 
MET CE    HE3    sing N N 311 
MET OXT   HXT    sing N N 312 
PHE N     CA     sing N N 313 
PHE N     H      sing N N 314 
PHE N     H2     sing N N 315 
PHE CA    C      sing N N 316 
PHE CA    CB     sing N N 317 
PHE CA    HA     sing N N 318 
PHE C     O      doub N N 319 
PHE C     OXT    sing N N 320 
PHE CB    CG     sing N N 321 
PHE CB    HB2    sing N N 322 
PHE CB    HB3    sing N N 323 
PHE CG    CD1    doub Y N 324 
PHE CG    CD2    sing Y N 325 
PHE CD1   CE1    sing Y N 326 
PHE CD1   HD1    sing N N 327 
PHE CD2   CE2    doub Y N 328 
PHE CD2   HD2    sing N N 329 
PHE CE1   CZ     doub Y N 330 
PHE CE1   HE1    sing N N 331 
PHE CE2   CZ     sing Y N 332 
PHE CE2   HE2    sing N N 333 
PHE CZ    HZ     sing N N 334 
PHE OXT   HXT    sing N N 335 
PRO N     CA     sing N N 336 
PRO N     CD     sing N N 337 
PRO N     H      sing N N 338 
PRO CA    C      sing N N 339 
PRO CA    CB     sing N N 340 
PRO CA    HA     sing N N 341 
PRO C     O      doub N N 342 
PRO C     OXT    sing N N 343 
PRO CB    CG     sing N N 344 
PRO CB    HB2    sing N N 345 
PRO CB    HB3    sing N N 346 
PRO CG    CD     sing N N 347 
PRO CG    HG2    sing N N 348 
PRO CG    HG3    sing N N 349 
PRO CD    HD2    sing N N 350 
PRO CD    HD3    sing N N 351 
PRO OXT   HXT    sing N N 352 
SER N     CA     sing N N 353 
SER N     H      sing N N 354 
SER N     H2     sing N N 355 
SER CA    C      sing N N 356 
SER CA    CB     sing N N 357 
SER CA    HA     sing N N 358 
SER C     O      doub N N 359 
SER C     OXT    sing N N 360 
SER CB    OG     sing N N 361 
SER CB    HB2    sing N N 362 
SER CB    HB3    sing N N 363 
SER OG    HG     sing N N 364 
SER OXT   HXT    sing N N 365 
THR N     CA     sing N N 366 
THR N     H      sing N N 367 
THR N     H2     sing N N 368 
THR CA    C      sing N N 369 
THR CA    CB     sing N N 370 
THR CA    HA     sing N N 371 
THR C     O      doub N N 372 
THR C     OXT    sing N N 373 
THR CB    OG1    sing N N 374 
THR CB    CG2    sing N N 375 
THR CB    HB     sing N N 376 
THR OG1   HG1    sing N N 377 
THR CG2   HG21   sing N N 378 
THR CG2   HG22   sing N N 379 
THR CG2   HG23   sing N N 380 
THR OXT   HXT    sing N N 381 
TRP N     CA     sing N N 382 
TRP N     H      sing N N 383 
TRP N     H2     sing N N 384 
TRP CA    C      sing N N 385 
TRP CA    CB     sing N N 386 
TRP CA    HA     sing N N 387 
TRP C     O      doub N N 388 
TRP C     OXT    sing N N 389 
TRP CB    CG     sing N N 390 
TRP CB    HB2    sing N N 391 
TRP CB    HB3    sing N N 392 
TRP CG    CD1    doub Y N 393 
TRP CG    CD2    sing Y N 394 
TRP CD1   NE1    sing Y N 395 
TRP CD1   HD1    sing N N 396 
TRP CD2   CE2    doub Y N 397 
TRP CD2   CE3    sing Y N 398 
TRP NE1   CE2    sing Y N 399 
TRP NE1   HE1    sing N N 400 
TRP CE2   CZ2    sing Y N 401 
TRP CE3   CZ3    doub Y N 402 
TRP CE3   HE3    sing N N 403 
TRP CZ2   CH2    doub Y N 404 
TRP CZ2   HZ2    sing N N 405 
TRP CZ3   CH2    sing Y N 406 
TRP CZ3   HZ3    sing N N 407 
TRP CH2   HH2    sing N N 408 
TRP OXT   HXT    sing N N 409 
TYR N     CA     sing N N 410 
TYR N     H      sing N N 411 
TYR N     H2     sing N N 412 
TYR CA    C      sing N N 413 
TYR CA    CB     sing N N 414 
TYR CA    HA     sing N N 415 
TYR C     O      doub N N 416 
TYR C     OXT    sing N N 417 
TYR CB    CG     sing N N 418 
TYR CB    HB2    sing N N 419 
TYR CB    HB3    sing N N 420 
TYR CG    CD1    doub Y N 421 
TYR CG    CD2    sing Y N 422 
TYR CD1   CE1    sing Y N 423 
TYR CD1   HD1    sing N N 424 
TYR CD2   CE2    doub Y N 425 
TYR CD2   HD2    sing N N 426 
TYR CE1   CZ     doub Y N 427 
TYR CE1   HE1    sing N N 428 
TYR CE2   CZ     sing Y N 429 
TYR CE2   HE2    sing N N 430 
TYR CZ    OH     sing N N 431 
TYR OH    HH     sing N N 432 
TYR OXT   HXT    sing N N 433 
VAL N     CA     sing N N 434 
VAL N     H      sing N N 435 
VAL N     H2     sing N N 436 
VAL CA    C      sing N N 437 
VAL CA    CB     sing N N 438 
VAL CA    HA     sing N N 439 
VAL C     O      doub N N 440 
VAL C     OXT    sing N N 441 
VAL CB    CG1    sing N N 442 
VAL CB    CG2    sing N N 443 
VAL CB    HB     sing N N 444 
VAL CG1   HG11   sing N N 445 
VAL CG1   HG12   sing N N 446 
VAL CG1   HG13   sing N N 447 
VAL CG2   HG21   sing N N 448 
VAL CG2   HG22   sing N N 449 
VAL CG2   HG23   sing N N 450 
VAL OXT   HXT    sing N N 451 
# 
_ndb_struct_conf_na.entry_id   3ADL 
_ndb_struct_conf_na.feature    'a-form double helix' 
# 
loop_
_ndb_struct_na_base_pair.model_number 
_ndb_struct_na_base_pair.i_label_asym_id 
_ndb_struct_na_base_pair.i_label_comp_id 
_ndb_struct_na_base_pair.i_label_seq_id 
_ndb_struct_na_base_pair.i_symmetry 
_ndb_struct_na_base_pair.j_label_asym_id 
_ndb_struct_na_base_pair.j_label_comp_id 
_ndb_struct_na_base_pair.j_label_seq_id 
_ndb_struct_na_base_pair.j_symmetry 
_ndb_struct_na_base_pair.shear 
_ndb_struct_na_base_pair.stretch 
_ndb_struct_na_base_pair.stagger 
_ndb_struct_na_base_pair.buckle 
_ndb_struct_na_base_pair.propeller 
_ndb_struct_na_base_pair.opening 
_ndb_struct_na_base_pair.pair_number 
_ndb_struct_na_base_pair.pair_name 
_ndb_struct_na_base_pair.i_auth_asym_id 
_ndb_struct_na_base_pair.i_auth_seq_id 
_ndb_struct_na_base_pair.i_PDB_ins_code 
_ndb_struct_na_base_pair.j_auth_asym_id 
_ndb_struct_na_base_pair.j_auth_seq_id 
_ndb_struct_na_base_pair.j_PDB_ins_code 
_ndb_struct_na_base_pair.hbond_type_28 
_ndb_struct_na_base_pair.hbond_type_12 
1 B C 1  1_555 C G 10 1_555 0.424  -0.492 -0.234 8.462  -15.779 -2.138  1  B_C1:G10_C B 1  ? C 10 ? 19 1 
1 B G 2  1_555 C C 9  1_555 -0.563 -0.255 -0.136 -1.182 -12.372 -0.055  2  B_G2:C9_C  B 2  ? C 9  ? 19 1 
1 B C 3  1_555 C G 8  1_555 0.179  -0.109 0.132  1.924  -9.667  2.143   3  B_C3:G8_C  B 3  ? C 8  ? 19 1 
1 B G 4  1_555 C C 7  1_555 -0.208 -0.271 -0.098 2.831  -11.146 0.406   4  B_G4:C7_C  B 4  ? C 7  ? 19 1 
1 B C 5  1_555 C G 6  1_555 0.445  -0.272 0.041  3.863  -12.857 -4.094  5  B_C5:G6_C  B 5  ? C 6  ? 19 1 
1 B G 6  1_555 C C 5  1_555 -0.143 -0.304 0.102  -2.006 -13.254 0.235   6  B_G6:C5_C  B 6  ? C 5  ? 19 1 
1 B C 7  1_555 C G 4  1_555 0.041  -0.216 0.137  -2.420 -8.967  -2.312  7  B_C7:G4_C  B 7  ? C 4  ? 19 1 
1 B G 8  1_555 C C 3  1_555 1.165  -0.153 -0.180 -8.819 -10.154 -7.927  8  B_G8:C3_C  B 8  ? C 3  ? 19 1 
1 B C 9  1_555 C G 2  1_555 0.061  -1.554 0.098  0.330  -10.288 -25.478 9  B_C9:G2_C  B 9  ? C 2  ? 22 1 
1 B G 10 1_555 C C 1  1_555 0.875  -0.881 0.124  -0.426 -4.806  -4.498  10 B_G10:C1_C B 10 ? C 1  ? ?  ? 
# 
loop_
_ndb_struct_na_base_pair_step.model_number 
_ndb_struct_na_base_pair_step.i_label_asym_id_1 
_ndb_struct_na_base_pair_step.i_label_comp_id_1 
_ndb_struct_na_base_pair_step.i_label_seq_id_1 
_ndb_struct_na_base_pair_step.i_symmetry_1 
_ndb_struct_na_base_pair_step.j_label_asym_id_1 
_ndb_struct_na_base_pair_step.j_label_comp_id_1 
_ndb_struct_na_base_pair_step.j_label_seq_id_1 
_ndb_struct_na_base_pair_step.j_symmetry_1 
_ndb_struct_na_base_pair_step.i_label_asym_id_2 
_ndb_struct_na_base_pair_step.i_label_comp_id_2 
_ndb_struct_na_base_pair_step.i_label_seq_id_2 
_ndb_struct_na_base_pair_step.i_symmetry_2 
_ndb_struct_na_base_pair_step.j_label_asym_id_2 
_ndb_struct_na_base_pair_step.j_label_comp_id_2 
_ndb_struct_na_base_pair_step.j_label_seq_id_2 
_ndb_struct_na_base_pair_step.j_symmetry_2 
_ndb_struct_na_base_pair_step.shift 
_ndb_struct_na_base_pair_step.slide 
_ndb_struct_na_base_pair_step.rise 
_ndb_struct_na_base_pair_step.tilt 
_ndb_struct_na_base_pair_step.roll 
_ndb_struct_na_base_pair_step.twist 
_ndb_struct_na_base_pair_step.x_displacement 
_ndb_struct_na_base_pair_step.y_displacement 
_ndb_struct_na_base_pair_step.helical_rise 
_ndb_struct_na_base_pair_step.inclination 
_ndb_struct_na_base_pair_step.tip 
_ndb_struct_na_base_pair_step.helical_twist 
_ndb_struct_na_base_pair_step.step_number 
_ndb_struct_na_base_pair_step.step_name 
_ndb_struct_na_base_pair_step.i_auth_asym_id_1 
_ndb_struct_na_base_pair_step.i_auth_seq_id_1 
_ndb_struct_na_base_pair_step.i_PDB_ins_code_1 
_ndb_struct_na_base_pair_step.j_auth_asym_id_1 
_ndb_struct_na_base_pair_step.j_auth_seq_id_1 
_ndb_struct_na_base_pair_step.j_PDB_ins_code_1 
_ndb_struct_na_base_pair_step.i_auth_asym_id_2 
_ndb_struct_na_base_pair_step.i_auth_seq_id_2 
_ndb_struct_na_base_pair_step.i_PDB_ins_code_2 
_ndb_struct_na_base_pair_step.j_auth_asym_id_2 
_ndb_struct_na_base_pair_step.j_auth_seq_id_2 
_ndb_struct_na_base_pair_step.j_PDB_ins_code_2 
1 B C 1 1_555 C G 10 1_555 B G 2  1_555 C C 9 1_555 0.528  -1.571 3.495 0.490  13.366 27.799 -5.482 -0.902 2.502 25.999 -0.953 
30.792 1 BB_C1G2:C9G10_CC B 1 ? C 10 ? B 2  ? C 9 ? 
1 B G 2 1_555 C C 9  1_555 B C 3  1_555 C G 8 1_555 0.106  -1.434 3.324 -1.976 2.682  31.798 -3.088 -0.550 3.183 4.878  3.595  
31.968 2 BB_G2C3:G8C9_CC  B 2 ? C 9  ? B 3  ? C 8 ? 
1 B C 3 1_555 C G 8  1_555 B G 4  1_555 C C 7 1_555 -0.916 -1.789 3.191 0.103  8.944  26.552 -5.581 1.916  2.465 18.807 -0.216 
27.993 3 BB_C3G4:C7G8_CC  B 3 ? C 8  ? B 4  ? C 7 ? 
1 B G 4 1_555 C C 7  1_555 B C 5  1_555 C G 6 1_555 -0.337 -1.239 3.249 -2.235 6.067  33.547 -3.036 0.233  3.001 10.391 3.829  
34.147 4 BB_G4C5:G6C7_CC  B 4 ? C 7  ? B 5  ? C 6 ? 
1 B C 5 1_555 C G 6  1_555 B G 6  1_555 C C 5 1_555 0.391  -1.827 3.201 0.654  12.948 30.940 -5.034 -0.585 2.282 23.043 -1.164 
33.485 5 BB_C5G6:C5G6_CC  B 5 ? C 6  ? B 6  ? C 5 ? 
1 B G 6 1_555 C C 5  1_555 B C 7  1_555 C G 4 1_555 0.055  -1.913 3.279 0.572  1.287  33.039 -3.576 -0.001 3.205 2.262  -1.005 
33.068 6 BB_G6C7:G4C5_CC  B 6 ? C 5  ? B 7  ? C 4 ? 
1 B C 7 1_555 C G 4  1_555 B G 8  1_555 C C 3 1_555 -0.737 -1.539 3.266 4.405  11.698 35.055 -3.843 1.694  2.534 18.702 -7.042 
37.151 7 BB_C7G8:C3G4_CC  B 7 ? C 4  ? B 8  ? C 3 ? 
1 B G 8 1_555 C C 3  1_555 B C 9  1_555 C G 2 1_555 0.003  -1.725 2.983 0.578  6.175  29.213 -4.451 0.098  2.572 12.072 -1.129 
29.850 8 BB_G8C9:G2C3_CC  B 8 ? C 3  ? B 9  ? C 2 ? 
1 B C 9 1_555 C G 2  1_555 B G 10 1_555 C C 1 1_555 1.016  -0.881 3.431 1.718  6.619  39.716 -2.053 -1.274 3.288 9.656  -2.506 
40.277 9 BB_C9G10:C1G2_CC B 9 ? C 2  ? B 10 ? C 1 ? 
# 
_pdbx_entity_nonpoly.entity_id   3 
_pdbx_entity_nonpoly.name        water 
_pdbx_entity_nonpoly.comp_id     HOH 
# 
_pdbx_initial_refinement_model.id               1 
_pdbx_initial_refinement_model.entity_id_list   ? 
_pdbx_initial_refinement_model.type             'experimental model' 
_pdbx_initial_refinement_model.source_name      PDB 
_pdbx_initial_refinement_model.accession_code   1DI2 
_pdbx_initial_refinement_model.details          'PDB ENTRY 1DI2' 
# 
